data_6L78
#
_entry.id   6L78
#
_cell.length_a   72.770
_cell.length_b   115.770
_cell.length_c   85.890
_cell.angle_alpha   90.000
_cell.angle_beta   105.790
_cell.angle_gamma   90.000
#
_symmetry.space_group_name_H-M   'P 1 21 1'
#
loop_
_entity.id
_entity.type
_entity.pdbx_description
1 polymer 'Type III polyketide synthase'
2 water water
#
_entity_poly.entity_id   1
_entity_poly.type   'polypeptide(L)'
_entity_poly.pdbx_seq_one_letter_code
;MVTMEEIRKAQRAEGLATILAISTATPPNCVIQADYPDYYFKITNSEHMTELKEKFRRLCEKSMIRKRHMCLTEEILKAN
PNMCLHMGTSLNARQDISLVEVPKLGKEAATKAIKEWGQPKSKITHLIFCTSAGVDMPGADYQLTRLLGLSPEVKRMMIY
QQGCYAGATVLRLAKDLTENNKGSRVLIVCSENTVPTFRGPSDTHIDSLVGQALFADGAAALIVGADPDASIERPLYHIV
SASQTLLPDSDGAIEGHIREAGLTVHLKKDVPAFFSANIEKSLVDAFTPIGISDWNSIFWIAHPGGPAILDQVEEKLGLR
KDKLKASRHVMSEFGNMSSACVLFILDEMRKTCLEEGKATTGEGLDWGVLFGFGPGLTVETVVLRSVPIEA
;
_entity_poly.pdbx_strand_id   A,B,C,D
#
# COMPACT_ATOMS: atom_id res chain seq x y z
N GLY A 15 5.62 -19.91 20.93
CA GLY A 15 6.14 -19.11 22.03
C GLY A 15 5.20 -18.90 23.21
N LEU A 16 5.46 -17.86 23.99
CA LEU A 16 4.63 -17.52 25.13
C LEU A 16 4.71 -16.01 25.32
N ALA A 17 3.56 -15.34 25.41
CA ALA A 17 3.54 -13.89 25.43
C ALA A 17 4.34 -13.33 26.59
N THR A 18 5.24 -12.41 26.27
CA THR A 18 6.22 -11.88 27.20
C THR A 18 6.26 -10.36 27.10
N ILE A 19 6.15 -9.69 28.24
CA ILE A 19 6.29 -8.24 28.31
C ILE A 19 7.77 -7.89 28.23
N LEU A 20 8.13 -7.01 27.29
CA LEU A 20 9.51 -6.69 26.96
C LEU A 20 9.91 -5.28 27.32
N ALA A 21 8.93 -4.41 27.59
CA ALA A 21 9.20 -3.02 27.95
C ALA A 21 7.92 -2.43 28.53
N ILE A 22 8.07 -1.48 29.44
CA ILE A 22 6.93 -0.80 30.08
C ILE A 22 7.33 0.64 30.34
N SER A 23 6.42 1.57 30.04
CA SER A 23 6.64 2.95 30.42
C SER A 23 5.31 3.61 30.72
N THR A 24 5.39 4.78 31.37
CA THR A 24 4.21 5.48 31.84
C THR A 24 4.37 6.97 31.59
N ALA A 25 3.27 7.69 31.67
CA ALA A 25 3.27 9.14 31.51
C ALA A 25 2.06 9.71 32.24
N THR A 26 2.21 10.92 32.75
CA THR A 26 1.15 11.66 33.43
C THR A 26 1.18 13.12 32.99
N PRO A 27 0.04 13.80 32.98
CA PRO A 27 0.06 15.24 32.78
C PRO A 27 0.85 15.91 33.89
N PRO A 28 1.48 17.05 33.60
CA PRO A 28 2.32 17.70 34.61
C PRO A 28 1.53 18.29 35.76
N ASN A 29 0.31 18.78 35.53
CA ASN A 29 -0.50 19.32 36.62
C ASN A 29 -0.87 18.23 37.62
N CYS A 30 -0.57 18.45 38.89
CA CYS A 30 -1.02 17.52 39.92
C CYS A 30 -1.85 18.26 40.96
N VAL A 31 -2.74 17.51 41.63
CA VAL A 31 -3.56 18.03 42.72
C VAL A 31 -3.23 17.25 43.97
N ILE A 32 -2.98 17.97 45.06
CA ILE A 32 -2.71 17.39 46.36
C ILE A 32 -4.04 17.00 46.99
N GLN A 33 -4.19 15.72 47.37
CA GLN A 33 -5.50 15.24 47.80
C GLN A 33 -5.95 15.96 49.07
N ALA A 34 -5.01 16.31 49.95
CA ALA A 34 -5.39 17.02 51.17
C ALA A 34 -6.02 18.38 50.88
N ASP A 35 -5.69 18.98 49.74
CA ASP A 35 -6.22 20.29 49.37
C ASP A 35 -7.42 20.19 48.46
N TYR A 36 -7.79 18.99 48.03
CA TYR A 36 -8.78 18.89 46.97
C TYR A 36 -10.21 19.25 47.40
N PRO A 37 -10.68 18.86 48.60
CA PRO A 37 -12.06 19.25 48.96
C PRO A 37 -12.32 20.75 48.91
N ASP A 38 -11.43 21.57 49.46
CA ASP A 38 -11.63 23.01 49.36
C ASP A 38 -11.67 23.47 47.91
N TYR A 39 -10.70 23.01 47.12
CA TYR A 39 -10.60 23.43 45.72
C TYR A 39 -11.82 22.99 44.93
N TYR A 40 -12.27 21.76 45.14
CA TYR A 40 -13.38 21.20 44.36
C TYR A 40 -14.68 21.91 44.70
N PHE A 41 -14.96 22.13 45.98
CA PHE A 41 -16.23 22.78 46.31
C PHE A 41 -16.22 24.25 45.94
N LYS A 42 -15.04 24.88 45.84
CA LYS A 42 -14.96 26.25 45.37
C LYS A 42 -15.18 26.34 43.86
N ILE A 43 -14.44 25.55 43.06
CA ILE A 43 -14.50 25.67 41.61
C ILE A 43 -15.86 25.25 41.06
N THR A 44 -16.61 24.42 41.78
CA THR A 44 -17.94 24.03 41.35
C THR A 44 -19.06 24.88 41.97
N ASN A 45 -18.72 25.98 42.65
CA ASN A 45 -19.74 26.88 43.21
C ASN A 45 -20.66 26.12 44.16
N SER A 46 -20.03 25.38 45.08
CA SER A 46 -20.80 24.50 45.94
C SER A 46 -20.54 24.77 47.41
N GLU A 47 -20.10 25.97 47.75
CA GLU A 47 -19.65 26.20 49.11
C GLU A 47 -20.79 26.21 50.14
N HIS A 48 -22.05 26.29 49.70
CA HIS A 48 -23.18 26.19 50.62
C HIS A 48 -23.47 24.75 51.07
N MET A 49 -22.91 23.75 50.38
CA MET A 49 -23.17 22.35 50.71
C MET A 49 -22.17 21.89 51.78
N THR A 50 -22.33 22.42 52.98
CA THR A 50 -21.32 22.22 54.01
C THR A 50 -21.27 20.76 54.48
N GLU A 51 -22.43 20.12 54.63
CA GLU A 51 -22.42 18.73 55.06
C GLU A 51 -21.81 17.84 53.99
N LEU A 52 -22.21 18.07 52.74
CA LEU A 52 -21.65 17.29 51.64
C LEU A 52 -20.14 17.48 51.54
N LYS A 53 -19.66 18.70 51.78
CA LYS A 53 -18.21 18.93 51.71
C LYS A 53 -17.47 18.13 52.78
N GLU A 54 -18.04 18.05 53.98
CA GLU A 54 -17.42 17.24 55.02
C GLU A 54 -17.44 15.76 54.66
N LYS A 55 -18.52 15.27 54.05
CA LYS A 55 -18.54 13.91 53.52
C LYS A 55 -17.43 13.70 52.49
N PHE A 56 -17.26 14.68 51.59
CA PHE A 56 -16.22 14.56 50.57
C PHE A 56 -14.83 14.57 51.19
N ARG A 57 -14.62 15.38 52.23
CA ARG A 57 -13.34 15.35 52.92
C ARG A 57 -13.06 13.97 53.48
N ARG A 58 -14.08 13.33 54.08
CA ARG A 58 -13.88 11.98 54.61
C ARG A 58 -13.59 10.99 53.49
N LEU A 59 -14.25 11.16 52.33
CA LEU A 59 -13.96 10.29 51.20
C LEU A 59 -12.52 10.48 50.73
N CYS A 60 -12.07 11.72 50.66
CA CYS A 60 -10.71 11.97 50.20
C CYS A 60 -9.69 11.45 51.21
N GLU A 61 -9.97 11.61 52.51
CA GLU A 61 -9.06 11.05 53.51
C GLU A 61 -9.01 9.54 53.43
N LYS A 62 -10.16 8.89 53.26
CA LYS A 62 -10.19 7.42 53.23
C LYS A 62 -9.64 6.83 51.95
N SER A 63 -9.50 7.65 50.89
CA SER A 63 -9.03 7.13 49.62
C SER A 63 -7.59 6.65 49.68
N MET A 64 -6.82 7.11 50.67
CA MET A 64 -5.38 6.86 50.75
C MET A 64 -4.65 7.26 49.47
N ILE A 65 -5.15 8.29 48.80
CA ILE A 65 -4.45 8.91 47.67
C ILE A 65 -3.75 10.15 48.19
N ARG A 66 -2.46 10.28 47.88
CA ARG A 66 -1.69 11.47 48.22
C ARG A 66 -1.82 12.55 47.14
N LYS A 67 -1.69 12.17 45.87
CA LYS A 67 -1.80 13.13 44.80
C LYS A 67 -2.33 12.44 43.56
N ARG A 68 -2.83 13.26 42.63
CA ARG A 68 -3.36 12.82 41.34
C ARG A 68 -2.92 13.81 40.27
N HIS A 69 -2.63 13.30 39.09
CA HIS A 69 -2.32 14.15 37.94
C HIS A 69 -3.59 14.33 37.11
N MET A 70 -3.81 15.55 36.62
CA MET A 70 -5.03 15.88 35.91
C MET A 70 -4.71 16.91 34.83
N CYS A 71 -5.06 16.60 33.58
CA CYS A 71 -4.92 17.62 32.56
C CYS A 71 -5.94 18.73 32.73
N LEU A 72 -7.02 18.47 33.46
CA LEU A 72 -8.02 19.48 33.80
C LEU A 72 -7.44 20.42 34.85
N THR A 73 -7.01 21.60 34.43
CA THR A 73 -6.51 22.60 35.35
C THR A 73 -7.62 23.57 35.77
N GLU A 74 -7.29 24.42 36.74
CA GLU A 74 -8.23 25.46 37.14
C GLU A 74 -8.57 26.37 35.97
N GLU A 75 -7.57 26.73 35.16
CA GLU A 75 -7.82 27.60 34.01
C GLU A 75 -8.77 26.94 33.02
N ILE A 76 -8.60 25.65 32.76
CA ILE A 76 -9.50 24.96 31.83
C ILE A 76 -10.90 24.89 32.40
N LEU A 77 -11.02 24.62 33.70
CA LEU A 77 -12.35 24.54 34.31
C LEU A 77 -13.04 25.89 34.30
N LYS A 78 -12.29 26.96 34.58
CA LYS A 78 -12.87 28.30 34.51
C LYS A 78 -13.32 28.63 33.09
N ALA A 79 -12.66 28.06 32.08
CA ALA A 79 -13.05 28.25 30.69
C ALA A 79 -14.23 27.38 30.28
N ASN A 80 -14.62 26.41 31.12
CA ASN A 80 -15.69 25.47 30.79
C ASN A 80 -16.66 25.35 31.95
N PRO A 81 -17.44 26.40 32.21
CA PRO A 81 -18.32 26.39 33.38
C PRO A 81 -19.36 25.29 33.36
N ASN A 82 -19.79 24.82 32.18
CA ASN A 82 -20.78 23.75 32.16
C ASN A 82 -20.22 22.42 32.68
N MET A 83 -18.89 22.25 32.64
CA MET A 83 -18.28 21.07 33.23
C MET A 83 -18.27 21.14 34.74
N CYS A 84 -18.41 22.33 35.31
CA CYS A 84 -18.39 22.53 36.75
C CYS A 84 -19.78 22.46 37.36
N LEU A 85 -20.81 22.47 36.52
CA LEU A 85 -22.14 22.10 36.98
C LEU A 85 -22.19 20.61 37.26
N HIS A 86 -23.21 20.21 38.02
CA HIS A 86 -23.41 18.78 38.24
C HIS A 86 -23.78 18.09 36.94
N MET A 87 -24.78 18.61 36.23
CA MET A 87 -25.28 17.99 35.00
C MET A 87 -25.40 19.02 33.89
N GLY A 88 -24.34 19.78 33.66
CA GLY A 88 -24.33 20.75 32.58
C GLY A 88 -24.11 20.07 31.24
N THR A 89 -24.80 20.60 30.21
CA THR A 89 -24.57 20.16 28.84
C THR A 89 -23.13 20.47 28.45
N SER A 90 -22.30 19.43 28.32
CA SER A 90 -20.87 19.65 28.27
C SER A 90 -20.12 18.57 27.51
N LEU A 91 -20.79 17.59 26.91
CA LEU A 91 -20.08 16.52 26.23
C LEU A 91 -19.18 17.06 25.13
N ASN A 92 -19.64 18.05 24.37
CA ASN A 92 -18.79 18.60 23.30
C ASN A 92 -17.51 19.22 23.86
N ALA A 93 -17.62 20.01 24.93
CA ALA A 93 -16.43 20.60 25.54
C ALA A 93 -15.51 19.52 26.08
N ARG A 94 -16.07 18.47 26.64
CA ARG A 94 -15.23 17.39 27.16
C ARG A 94 -14.54 16.65 26.01
N GLN A 95 -15.28 16.33 24.95
CA GLN A 95 -14.66 15.66 23.80
C GLN A 95 -13.55 16.50 23.21
N ASP A 96 -13.76 17.82 23.08
CA ASP A 96 -12.74 18.66 22.47
C ASP A 96 -11.42 18.60 23.24
N ILE A 97 -11.49 18.53 24.57
CA ILE A 97 -10.28 18.39 25.39
C ILE A 97 -9.73 16.97 25.30
N SER A 98 -10.58 15.97 25.58
CA SER A 98 -10.03 14.65 25.85
C SER A 98 -9.54 13.96 24.58
N LEU A 99 -10.19 14.17 23.43
CA LEU A 99 -9.81 13.41 22.24
C LEU A 99 -8.41 13.72 21.76
N VAL A 100 -7.90 14.90 22.08
CA VAL A 100 -6.52 15.26 21.77
C VAL A 100 -5.60 14.75 22.86
N GLU A 101 -6.02 14.89 24.12
CA GLU A 101 -5.17 14.52 25.25
C GLU A 101 -4.91 13.02 25.30
N VAL A 102 -5.90 12.19 24.94
CA VAL A 102 -5.74 10.75 25.11
C VAL A 102 -4.60 10.20 24.26
N PRO A 103 -4.54 10.44 22.94
CA PRO A 103 -3.39 9.94 22.17
C PRO A 103 -2.12 10.72 22.43
N LYS A 104 -2.20 11.98 22.86
CA LYS A 104 -0.98 12.73 23.19
C LYS A 104 -0.26 12.11 24.38
N LEU A 105 -0.99 11.85 25.47
CA LEU A 105 -0.38 11.21 26.63
C LEU A 105 0.03 9.78 26.29
N GLY A 106 -0.76 9.11 25.46
CA GLY A 106 -0.40 7.78 25.01
C GLY A 106 0.91 7.77 24.24
N LYS A 107 1.12 8.78 23.37
CA LYS A 107 2.35 8.86 22.61
C LYS A 107 3.54 9.07 23.54
N GLU A 108 3.38 9.90 24.57
CA GLU A 108 4.46 10.10 25.51
C GLU A 108 4.89 8.78 26.16
N ALA A 109 3.92 7.97 26.62
CA ALA A 109 4.28 6.69 27.21
C ALA A 109 4.85 5.73 26.18
N ALA A 110 4.25 5.69 24.97
CA ALA A 110 4.68 4.73 23.95
C ALA A 110 6.09 5.00 23.47
N THR A 111 6.47 6.26 23.29
CA THR A 111 7.81 6.57 22.83
C THR A 111 8.84 6.04 23.82
N LYS A 112 8.58 6.21 25.11
CA LYS A 112 9.53 5.73 26.11
C LYS A 112 9.60 4.20 26.13
N ALA A 113 8.45 3.53 26.01
CA ALA A 113 8.50 2.07 25.95
C ALA A 113 9.22 1.58 24.71
N ILE A 114 9.00 2.23 23.56
CA ILE A 114 9.66 1.82 22.33
C ILE A 114 11.18 2.04 22.44
N LYS A 115 11.58 3.13 23.10
CA LYS A 115 13.02 3.38 23.28
C LYS A 115 13.65 2.39 24.25
N GLU A 116 12.94 2.02 25.33
CA GLU A 116 13.45 0.98 26.23
C GLU A 116 13.65 -0.33 25.46
N TRP A 117 12.62 -0.74 24.71
CA TRP A 117 12.70 -1.93 23.88
C TRP A 117 13.88 -1.87 22.92
N GLY A 118 14.05 -0.74 22.25
CA GLY A 118 15.24 -0.48 21.46
C GLY A 118 15.21 -0.97 20.04
N GLN A 119 14.09 -1.55 19.59
CA GLN A 119 13.97 -2.03 18.23
C GLN A 119 13.28 -1.01 17.36
N PRO A 120 13.43 -1.12 16.04
CA PRO A 120 12.76 -0.16 15.13
C PRO A 120 11.26 -0.25 15.25
N LYS A 121 10.60 0.92 15.21
CA LYS A 121 9.13 0.91 15.26
C LYS A 121 8.53 0.17 14.08
N SER A 122 9.27 0.02 12.98
CA SER A 122 8.77 -0.79 11.86
C SER A 122 8.55 -2.24 12.22
N LYS A 123 9.10 -2.71 13.35
CA LYS A 123 8.90 -4.09 13.80
C LYS A 123 7.62 -4.27 14.60
N ILE A 124 6.93 -3.18 14.89
CA ILE A 124 5.66 -3.24 15.61
C ILE A 124 4.59 -3.66 14.61
N THR A 125 4.04 -4.85 14.82
CA THR A 125 3.07 -5.44 13.89
C THR A 125 1.62 -5.24 14.33
N HIS A 126 1.40 -4.94 15.62
CA HIS A 126 0.06 -4.85 16.18
C HIS A 126 0.03 -3.68 17.15
N LEU A 127 -1.11 -3.02 17.24
CA LEU A 127 -1.33 -1.97 18.23
C LEU A 127 -2.65 -2.22 18.94
N ILE A 128 -2.62 -2.25 20.28
CA ILE A 128 -3.84 -2.26 21.08
C ILE A 128 -3.90 -0.94 21.82
N PHE A 129 -4.96 -0.17 21.58
CA PHE A 129 -5.19 1.08 22.30
C PHE A 129 -6.43 0.92 23.16
N CYS A 130 -6.36 1.39 24.40
CA CYS A 130 -7.43 1.26 25.37
C CYS A 130 -7.69 2.59 26.05
N THR A 131 -8.93 3.06 26.00
CA THR A 131 -9.32 4.23 26.78
C THR A 131 -10.81 4.21 27.05
N SER A 132 -11.19 4.86 28.15
CA SER A 132 -12.59 5.16 28.46
C SER A 132 -12.83 6.67 28.52
N ALA A 133 -11.91 7.47 28.00
CA ALA A 133 -12.00 8.92 28.15
C ALA A 133 -12.57 9.64 26.93
N GLY A 134 -13.05 8.91 25.93
CA GLY A 134 -13.74 9.56 24.84
C GLY A 134 -13.60 8.80 23.53
N VAL A 135 -14.69 8.68 22.79
CA VAL A 135 -14.69 7.88 21.56
C VAL A 135 -14.74 8.82 20.36
N ASP A 136 -14.17 8.36 19.25
CA ASP A 136 -14.04 9.16 18.03
C ASP A 136 -13.78 8.22 16.87
N MET A 137 -14.09 8.67 15.65
CA MET A 137 -13.88 7.86 14.45
C MET A 137 -13.13 8.69 13.42
N PRO A 138 -11.91 8.28 13.00
CA PRO A 138 -11.17 7.13 13.52
C PRO A 138 -10.75 7.36 14.97
N GLY A 139 -10.38 6.27 15.63
CA GLY A 139 -10.18 6.29 17.07
C GLY A 139 -8.78 6.69 17.48
N ALA A 140 -8.54 6.57 18.79
CA ALA A 140 -7.24 6.94 19.33
C ALA A 140 -6.13 6.05 18.78
N ASP A 141 -6.46 4.82 18.37
CA ASP A 141 -5.46 3.93 17.79
C ASP A 141 -4.92 4.51 16.50
N TYR A 142 -5.81 5.08 15.68
CA TYR A 142 -5.39 5.75 14.45
C TYR A 142 -4.52 6.95 14.77
N GLN A 143 -4.98 7.80 15.71
CA GLN A 143 -4.19 8.99 16.05
C GLN A 143 -2.81 8.60 16.52
N LEU A 144 -2.70 7.58 17.38
CA LEU A 144 -1.40 7.15 17.88
C LEU A 144 -0.52 6.59 16.77
N THR A 145 -1.12 5.83 15.84
CA THR A 145 -0.35 5.29 14.73
C THR A 145 0.29 6.41 13.92
N ARG A 146 -0.46 7.47 13.66
CA ARG A 146 0.06 8.57 12.88
C ARG A 146 1.07 9.39 13.68
N LEU A 147 0.78 9.67 14.97
CA LEU A 147 1.71 10.42 15.81
C LEU A 147 3.06 9.72 15.93
N LEU A 148 3.06 8.39 16.04
CA LEU A 148 4.29 7.63 16.21
C LEU A 148 4.98 7.30 14.88
N GLY A 149 4.27 7.35 13.77
CA GLY A 149 4.84 6.87 12.53
C GLY A 149 4.94 5.38 12.44
N LEU A 150 3.98 4.65 12.99
CA LEU A 150 3.99 3.21 12.82
C LEU A 150 3.67 2.87 11.37
N SER A 151 3.96 1.63 11.02
CA SER A 151 3.67 1.15 9.68
C SER A 151 2.17 1.27 9.41
N PRO A 152 1.77 1.70 8.22
CA PRO A 152 0.32 1.77 7.93
C PRO A 152 -0.36 0.42 8.03
N GLU A 153 0.38 -0.68 7.89
CA GLU A 153 -0.15 -2.03 7.96
C GLU A 153 -0.18 -2.57 9.38
N VAL A 154 0.06 -1.72 10.38
CA VAL A 154 -0.08 -2.17 11.76
C VAL A 154 -1.51 -2.64 12.01
N LYS A 155 -1.65 -3.80 12.66
CA LYS A 155 -2.97 -4.38 12.93
C LYS A 155 -3.46 -3.81 14.25
N ARG A 156 -4.54 -3.04 14.18
CA ARG A 156 -5.02 -2.27 15.32
C ARG A 156 -6.24 -2.93 15.96
N MET A 157 -6.30 -2.84 17.29
CA MET A 157 -7.50 -3.18 18.03
C MET A 157 -7.76 -2.04 18.99
N MET A 158 -8.94 -1.44 18.89
CA MET A 158 -9.29 -0.27 19.67
C MET A 158 -10.28 -0.69 20.74
N ILE A 159 -9.85 -0.64 22.01
CA ILE A 159 -10.66 -1.11 23.14
C ILE A 159 -11.22 0.11 23.87
N TYR A 160 -12.48 0.44 23.57
CA TYR A 160 -13.12 1.65 24.07
C TYR A 160 -14.08 1.34 25.22
N GLN A 161 -13.99 2.14 26.29
CA GLN A 161 -15.05 2.31 27.27
C GLN A 161 -15.28 1.06 28.12
N GLN A 162 -14.23 0.26 28.32
CA GLN A 162 -14.34 -0.93 29.15
C GLN A 162 -13.96 -0.69 30.60
N GLY A 163 -13.59 0.54 30.95
CA GLY A 163 -13.47 0.87 32.35
C GLY A 163 -12.24 0.24 33.00
N CYS A 164 -12.39 -0.03 34.31
CA CYS A 164 -11.24 -0.26 35.16
C CYS A 164 -10.64 -1.66 35.07
N TYR A 165 -11.24 -2.59 34.34
CA TYR A 165 -10.63 -3.91 34.21
C TYR A 165 -9.85 -4.07 32.93
N ALA A 166 -9.82 -3.05 32.08
CA ALA A 166 -9.29 -3.20 30.73
C ALA A 166 -7.77 -3.25 30.67
N GLY A 167 -7.08 -2.86 31.75
CA GLY A 167 -5.64 -3.09 31.80
C GLY A 167 -5.30 -4.56 31.80
N ALA A 168 -6.19 -5.39 32.35
CA ALA A 168 -6.02 -6.83 32.22
C ALA A 168 -6.54 -7.32 30.88
N THR A 169 -7.66 -6.78 30.41
CA THR A 169 -8.18 -7.13 29.08
C THR A 169 -7.12 -7.01 28.01
N VAL A 170 -6.35 -5.90 28.01
CA VAL A 170 -5.36 -5.73 26.94
C VAL A 170 -4.28 -6.80 27.00
N LEU A 171 -3.96 -7.29 28.20
CA LEU A 171 -3.00 -8.38 28.32
C LEU A 171 -3.59 -9.69 27.79
N ARG A 172 -4.87 -9.94 28.09
CA ARG A 172 -5.56 -11.12 27.56
C ARG A 172 -5.59 -11.10 26.03
N LEU A 173 -5.92 -9.94 25.45
CA LEU A 173 -5.89 -9.80 24.00
C LEU A 173 -4.48 -9.98 23.44
N ALA A 174 -3.49 -9.30 24.05
CA ALA A 174 -2.13 -9.34 23.53
C ALA A 174 -1.57 -10.76 23.53
N LYS A 175 -1.96 -11.56 24.52
CA LYS A 175 -1.48 -12.94 24.59
C LYS A 175 -1.92 -13.72 23.35
N ASP A 176 -3.17 -13.57 22.93
CA ASP A 176 -3.62 -14.33 21.78
C ASP A 176 -3.04 -13.76 20.49
N LEU A 177 -2.90 -12.44 20.40
CA LEU A 177 -2.33 -11.84 19.19
C LEU A 177 -0.88 -12.29 18.99
N THR A 178 -0.06 -12.20 20.04
CA THR A 178 1.36 -12.50 19.87
C THR A 178 1.62 -13.99 19.71
N GLU A 179 0.84 -14.85 20.38
CA GLU A 179 1.11 -16.27 20.31
C GLU A 179 0.60 -16.89 19.02
N ASN A 180 -0.35 -16.25 18.35
CA ASN A 180 -0.84 -16.83 17.09
C ASN A 180 -0.18 -16.23 15.87
N ASN A 181 0.76 -15.32 16.03
CA ASN A 181 1.38 -14.65 14.89
C ASN A 181 2.90 -14.63 15.10
N LYS A 182 3.57 -15.54 14.42
CA LYS A 182 5.00 -15.72 14.62
C LYS A 182 5.75 -14.41 14.38
N GLY A 183 6.59 -14.02 15.34
CA GLY A 183 7.39 -12.83 15.23
C GLY A 183 6.67 -11.53 15.50
N SER A 184 5.38 -11.57 15.81
CA SER A 184 4.65 -10.33 16.03
C SER A 184 5.15 -9.61 17.28
N ARG A 185 5.07 -8.28 17.23
CA ARG A 185 5.35 -7.44 18.39
C ARG A 185 4.16 -6.50 18.55
N VAL A 186 3.50 -6.57 19.71
CA VAL A 186 2.32 -5.76 20.00
C VAL A 186 2.73 -4.57 20.87
N LEU A 187 2.37 -3.37 20.44
CA LEU A 187 2.39 -2.20 21.30
C LEU A 187 1.02 -2.05 21.94
N ILE A 188 1.00 -1.98 23.27
CA ILE A 188 -0.22 -1.74 24.05
C ILE A 188 -0.13 -0.34 24.63
N VAL A 189 -1.19 0.45 24.49
CA VAL A 189 -1.24 1.76 25.12
C VAL A 189 -2.59 1.92 25.83
N CYS A 190 -2.57 2.21 27.13
CA CYS A 190 -3.75 2.60 27.88
C CYS A 190 -3.60 4.06 28.26
N SER A 191 -4.64 4.86 28.05
CA SER A 191 -4.56 6.29 28.35
C SER A 191 -5.91 6.72 28.88
N GLU A 192 -5.93 7.28 30.08
CA GLU A 192 -7.14 7.59 30.79
C GLU A 192 -7.04 8.99 31.39
N ASN A 193 -8.19 9.64 31.57
CA ASN A 193 -8.21 10.95 32.22
C ASN A 193 -9.59 11.22 32.82
N THR A 194 -9.70 12.34 33.56
CA THR A 194 -10.92 12.68 34.26
C THR A 194 -11.83 13.63 33.49
N VAL A 195 -11.45 14.01 32.27
CA VAL A 195 -12.25 14.98 31.52
C VAL A 195 -13.70 14.54 31.36
N PRO A 196 -14.01 13.27 31.07
CA PRO A 196 -15.42 12.92 30.88
C PRO A 196 -16.23 12.89 32.17
N THR A 197 -15.56 12.66 33.31
CA THR A 197 -16.27 12.39 34.56
C THR A 197 -16.30 13.55 35.53
N PHE A 198 -15.41 14.54 35.40
CA PHE A 198 -15.42 15.66 36.33
C PHE A 198 -16.74 16.41 36.26
N ARG A 199 -17.32 16.69 37.43
CA ARG A 199 -18.57 17.44 37.47
C ARG A 199 -18.80 17.92 38.89
N GLY A 200 -19.67 18.92 39.02
CA GLY A 200 -20.08 19.45 40.31
C GLY A 200 -20.85 18.45 41.16
N PRO A 201 -20.88 18.70 42.46
CA PRO A 201 -21.51 17.74 43.39
C PRO A 201 -23.01 17.89 43.48
N SER A 202 -23.65 16.82 43.96
CA SER A 202 -25.09 16.77 44.18
C SER A 202 -25.39 15.89 45.39
N ASP A 203 -26.24 16.40 46.29
CA ASP A 203 -26.63 15.62 47.47
C ASP A 203 -27.42 14.37 47.10
N THR A 204 -28.03 14.35 45.92
CA THR A 204 -28.76 13.19 45.42
C THR A 204 -27.86 12.09 44.89
N HIS A 205 -26.56 12.37 44.67
CA HIS A 205 -25.68 11.49 43.90
C HIS A 205 -24.33 11.35 44.59
N ILE A 206 -24.33 10.75 45.78
CA ILE A 206 -23.11 10.54 46.55
C ILE A 206 -22.10 9.70 45.76
N ASP A 207 -22.58 8.75 44.97
CA ASP A 207 -21.64 7.87 44.29
C ASP A 207 -20.81 8.63 43.27
N SER A 208 -21.36 9.69 42.68
CA SER A 208 -20.54 10.54 41.83
C SER A 208 -19.37 11.12 42.62
N LEU A 209 -19.61 11.49 43.89
CA LEU A 209 -18.55 12.06 44.70
C LEU A 209 -17.37 11.12 44.82
N VAL A 210 -17.65 9.82 44.91
CA VAL A 210 -16.58 8.82 44.99
C VAL A 210 -15.63 8.96 43.82
N GLY A 211 -16.18 9.02 42.60
CA GLY A 211 -15.34 9.22 41.44
C GLY A 211 -14.53 10.50 41.50
N GLN A 212 -15.14 11.59 42.00
CA GLN A 212 -14.42 12.84 42.10
C GLN A 212 -13.25 12.75 43.08
N ALA A 213 -13.34 11.85 44.07
CA ALA A 213 -12.25 11.65 45.00
C ALA A 213 -11.16 10.73 44.45
N LEU A 214 -11.47 9.88 43.47
CA LEU A 214 -10.57 8.81 43.09
C LEU A 214 -9.96 8.93 41.70
N PHE A 215 -10.75 9.34 40.70
CA PHE A 215 -10.29 9.20 39.32
C PHE A 215 -9.16 10.18 39.03
N ALA A 216 -8.25 9.75 38.15
CA ALA A 216 -7.03 10.49 37.83
C ALA A 216 -6.58 10.18 36.40
N ASP A 217 -5.57 10.92 35.94
CA ASP A 217 -5.04 10.79 34.58
C ASP A 217 -3.75 9.98 34.55
N GLY A 218 -3.58 9.20 33.49
CA GLY A 218 -2.32 8.51 33.30
C GLY A 218 -2.35 7.67 32.04
N ALA A 219 -1.16 7.37 31.54
CA ALA A 219 -1.03 6.51 30.38
C ALA A 219 0.13 5.55 30.58
N ALA A 220 -0.03 4.33 30.07
CA ALA A 220 1.01 3.32 30.17
C ALA A 220 1.13 2.63 28.84
N ALA A 221 2.34 2.21 28.51
CA ALA A 221 2.60 1.50 27.27
C ALA A 221 3.51 0.31 27.53
N LEU A 222 3.29 -0.76 26.76
CA LEU A 222 4.04 -2.00 26.84
C LEU A 222 4.37 -2.49 25.44
N ILE A 223 5.47 -3.23 25.33
CA ILE A 223 5.76 -4.06 24.16
C ILE A 223 5.64 -5.52 24.59
N VAL A 224 4.94 -6.33 23.79
CA VAL A 224 4.75 -7.75 24.08
C VAL A 224 5.14 -8.55 22.85
N GLY A 225 5.84 -9.66 23.07
CA GLY A 225 6.13 -10.60 22.00
C GLY A 225 6.20 -12.00 22.57
N ALA A 226 5.93 -12.99 21.71
CA ALA A 226 5.91 -14.37 22.18
C ALA A 226 7.23 -15.11 21.96
N ASP A 227 8.14 -14.56 21.15
CA ASP A 227 9.41 -15.22 20.84
C ASP A 227 10.57 -14.23 21.04
N PRO A 228 10.80 -13.78 22.27
CA PRO A 228 11.84 -12.78 22.50
C PRO A 228 13.21 -13.28 22.06
N ASP A 229 13.95 -12.38 21.41
CA ASP A 229 15.34 -12.64 20.99
C ASP A 229 16.25 -12.18 22.12
N ALA A 230 16.91 -13.15 22.77
CA ALA A 230 17.67 -12.87 23.98
C ALA A 230 18.86 -11.94 23.74
N SER A 231 19.32 -11.81 22.51
CA SER A 231 20.44 -10.91 22.25
C SER A 231 20.01 -9.45 22.12
N ILE A 232 18.72 -9.18 21.93
CA ILE A 232 18.26 -7.81 21.77
C ILE A 232 17.10 -7.44 22.69
N GLU A 233 16.40 -8.41 23.27
CA GLU A 233 15.21 -8.11 24.06
C GLU A 233 15.34 -8.71 25.45
N ARG A 234 14.61 -8.14 26.40
CA ARG A 234 14.79 -8.41 27.83
C ARG A 234 13.42 -8.68 28.45
N PRO A 235 13.07 -9.94 28.65
CA PRO A 235 11.78 -10.26 29.30
C PRO A 235 11.65 -9.67 30.69
N LEU A 236 10.44 -9.25 31.02
CA LEU A 236 10.07 -8.75 32.34
C LEU A 236 9.02 -9.62 33.01
N TYR A 237 7.98 -9.99 32.28
CA TYR A 237 6.93 -10.86 32.78
C TYR A 237 6.45 -11.74 31.63
N HIS A 238 5.98 -12.93 31.98
CA HIS A 238 5.33 -13.80 31.02
C HIS A 238 3.83 -13.83 31.34
N ILE A 239 2.99 -13.76 30.31
CA ILE A 239 1.54 -13.82 30.47
C ILE A 239 1.12 -15.27 30.24
N VAL A 240 0.87 -15.99 31.34
CA VAL A 240 0.66 -17.44 31.26
C VAL A 240 -0.78 -17.79 30.92
N SER A 241 -1.76 -17.15 31.57
CA SER A 241 -3.17 -17.40 31.26
C SER A 241 -3.97 -16.15 31.58
N ALA A 242 -5.16 -16.06 30.98
CA ALA A 242 -6.01 -14.89 31.17
C ALA A 242 -7.46 -15.33 31.11
N SER A 243 -8.21 -15.02 32.18
CA SER A 243 -9.63 -15.37 32.29
C SER A 243 -10.44 -14.14 32.60
N GLN A 244 -11.75 -14.24 32.39
CA GLN A 244 -12.70 -13.17 32.69
C GLN A 244 -13.98 -13.79 33.23
N THR A 245 -14.57 -13.19 34.26
CA THR A 245 -15.86 -13.69 34.72
C THR A 245 -16.75 -12.54 35.22
N LEU A 246 -18.06 -12.76 35.12
CA LEU A 246 -19.06 -11.87 35.70
C LEU A 246 -19.44 -12.40 37.09
N LEU A 247 -19.63 -11.48 38.02
CA LEU A 247 -19.91 -11.95 39.38
C LEU A 247 -21.41 -12.18 39.60
N PRO A 248 -21.76 -13.25 40.30
CA PRO A 248 -23.18 -13.58 40.48
C PRO A 248 -23.91 -12.47 41.24
N ASP A 249 -25.14 -12.20 40.80
CA ASP A 249 -26.06 -11.30 41.47
C ASP A 249 -25.55 -9.87 41.54
N SER A 250 -24.59 -9.50 40.71
CA SER A 250 -23.97 -8.19 40.79
C SER A 250 -24.50 -7.21 39.76
N ASP A 251 -25.53 -7.59 38.98
CA ASP A 251 -26.02 -6.74 37.91
C ASP A 251 -26.33 -5.33 38.40
N GLY A 252 -25.80 -4.34 37.70
CA GLY A 252 -26.09 -2.95 37.99
C GLY A 252 -25.25 -2.32 39.09
N ALA A 253 -24.27 -3.05 39.63
CA ALA A 253 -23.51 -2.53 40.76
C ALA A 253 -22.68 -1.32 40.35
N ILE A 254 -22.14 -1.33 39.13
CA ILE A 254 -21.35 -0.23 38.59
C ILE A 254 -21.84 0.05 37.19
N GLU A 255 -22.33 1.25 36.94
CA GLU A 255 -22.69 1.64 35.59
C GLU A 255 -22.08 2.99 35.25
N GLY A 256 -21.76 3.18 33.98
CA GLY A 256 -21.29 4.46 33.51
C GLY A 256 -22.02 4.79 32.22
N HIS A 257 -22.62 5.97 32.14
CA HIS A 257 -23.42 6.33 30.98
C HIS A 257 -22.81 7.53 30.29
N ILE A 258 -22.74 7.45 28.96
CA ILE A 258 -22.22 8.54 28.14
C ILE A 258 -23.43 9.36 27.73
N ARG A 259 -23.52 10.58 28.24
CA ARG A 259 -24.70 11.44 28.13
C ARG A 259 -24.28 12.84 27.70
N GLU A 260 -25.27 13.73 27.48
CA GLU A 260 -24.99 15.11 27.14
C GLU A 260 -24.17 15.83 28.21
N ALA A 261 -24.23 15.38 29.46
CA ALA A 261 -23.44 15.98 30.53
C ALA A 261 -22.09 15.30 30.74
N GLY A 262 -21.67 14.44 29.81
CA GLY A 262 -20.44 13.69 29.96
C GLY A 262 -20.70 12.27 30.45
N LEU A 263 -19.68 11.69 31.07
CA LEU A 263 -19.75 10.32 31.57
C LEU A 263 -20.21 10.37 33.02
N THR A 264 -21.39 9.83 33.28
CA THR A 264 -21.95 9.81 34.62
C THR A 264 -21.76 8.44 35.24
N VAL A 265 -21.37 8.42 36.51
CA VAL A 265 -20.98 7.19 37.20
C VAL A 265 -21.99 6.86 38.28
N HIS A 266 -22.36 5.58 38.38
CA HIS A 266 -23.42 5.12 39.26
C HIS A 266 -22.95 3.87 39.98
N LEU A 267 -22.86 3.96 41.30
CA LEU A 267 -22.22 2.94 42.12
C LEU A 267 -23.18 2.48 43.22
N LYS A 268 -23.18 1.19 43.50
CA LYS A 268 -23.97 0.67 44.61
C LYS A 268 -23.07 0.37 45.80
N LYS A 269 -23.66 0.46 46.99
CA LYS A 269 -22.86 0.35 48.22
C LYS A 269 -22.15 -0.99 48.32
N ASP A 270 -22.69 -2.03 47.68
CA ASP A 270 -22.23 -3.40 47.87
C ASP A 270 -20.94 -3.74 47.11
N VAL A 271 -20.34 -2.80 46.36
CA VAL A 271 -19.30 -3.18 45.40
C VAL A 271 -18.13 -3.93 46.03
N PRO A 272 -17.44 -3.40 47.05
CA PRO A 272 -16.32 -4.16 47.62
C PRO A 272 -16.71 -5.53 48.13
N ALA A 273 -17.92 -5.67 48.68
CA ALA A 273 -18.34 -6.99 49.17
C ALA A 273 -18.51 -7.97 48.02
N PHE A 274 -19.00 -7.50 46.87
CA PHE A 274 -19.12 -8.40 45.73
C PHE A 274 -17.76 -8.92 45.29
N PHE A 275 -16.76 -8.03 45.16
CA PHE A 275 -15.46 -8.47 44.67
C PHE A 275 -14.74 -9.35 45.67
N SER A 276 -14.80 -8.99 46.96
CA SER A 276 -14.10 -9.79 47.96
C SER A 276 -14.75 -11.15 48.18
N ALA A 277 -16.08 -11.24 48.04
CA ALA A 277 -16.77 -12.50 48.27
C ALA A 277 -16.57 -13.49 47.13
N ASN A 278 -16.18 -13.02 45.95
CA ASN A 278 -16.08 -13.88 44.79
C ASN A 278 -14.67 -14.07 44.27
N ILE A 279 -13.70 -13.31 44.78
CA ILE A 279 -12.38 -13.33 44.16
C ILE A 279 -11.70 -14.69 44.33
N GLU A 280 -11.94 -15.38 45.45
CA GLU A 280 -11.22 -16.64 45.63
C GLU A 280 -11.55 -17.65 44.55
N LYS A 281 -12.78 -17.62 44.02
CA LYS A 281 -13.14 -18.52 42.93
C LYS A 281 -12.24 -18.29 41.72
N SER A 282 -11.93 -17.03 41.42
CA SER A 282 -11.05 -16.74 40.30
C SER A 282 -9.64 -17.25 40.56
N LEU A 283 -9.16 -17.17 41.80
CA LEU A 283 -7.84 -17.69 42.13
C LEU A 283 -7.81 -19.21 41.99
N VAL A 284 -8.84 -19.88 42.53
CA VAL A 284 -8.91 -21.34 42.45
C VAL A 284 -8.91 -21.78 41.00
N ASP A 285 -9.76 -21.14 40.18
CA ASP A 285 -9.87 -21.54 38.78
C ASP A 285 -8.56 -21.29 38.03
N ALA A 286 -7.87 -20.19 38.34
CA ALA A 286 -6.63 -19.88 37.62
C ALA A 286 -5.45 -20.70 38.09
N PHE A 287 -5.36 -21.03 39.38
CA PHE A 287 -4.15 -21.64 39.88
C PHE A 287 -4.25 -23.13 40.16
N THR A 288 -5.46 -23.70 40.20
CA THR A 288 -5.53 -25.15 40.34
C THR A 288 -4.77 -25.90 39.24
N PRO A 289 -4.83 -25.52 37.96
CA PRO A 289 -4.01 -26.23 36.96
C PRO A 289 -2.50 -26.07 37.18
N ILE A 290 -2.09 -25.04 37.93
CA ILE A 290 -0.69 -24.80 38.23
C ILE A 290 -0.26 -25.50 39.50
N GLY A 291 -1.20 -25.95 40.32
CA GLY A 291 -0.86 -26.61 41.57
C GLY A 291 -0.60 -25.67 42.73
N ILE A 292 -0.94 -24.39 42.60
CA ILE A 292 -0.67 -23.40 43.64
C ILE A 292 -1.97 -23.07 44.37
N SER A 293 -1.93 -23.10 45.71
CA SER A 293 -3.09 -22.70 46.48
C SER A 293 -2.76 -21.71 47.58
N ASP A 294 -1.49 -21.39 47.78
CA ASP A 294 -1.07 -20.44 48.82
C ASP A 294 -1.00 -19.05 48.18
N TRP A 295 -2.02 -18.23 48.45
CA TRP A 295 -2.10 -16.92 47.81
C TRP A 295 -1.03 -15.96 48.30
N ASN A 296 -0.34 -16.26 49.39
CA ASN A 296 0.79 -15.44 49.81
C ASN A 296 2.09 -15.84 49.12
N SER A 297 2.10 -16.95 48.37
CA SER A 297 3.29 -17.44 47.71
C SER A 297 3.44 -16.94 46.29
N ILE A 298 2.51 -16.10 45.83
CA ILE A 298 2.56 -15.50 44.51
C ILE A 298 2.67 -13.99 44.69
N PHE A 299 3.18 -13.31 43.66
CA PHE A 299 3.14 -11.85 43.70
C PHE A 299 1.82 -11.32 43.14
N TRP A 300 1.46 -10.11 43.57
CA TRP A 300 0.11 -9.55 43.36
C TRP A 300 0.18 -8.22 42.64
N ILE A 301 -0.64 -8.08 41.60
CA ILE A 301 -0.95 -6.80 40.99
C ILE A 301 -2.47 -6.71 40.99
N ALA A 302 -3.03 -5.79 41.76
CA ALA A 302 -4.48 -5.69 41.83
C ALA A 302 -4.90 -4.26 41.54
N HIS A 303 -5.84 -4.10 40.62
CA HIS A 303 -6.34 -2.77 40.34
C HIS A 303 -6.78 -2.12 41.64
N PRO A 304 -6.22 -0.95 41.99
CA PRO A 304 -6.37 -0.47 43.37
C PRO A 304 -7.33 0.70 43.49
N GLY A 305 -8.02 1.02 42.39
CA GLY A 305 -8.84 2.22 42.33
C GLY A 305 -10.03 2.22 43.27
N GLY A 306 -10.41 1.06 43.83
CA GLY A 306 -11.33 1.01 44.93
C GLY A 306 -10.64 0.52 46.19
N PRO A 307 -10.29 1.44 47.08
CA PRO A 307 -9.48 1.06 48.26
C PRO A 307 -10.16 0.06 49.19
N ALA A 308 -11.49 0.14 49.36
CA ALA A 308 -12.17 -0.85 50.18
C ALA A 308 -12.16 -2.22 49.50
N ILE A 309 -12.11 -2.26 48.17
CA ILE A 309 -12.02 -3.55 47.50
C ILE A 309 -10.75 -4.28 47.92
N LEU A 310 -9.61 -3.59 47.88
CA LEU A 310 -8.35 -4.24 48.25
C LEU A 310 -8.34 -4.59 49.73
N ASP A 311 -8.85 -3.71 50.59
CA ASP A 311 -8.88 -4.03 52.02
C ASP A 311 -9.69 -5.31 52.26
N GLN A 312 -10.85 -5.42 51.64
CA GLN A 312 -11.71 -6.58 51.87
C GLN A 312 -11.17 -7.83 51.20
N VAL A 313 -10.53 -7.70 50.03
CA VAL A 313 -9.89 -8.87 49.43
C VAL A 313 -8.78 -9.37 50.34
N GLU A 314 -7.92 -8.46 50.79
CA GLU A 314 -6.83 -8.81 51.70
C GLU A 314 -7.36 -9.55 52.93
N GLU A 315 -8.41 -9.02 53.55
CA GLU A 315 -8.97 -9.65 54.74
C GLU A 315 -9.60 -11.00 54.41
N LYS A 316 -10.40 -11.05 53.34
CA LYS A 316 -11.12 -12.28 53.01
C LYS A 316 -10.16 -13.42 52.74
N LEU A 317 -9.07 -13.14 52.02
CA LEU A 317 -8.12 -14.16 51.61
C LEU A 317 -7.01 -14.42 52.61
N GLY A 318 -6.92 -13.63 53.68
CA GLY A 318 -5.79 -13.77 54.59
C GLY A 318 -4.45 -13.41 53.98
N LEU A 319 -4.44 -12.44 53.07
CA LEU A 319 -3.16 -11.98 52.52
C LEU A 319 -2.34 -11.27 53.59
N ARG A 320 -1.04 -11.51 53.60
CA ARG A 320 -0.16 -10.68 54.40
C ARG A 320 -0.27 -9.23 53.94
N LYS A 321 -0.06 -8.31 54.87
CA LYS A 321 -0.35 -6.90 54.65
C LYS A 321 0.57 -6.23 53.62
N ASP A 322 1.68 -6.86 53.22
CA ASP A 322 2.55 -6.26 52.21
C ASP A 322 2.36 -6.84 50.81
N LYS A 323 1.48 -7.82 50.63
CA LYS A 323 1.26 -8.37 49.30
C LYS A 323 0.82 -7.30 48.31
N LEU A 324 0.01 -6.35 48.76
CA LEU A 324 -0.56 -5.35 47.88
C LEU A 324 0.22 -4.05 47.90
N LYS A 325 1.49 -4.08 48.37
CA LYS A 325 2.23 -2.85 48.60
C LYS A 325 2.42 -2.06 47.30
N ALA A 326 2.86 -2.73 46.24
CA ALA A 326 3.08 -2.02 44.98
C ALA A 326 1.78 -1.42 44.46
N SER A 327 0.68 -2.19 44.57
CA SER A 327 -0.61 -1.71 44.09
C SER A 327 -1.06 -0.47 44.86
N ARG A 328 -0.95 -0.54 46.19
CA ARG A 328 -1.35 0.59 47.01
C ARG A 328 -0.42 1.78 46.83
N HIS A 329 0.86 1.54 46.52
CA HIS A 329 1.79 2.65 46.28
C HIS A 329 1.36 3.45 45.05
N VAL A 330 1.07 2.75 43.95
CA VAL A 330 0.63 3.45 42.76
C VAL A 330 -0.65 4.23 43.04
N MET A 331 -1.58 3.64 43.79
CA MET A 331 -2.80 4.37 44.14
C MET A 331 -2.49 5.61 44.95
N SER A 332 -1.54 5.50 45.88
CA SER A 332 -1.17 6.66 46.71
C SER A 332 -0.59 7.78 45.87
N GLU A 333 0.28 7.45 44.91
CA GLU A 333 1.00 8.46 44.15
C GLU A 333 0.27 8.94 42.91
N PHE A 334 -0.75 8.21 42.45
CA PHE A 334 -1.39 8.55 41.19
C PHE A 334 -2.91 8.48 41.19
N GLY A 335 -3.54 7.89 42.20
CA GLY A 335 -4.97 7.77 42.15
C GLY A 335 -5.44 6.70 41.18
N ASN A 336 -6.76 6.68 40.97
CA ASN A 336 -7.38 5.68 40.10
C ASN A 336 -7.32 6.15 38.65
N MET A 337 -6.29 5.68 37.93
CA MET A 337 -6.12 5.94 36.51
C MET A 337 -6.76 4.89 35.63
N SER A 338 -7.77 4.19 36.15
CA SER A 338 -8.57 3.23 35.37
C SER A 338 -7.64 2.19 34.77
N SER A 339 -7.74 1.86 33.48
CA SER A 339 -7.02 0.72 32.91
C SER A 339 -5.52 0.83 33.09
N ALA A 340 -4.99 2.05 33.23
CA ALA A 340 -3.54 2.19 33.27
C ALA A 340 -2.93 1.70 34.59
N CYS A 341 -3.72 1.69 35.68
CA CYS A 341 -3.19 1.36 37.02
C CYS A 341 -2.33 0.10 37.05
N VAL A 342 -2.86 -1.02 36.55
CA VAL A 342 -2.14 -2.28 36.74
C VAL A 342 -0.85 -2.28 35.95
N LEU A 343 -0.79 -1.51 34.86
CA LEU A 343 0.45 -1.39 34.09
C LEU A 343 1.47 -0.52 34.82
N PHE A 344 1.02 0.56 35.48
CA PHE A 344 1.90 1.30 36.37
C PHE A 344 2.42 0.40 37.48
N ILE A 345 1.56 -0.48 38.01
CA ILE A 345 1.98 -1.34 39.12
C ILE A 345 3.02 -2.34 38.64
N LEU A 346 2.84 -2.90 37.43
CA LEU A 346 3.88 -3.77 36.89
C LEU A 346 5.20 -3.03 36.76
N ASP A 347 5.15 -1.77 36.30
CA ASP A 347 6.37 -0.99 36.15
C ASP A 347 7.00 -0.70 37.51
N GLU A 348 6.19 -0.29 38.49
CA GLU A 348 6.68 -0.08 39.85
C GLU A 348 7.34 -1.33 40.40
N MET A 349 6.72 -2.50 40.20
CA MET A 349 7.25 -3.72 40.78
C MET A 349 8.60 -4.09 40.18
N ARG A 350 8.71 -4.07 38.85
CA ARG A 350 9.98 -4.51 38.26
C ARG A 350 11.09 -3.53 38.57
N LYS A 351 10.79 -2.22 38.65
CA LYS A 351 11.83 -1.26 38.98
C LYS A 351 12.25 -1.39 40.44
N THR A 352 11.28 -1.51 41.35
CA THR A 352 11.61 -1.67 42.77
C THR A 352 12.36 -2.98 43.02
N CYS A 353 12.00 -4.04 42.30
CA CYS A 353 12.72 -5.30 42.50
C CYS A 353 14.15 -5.21 42.01
N LEU A 354 14.39 -4.50 40.90
CA LEU A 354 15.76 -4.31 40.43
C LEU A 354 16.57 -3.47 41.41
N GLU A 355 16.00 -2.37 41.90
CA GLU A 355 16.73 -1.49 42.78
C GLU A 355 17.02 -2.14 44.12
N GLU A 356 16.14 -3.01 44.59
CA GLU A 356 16.33 -3.67 45.88
C GLU A 356 17.14 -4.96 45.77
N GLY A 357 17.46 -5.41 44.56
CA GLY A 357 18.18 -6.66 44.42
C GLY A 357 17.36 -7.90 44.71
N LYS A 358 16.05 -7.87 44.42
CA LYS A 358 15.25 -9.07 44.60
C LYS A 358 15.61 -10.10 43.52
N ALA A 359 15.24 -11.36 43.78
CA ALA A 359 15.67 -12.44 42.91
C ALA A 359 14.89 -12.47 41.60
N THR A 360 13.69 -11.89 41.57
CA THR A 360 12.86 -11.86 40.37
C THR A 360 12.14 -10.52 40.29
N THR A 361 11.56 -10.25 39.11
CA THR A 361 10.71 -9.09 38.91
C THR A 361 9.37 -9.20 39.63
N GLY A 362 9.08 -10.35 40.26
CA GLY A 362 7.86 -10.53 41.02
C GLY A 362 8.15 -10.64 42.51
N GLU A 363 8.94 -9.69 43.03
CA GLU A 363 9.25 -9.61 44.45
C GLU A 363 9.93 -10.88 44.96
N GLY A 364 10.74 -11.51 44.10
CA GLY A 364 11.45 -12.71 44.46
C GLY A 364 10.66 -13.98 44.26
N LEU A 365 9.37 -13.87 43.91
CA LEU A 365 8.51 -15.02 43.70
C LEU A 365 8.41 -15.33 42.21
N ASP A 366 8.03 -16.56 41.91
CA ASP A 366 8.02 -17.02 40.52
C ASP A 366 6.68 -16.79 39.82
N TRP A 367 5.58 -17.05 40.52
CA TRP A 367 4.25 -16.92 39.94
C TRP A 367 3.55 -15.71 40.53
N GLY A 368 2.68 -15.11 39.72
CA GLY A 368 1.95 -13.94 40.15
C GLY A 368 0.57 -13.88 39.53
N VAL A 369 -0.24 -12.98 40.07
CA VAL A 369 -1.59 -12.75 39.58
C VAL A 369 -1.82 -11.27 39.39
N LEU A 370 -2.52 -10.92 38.32
CA LEU A 370 -2.91 -9.56 38.00
C LEU A 370 -4.42 -9.51 37.86
N PHE A 371 -5.07 -8.59 38.59
CA PHE A 371 -6.52 -8.50 38.62
C PHE A 371 -7.00 -7.17 38.07
N GLY A 372 -7.96 -7.22 37.14
CA GLY A 372 -8.75 -6.05 36.77
C GLY A 372 -10.16 -6.19 37.33
N PHE A 373 -10.72 -5.09 37.82
CA PHE A 373 -12.06 -5.05 38.40
C PHE A 373 -12.84 -3.94 37.71
N GLY A 374 -14.11 -4.20 37.36
CA GLY A 374 -14.87 -3.16 36.71
C GLY A 374 -16.33 -3.48 36.51
N PRO A 375 -16.98 -2.79 35.57
CA PRO A 375 -18.44 -2.94 35.41
C PRO A 375 -18.82 -4.34 34.96
N GLY A 376 -19.98 -4.80 35.45
CA GLY A 376 -20.44 -6.14 35.13
C GLY A 376 -21.25 -6.80 36.22
N LEU A 377 -20.61 -7.14 37.35
CA LEU A 377 -19.27 -6.66 37.72
C LEU A 377 -17.99 -7.07 36.89
N THR A 378 -17.60 -8.29 36.61
CA THR A 378 -16.33 -8.53 35.88
C THR A 378 -15.07 -8.42 36.70
N VAL A 379 -14.44 -9.58 36.82
CA VAL A 379 -13.08 -9.74 37.31
C VAL A 379 -12.30 -10.33 36.15
N GLU A 380 -11.21 -9.67 35.77
CA GLU A 380 -10.22 -10.22 34.84
C GLU A 380 -9.07 -10.76 35.67
N THR A 381 -8.65 -11.99 35.39
CA THR A 381 -7.61 -12.68 36.17
C THR A 381 -6.49 -13.11 35.22
N VAL A 382 -5.30 -12.53 35.38
CA VAL A 382 -4.17 -12.86 34.53
C VAL A 382 -3.12 -13.56 35.39
N VAL A 383 -2.71 -14.75 34.99
CA VAL A 383 -1.61 -15.43 35.67
C VAL A 383 -0.31 -15.02 34.99
N LEU A 384 0.67 -14.61 35.79
CA LEU A 384 1.97 -14.13 35.34
C LEU A 384 3.06 -15.02 35.88
N ARG A 385 4.19 -15.05 35.16
CA ARG A 385 5.43 -15.50 35.73
C ARG A 385 6.41 -14.35 35.69
N SER A 386 7.20 -14.23 36.74
CA SER A 386 8.29 -13.27 36.79
C SER A 386 9.48 -13.79 35.98
N VAL A 387 10.53 -12.96 35.92
CA VAL A 387 11.79 -13.27 35.24
C VAL A 387 12.89 -13.11 36.28
N PRO A 388 13.91 -13.98 36.28
CA PRO A 388 15.03 -13.80 37.23
C PRO A 388 15.75 -12.47 37.05
N ILE A 389 16.27 -11.98 38.18
CA ILE A 389 16.92 -10.68 38.41
C ILE A 389 16.63 -9.64 37.33
N GLY B 15 -5.26 -25.87 14.77
CA GLY B 15 -6.46 -25.69 13.98
C GLY B 15 -6.47 -24.51 13.03
N LEU B 16 -7.64 -24.19 12.50
CA LEU B 16 -7.80 -23.08 11.57
C LEU B 16 -9.20 -22.53 11.75
N ALA B 17 -9.30 -21.25 12.08
CA ALA B 17 -10.58 -20.59 12.36
C ALA B 17 -11.58 -20.85 11.25
N THR B 18 -12.73 -21.41 11.61
CA THR B 18 -13.76 -21.86 10.67
C THR B 18 -15.10 -21.31 11.11
N ILE B 19 -15.83 -20.71 10.20
CA ILE B 19 -17.20 -20.26 10.46
C ILE B 19 -18.12 -21.47 10.40
N LEU B 20 -18.90 -21.68 11.47
CA LEU B 20 -19.75 -22.85 11.64
C LEU B 20 -21.25 -22.56 11.57
N ALA B 21 -21.64 -21.30 11.66
CA ALA B 21 -23.04 -20.87 11.59
C ALA B 21 -23.05 -19.36 11.37
N ILE B 22 -24.09 -18.89 10.67
CA ILE B 22 -24.31 -17.46 10.44
C ILE B 22 -25.82 -17.21 10.49
N SER B 23 -26.23 -16.16 11.17
CA SER B 23 -27.63 -15.76 11.08
C SER B 23 -27.73 -14.26 11.18
N THR B 24 -28.86 -13.73 10.74
CA THR B 24 -29.06 -12.29 10.67
C THR B 24 -30.41 -11.91 11.27
N ALA B 25 -30.57 -10.62 11.54
CA ALA B 25 -31.81 -10.07 12.07
C ALA B 25 -31.93 -8.62 11.65
N THR B 26 -33.18 -8.17 11.46
CA THR B 26 -33.49 -6.79 11.15
C THR B 26 -34.73 -6.39 11.92
N PRO B 27 -34.86 -5.12 12.28
CA PRO B 27 -36.11 -4.65 12.87
C PRO B 27 -37.23 -4.77 11.86
N PRO B 28 -38.47 -4.94 12.33
CA PRO B 28 -39.57 -5.19 11.40
C PRO B 28 -39.92 -3.99 10.53
N ASN B 29 -39.76 -2.77 11.03
CA ASN B 29 -40.10 -1.58 10.25
C ASN B 29 -39.09 -1.40 9.14
N CYS B 30 -39.59 -1.09 7.94
CA CYS B 30 -38.68 -0.80 6.85
C CYS B 30 -39.21 0.37 6.04
N VAL B 31 -38.30 1.04 5.36
CA VAL B 31 -38.63 2.15 4.50
C VAL B 31 -38.22 1.79 3.07
N ILE B 32 -39.15 2.00 2.14
CA ILE B 32 -38.87 1.83 0.72
C ILE B 32 -38.12 3.05 0.21
N GLN B 33 -36.98 2.81 -0.45
CA GLN B 33 -36.10 3.91 -0.80
C GLN B 33 -36.78 4.85 -1.80
N ALA B 34 -37.64 4.33 -2.68
CA ALA B 34 -38.27 5.20 -3.66
C ALA B 34 -39.15 6.25 -3.00
N ASP B 35 -39.63 5.96 -1.79
CA ASP B 35 -40.49 6.87 -1.05
C ASP B 35 -39.72 7.67 -0.01
N TYR B 36 -38.45 7.38 0.19
CA TYR B 36 -37.80 7.98 1.34
C TYR B 36 -37.58 9.49 1.22
N PRO B 37 -37.24 10.06 0.04
CA PRO B 37 -37.04 11.51 0.00
C PRO B 37 -38.25 12.30 0.45
N ASP B 38 -39.44 11.88 0.02
CA ASP B 38 -40.66 12.54 0.49
C ASP B 38 -40.81 12.40 2.00
N TYR B 39 -40.64 11.17 2.50
CA TYR B 39 -40.81 10.93 3.93
C TYR B 39 -39.80 11.72 4.76
N TYR B 40 -38.53 11.63 4.37
CA TYR B 40 -37.46 12.25 5.15
C TYR B 40 -37.59 13.77 5.16
N PHE B 41 -37.96 14.38 4.04
CA PHE B 41 -38.05 15.82 4.04
C PHE B 41 -39.30 16.32 4.76
N LYS B 42 -40.32 15.48 4.88
CA LYS B 42 -41.49 15.86 5.66
C LYS B 42 -41.21 15.74 7.16
N ILE B 43 -40.69 14.60 7.60
CA ILE B 43 -40.52 14.36 9.04
C ILE B 43 -39.44 15.26 9.63
N THR B 44 -38.52 15.78 8.81
CA THR B 44 -37.54 16.76 9.26
C THR B 44 -37.97 18.19 9.03
N ASN B 45 -39.21 18.42 8.59
CA ASN B 45 -39.74 19.78 8.41
C ASN B 45 -38.87 20.61 7.48
N SER B 46 -38.49 20.01 6.35
CA SER B 46 -37.55 20.63 5.42
C SER B 46 -38.10 20.73 4.01
N GLU B 47 -39.43 20.68 3.84
CA GLU B 47 -39.99 20.61 2.50
C GLU B 47 -39.79 21.90 1.71
N HIS B 48 -39.52 23.03 2.37
CA HIS B 48 -39.21 24.26 1.65
C HIS B 48 -37.85 24.21 0.96
N MET B 49 -36.98 23.27 1.31
CA MET B 49 -35.63 23.17 0.73
C MET B 49 -35.69 22.30 -0.53
N THR B 50 -36.27 22.88 -1.58
CA THR B 50 -36.61 22.08 -2.75
C THR B 50 -35.38 21.61 -3.51
N GLU B 51 -34.38 22.48 -3.69
CA GLU B 51 -33.17 22.08 -4.39
C GLU B 51 -32.43 20.99 -3.63
N LEU B 52 -32.37 21.12 -2.30
CA LEU B 52 -31.73 20.10 -1.48
C LEU B 52 -32.51 18.78 -1.53
N LYS B 53 -33.83 18.86 -1.60
CA LYS B 53 -34.62 17.65 -1.72
C LYS B 53 -34.33 16.94 -3.03
N GLU B 54 -34.23 17.69 -4.13
CA GLU B 54 -33.90 17.07 -5.41
C GLU B 54 -32.53 16.41 -5.34
N LYS B 55 -31.56 17.06 -4.69
CA LYS B 55 -30.25 16.43 -4.53
C LYS B 55 -30.36 15.13 -3.74
N PHE B 56 -31.17 15.13 -2.68
CA PHE B 56 -31.37 13.91 -1.89
C PHE B 56 -32.05 12.82 -2.71
N ARG B 57 -33.02 13.20 -3.55
CA ARG B 57 -33.65 12.22 -4.42
C ARG B 57 -32.62 11.55 -5.31
N ARG B 58 -31.71 12.34 -5.89
CA ARG B 58 -30.67 11.76 -6.73
C ARG B 58 -29.75 10.85 -5.93
N LEU B 59 -29.40 11.26 -4.71
CA LEU B 59 -28.57 10.39 -3.87
C LEU B 59 -29.27 9.07 -3.59
N CYS B 60 -30.58 9.13 -3.28
CA CYS B 60 -31.31 7.90 -2.99
C CYS B 60 -31.44 7.03 -4.23
N GLU B 61 -31.65 7.65 -5.39
CA GLU B 61 -31.74 6.87 -6.62
C GLU B 61 -30.40 6.22 -6.96
N LYS B 62 -29.29 6.94 -6.80
CA LYS B 62 -28.00 6.36 -7.13
C LYS B 62 -27.51 5.39 -6.07
N SER B 63 -28.17 5.31 -4.91
CA SER B 63 -27.72 4.40 -3.85
C SER B 63 -27.84 2.94 -4.24
N MET B 64 -28.71 2.61 -5.20
CA MET B 64 -29.03 1.23 -5.55
C MET B 64 -29.52 0.44 -4.33
N ILE B 65 -30.20 1.13 -3.42
CA ILE B 65 -30.88 0.52 -2.28
C ILE B 65 -32.37 0.47 -2.59
N ARG B 66 -32.97 -0.69 -2.40
CA ARG B 66 -34.41 -0.83 -2.60
C ARG B 66 -35.17 -0.58 -1.32
N LYS B 67 -34.66 -1.08 -0.20
CA LYS B 67 -35.31 -0.88 1.09
C LYS B 67 -34.28 -1.00 2.20
N ARG B 68 -34.63 -0.45 3.35
CA ARG B 68 -33.80 -0.45 4.54
C ARG B 68 -34.69 -0.71 5.74
N HIS B 69 -34.17 -1.44 6.71
CA HIS B 69 -34.89 -1.62 7.96
C HIS B 69 -34.39 -0.60 8.99
N MET B 70 -35.32 -0.06 9.77
CA MET B 70 -34.99 0.98 10.74
C MET B 70 -35.89 0.84 11.95
N CYS B 71 -35.29 0.78 13.14
CA CYS B 71 -36.12 0.80 14.34
C CYS B 71 -36.71 2.18 14.59
N LEU B 72 -36.15 3.24 14.02
CA LEU B 72 -36.73 4.58 14.15
C LEU B 72 -38.00 4.67 13.32
N THR B 73 -39.14 4.81 13.99
CA THR B 73 -40.43 4.97 13.32
C THR B 73 -40.79 6.44 13.21
N GLU B 74 -41.82 6.70 12.38
CA GLU B 74 -42.40 8.03 12.33
C GLU B 74 -42.87 8.46 13.71
N GLU B 75 -43.45 7.53 14.46
CA GLU B 75 -43.99 7.89 15.76
C GLU B 75 -42.87 8.23 16.74
N ILE B 76 -41.77 7.48 16.68
CA ILE B 76 -40.66 7.78 17.57
C ILE B 76 -39.99 9.09 17.18
N LEU B 77 -39.88 9.37 15.87
CA LEU B 77 -39.27 10.63 15.45
C LEU B 77 -40.12 11.83 15.86
N LYS B 78 -41.45 11.71 15.78
CA LYS B 78 -42.32 12.78 16.22
C LYS B 78 -42.15 13.08 17.71
N ALA B 79 -41.89 12.04 18.52
CA ALA B 79 -41.63 12.22 19.94
C ALA B 79 -40.24 12.78 20.22
N ASN B 80 -39.36 12.86 19.22
CA ASN B 80 -37.99 13.33 19.43
C ASN B 80 -37.65 14.41 18.42
N PRO B 81 -38.27 15.59 18.53
CA PRO B 81 -38.00 16.64 17.54
C PRO B 81 -36.54 17.07 17.49
N ASN B 82 -35.82 16.97 18.60
CA ASN B 82 -34.41 17.32 18.58
C ASN B 82 -33.61 16.44 17.64
N MET B 83 -34.07 15.20 17.42
CA MET B 83 -33.39 14.32 16.48
C MET B 83 -33.66 14.70 15.02
N CYS B 84 -34.71 15.49 14.78
CA CYS B 84 -35.12 15.84 13.43
C CYS B 84 -34.50 17.14 12.95
N LEU B 85 -33.93 17.92 13.85
CA LEU B 85 -33.10 19.04 13.48
C LEU B 85 -31.79 18.53 12.91
N HIS B 86 -31.05 19.42 12.24
CA HIS B 86 -29.74 18.99 11.76
C HIS B 86 -28.76 18.83 12.90
N MET B 87 -28.75 19.76 13.87
CA MET B 87 -27.82 19.70 14.98
C MET B 87 -28.53 19.96 16.32
N GLY B 88 -29.59 19.23 16.59
CA GLY B 88 -30.29 19.40 17.85
C GLY B 88 -29.66 18.60 18.96
N THR B 89 -29.72 19.15 20.18
CA THR B 89 -29.21 18.47 21.36
C THR B 89 -30.02 17.19 21.56
N SER B 90 -29.43 16.03 21.25
CA SER B 90 -30.26 14.83 21.16
C SER B 90 -29.54 13.55 21.57
N LEU B 91 -28.30 13.59 22.05
CA LEU B 91 -27.60 12.35 22.36
C LEU B 91 -28.32 11.53 23.41
N ASN B 92 -28.87 12.17 24.46
CA ASN B 92 -29.54 11.39 25.49
C ASN B 92 -30.70 10.61 24.90
N ALA B 93 -31.50 11.24 24.04
CA ALA B 93 -32.65 10.56 23.45
C ALA B 93 -32.22 9.43 22.54
N ARG B 94 -31.13 9.65 21.79
CA ARG B 94 -30.58 8.60 20.93
C ARG B 94 -30.08 7.43 21.75
N GLN B 95 -29.27 7.71 22.78
CA GLN B 95 -28.76 6.65 23.65
C GLN B 95 -29.91 5.85 24.24
N ASP B 96 -30.97 6.54 24.67
CA ASP B 96 -32.06 5.84 25.33
C ASP B 96 -32.70 4.80 24.41
N ILE B 97 -32.79 5.11 23.11
CA ILE B 97 -33.33 4.17 22.15
C ILE B 97 -32.29 3.11 21.77
N SER B 98 -31.08 3.55 21.42
CA SER B 98 -30.14 2.65 20.78
C SER B 98 -29.57 1.62 21.75
N LEU B 99 -29.34 2.00 23.01
CA LEU B 99 -28.62 1.08 23.89
C LEU B 99 -29.45 -0.15 24.23
N VAL B 100 -30.77 -0.09 24.13
CA VAL B 100 -31.56 -1.30 24.31
C VAL B 100 -31.72 -2.05 22.98
N GLU B 101 -31.85 -1.32 21.87
CA GLU B 101 -32.04 -1.94 20.56
C GLU B 101 -30.82 -2.74 20.11
N VAL B 102 -29.61 -2.25 20.39
CA VAL B 102 -28.40 -2.94 19.90
C VAL B 102 -28.33 -4.37 20.43
N PRO B 103 -28.38 -4.63 21.74
CA PRO B 103 -28.34 -6.02 22.20
C PRO B 103 -29.61 -6.80 21.93
N LYS B 104 -30.76 -6.11 21.80
CA LYS B 104 -32.00 -6.82 21.48
C LYS B 104 -31.91 -7.44 20.09
N LEU B 105 -31.52 -6.65 19.09
CA LEU B 105 -31.38 -7.18 17.75
C LEU B 105 -30.23 -8.18 17.68
N GLY B 106 -29.15 -7.93 18.42
CA GLY B 106 -28.04 -8.87 18.45
C GLY B 106 -28.45 -10.22 19.01
N LYS B 107 -29.24 -10.21 20.09
CA LYS B 107 -29.74 -11.46 20.67
C LYS B 107 -30.60 -12.22 19.67
N GLU B 108 -31.43 -11.51 18.90
CA GLU B 108 -32.24 -12.20 17.90
C GLU B 108 -31.37 -12.96 16.91
N ALA B 109 -30.32 -12.30 16.40
CA ALA B 109 -29.42 -12.98 15.47
C ALA B 109 -28.65 -14.10 16.16
N ALA B 110 -28.17 -13.84 17.38
CA ALA B 110 -27.34 -14.81 18.10
C ALA B 110 -28.12 -16.08 18.39
N THR B 111 -29.39 -15.93 18.78
CA THR B 111 -30.19 -17.11 19.07
C THR B 111 -30.34 -17.97 17.82
N LYS B 112 -30.54 -17.33 16.66
CA LYS B 112 -30.65 -18.08 15.42
C LYS B 112 -29.35 -18.79 15.08
N ALA B 113 -28.20 -18.11 15.25
CA ALA B 113 -26.94 -18.75 14.91
C ALA B 113 -26.64 -19.93 15.84
N ILE B 114 -26.93 -19.78 17.12
CA ILE B 114 -26.69 -20.88 18.06
C ILE B 114 -27.58 -22.06 17.72
N LYS B 115 -28.84 -21.80 17.33
CA LYS B 115 -29.73 -22.88 16.90
C LYS B 115 -29.16 -23.61 15.68
N GLU B 116 -28.69 -22.85 14.67
CA GLU B 116 -28.10 -23.49 13.50
C GLU B 116 -26.92 -24.35 13.90
N TRP B 117 -26.05 -23.79 14.72
CA TRP B 117 -24.87 -24.52 15.19
C TRP B 117 -25.27 -25.81 15.87
N GLY B 118 -26.22 -25.74 16.79
CA GLY B 118 -26.81 -26.94 17.37
C GLY B 118 -26.14 -27.45 18.62
N GLN B 119 -25.15 -26.74 19.14
CA GLN B 119 -24.47 -27.10 20.36
C GLN B 119 -24.98 -26.29 21.53
N PRO B 120 -24.85 -26.79 22.76
CA PRO B 120 -25.34 -26.03 23.91
C PRO B 120 -24.57 -24.73 24.07
N LYS B 121 -25.28 -23.68 24.48
CA LYS B 121 -24.69 -22.37 24.67
C LYS B 121 -23.57 -22.38 25.70
N SER B 122 -23.54 -23.37 26.58
CA SER B 122 -22.48 -23.46 27.58
C SER B 122 -21.11 -23.76 26.95
N LYS B 123 -21.07 -24.19 25.70
CA LYS B 123 -19.80 -24.44 25.03
C LYS B 123 -19.23 -23.19 24.35
N ILE B 124 -19.96 -22.08 24.39
CA ILE B 124 -19.43 -20.81 23.92
C ILE B 124 -18.46 -20.29 24.97
N THR B 125 -17.19 -20.15 24.58
CA THR B 125 -16.12 -19.76 25.50
C THR B 125 -15.75 -18.28 25.36
N HIS B 126 -16.07 -17.69 24.22
CA HIS B 126 -15.69 -16.31 23.91
C HIS B 126 -16.87 -15.61 23.26
N LEU B 127 -16.98 -14.30 23.49
CA LEU B 127 -17.96 -13.47 22.80
C LEU B 127 -17.27 -12.23 22.28
N ILE B 128 -17.46 -11.93 21.00
CA ILE B 128 -17.05 -10.65 20.41
C ILE B 128 -18.33 -9.91 20.05
N PHE B 129 -18.53 -8.72 20.64
CA PHE B 129 -19.65 -7.86 20.26
C PHE B 129 -19.10 -6.61 19.57
N CYS B 130 -19.75 -6.21 18.48
CA CYS B 130 -19.31 -5.06 17.71
C CYS B 130 -20.49 -4.15 17.41
N THR B 131 -20.36 -2.86 17.75
CA THR B 131 -21.35 -1.87 17.34
C THR B 131 -20.72 -0.49 17.28
N SER B 132 -21.30 0.38 16.44
CA SER B 132 -20.99 1.80 16.46
C SER B 132 -22.22 2.63 16.82
N ALA B 133 -23.26 2.00 17.34
CA ALA B 133 -24.56 2.64 17.54
C ALA B 133 -24.76 3.19 18.94
N GLY B 134 -23.79 3.05 19.82
CA GLY B 134 -23.92 3.65 21.13
C GLY B 134 -23.12 2.94 22.18
N VAL B 135 -22.41 3.68 23.01
CA VAL B 135 -21.53 3.10 24.01
C VAL B 135 -22.19 3.21 25.38
N ASP B 136 -21.89 2.23 26.24
CA ASP B 136 -22.45 2.16 27.59
C ASP B 136 -21.50 1.31 28.42
N MET B 137 -21.57 1.48 29.75
CA MET B 137 -20.74 0.71 30.66
C MET B 137 -21.63 0.09 31.72
N PRO B 138 -21.67 -1.25 31.85
CA PRO B 138 -21.05 -2.26 30.99
C PRO B 138 -21.65 -2.21 29.60
N GLY B 139 -20.97 -2.83 28.63
CA GLY B 139 -21.32 -2.69 27.23
C GLY B 139 -22.36 -3.69 26.74
N ALA B 140 -22.61 -3.61 25.43
CA ALA B 140 -23.54 -4.53 24.80
C ALA B 140 -23.12 -5.98 24.94
N ASP B 141 -21.81 -6.24 25.04
CA ASP B 141 -21.35 -7.60 25.27
C ASP B 141 -21.90 -8.16 26.57
N TYR B 142 -21.89 -7.34 27.63
CA TYR B 142 -22.49 -7.76 28.90
C TYR B 142 -23.99 -7.98 28.75
N GLN B 143 -24.69 -7.04 28.10
CA GLN B 143 -26.12 -7.18 27.95
C GLN B 143 -26.47 -8.47 27.21
N LEU B 144 -25.74 -8.75 26.12
CA LEU B 144 -25.99 -9.95 25.34
C LEU B 144 -25.72 -11.21 26.15
N THR B 145 -24.64 -11.19 26.96
CA THR B 145 -24.33 -12.33 27.81
C THR B 145 -25.47 -12.65 28.77
N ARG B 146 -26.03 -11.63 29.39
CA ARG B 146 -27.12 -11.87 30.33
C ARG B 146 -28.40 -12.28 29.60
N LEU B 147 -28.74 -11.58 28.50
CA LEU B 147 -29.93 -11.93 27.73
C LEU B 147 -29.89 -13.36 27.20
N LEU B 148 -28.71 -13.81 26.77
CA LEU B 148 -28.60 -15.16 26.23
C LEU B 148 -28.42 -16.22 27.30
N GLY B 149 -28.00 -15.85 28.50
CA GLY B 149 -27.64 -16.85 29.47
C GLY B 149 -26.36 -17.58 29.12
N LEU B 150 -25.39 -16.87 28.55
CA LEU B 150 -24.07 -17.45 28.37
C LEU B 150 -23.38 -17.65 29.72
N SER B 151 -22.34 -18.47 29.72
CA SER B 151 -21.62 -18.72 30.95
C SER B 151 -21.05 -17.41 31.48
N PRO B 152 -21.06 -17.21 32.81
CA PRO B 152 -20.45 -15.99 33.36
C PRO B 152 -18.97 -15.87 33.04
N GLU B 153 -18.31 -16.97 32.74
CA GLU B 153 -16.89 -16.96 32.46
C GLU B 153 -16.59 -16.82 30.98
N VAL B 154 -17.59 -16.47 30.17
CA VAL B 154 -17.32 -16.23 28.75
C VAL B 154 -16.31 -15.10 28.63
N LYS B 155 -15.32 -15.28 27.78
CA LYS B 155 -14.27 -14.26 27.59
C LYS B 155 -14.76 -13.28 26.54
N ARG B 156 -15.02 -12.04 26.94
CA ARG B 156 -15.68 -11.06 26.09
C ARG B 156 -14.68 -10.05 25.52
N MET B 157 -14.95 -9.62 24.29
CA MET B 157 -14.22 -8.51 23.66
C MET B 157 -15.27 -7.59 23.06
N MET B 158 -15.28 -6.33 23.48
CA MET B 158 -16.28 -5.37 23.04
C MET B 158 -15.62 -4.38 22.07
N ILE B 159 -16.03 -4.41 20.80
CA ILE B 159 -15.43 -3.60 19.74
C ILE B 159 -16.39 -2.46 19.44
N TYR B 160 -16.15 -1.29 20.03
CA TYR B 160 -17.03 -0.14 19.89
C TYR B 160 -16.49 0.88 18.89
N GLN B 161 -17.41 1.43 18.08
CA GLN B 161 -17.19 2.67 17.32
C GLN B 161 -16.13 2.54 16.22
N GLN B 162 -15.93 1.34 15.68
CA GLN B 162 -14.97 1.15 14.61
C GLN B 162 -15.59 1.28 13.22
N GLY B 163 -16.90 1.44 13.12
CA GLY B 163 -17.47 1.77 11.84
C GLY B 163 -17.55 0.59 10.88
N CYS B 164 -17.46 0.92 9.59
CA CYS B 164 -17.87 0.02 8.52
C CYS B 164 -16.82 -1.02 8.14
N TYR B 165 -15.64 -1.00 8.73
CA TYR B 165 -14.69 -2.08 8.44
C TYR B 165 -14.71 -3.14 9.52
N ALA B 166 -15.48 -2.94 10.59
CA ALA B 166 -15.35 -3.80 11.76
C ALA B 166 -15.97 -5.17 11.57
N GLY B 167 -16.79 -5.39 10.54
CA GLY B 167 -17.22 -6.74 10.23
C GLY B 167 -16.06 -7.61 9.79
N ALA B 168 -15.04 -7.01 9.18
CA ALA B 168 -13.81 -7.73 8.95
C ALA B 168 -12.93 -7.80 10.20
N THR B 169 -12.90 -6.73 10.99
CA THR B 169 -12.13 -6.73 12.23
C THR B 169 -12.51 -7.89 13.13
N VAL B 170 -13.81 -8.16 13.28
CA VAL B 170 -14.20 -9.21 14.21
C VAL B 170 -13.76 -10.58 13.72
N LEU B 171 -13.65 -10.77 12.41
CA LEU B 171 -13.11 -12.03 11.90
C LEU B 171 -11.60 -12.13 12.17
N ARG B 172 -10.89 -11.01 12.01
CA ARG B 172 -9.47 -10.99 12.35
C ARG B 172 -9.26 -11.34 13.82
N LEU B 173 -10.08 -10.77 14.69
CA LEU B 173 -9.98 -11.05 16.11
C LEU B 173 -10.34 -12.50 16.41
N ALA B 174 -11.45 -12.99 15.83
CA ALA B 174 -11.90 -14.36 16.09
C ALA B 174 -10.85 -15.39 15.67
N LYS B 175 -10.12 -15.11 14.58
CA LYS B 175 -9.09 -16.03 14.12
C LYS B 175 -8.03 -16.25 15.20
N ASP B 176 -7.52 -15.16 15.80
CA ASP B 176 -6.49 -15.33 16.82
C ASP B 176 -7.05 -15.95 18.10
N LEU B 177 -8.29 -15.59 18.48
CA LEU B 177 -8.86 -16.16 19.69
C LEU B 177 -9.07 -17.66 19.55
N THR B 178 -9.63 -18.11 18.42
CA THR B 178 -9.95 -19.53 18.28
C THR B 178 -8.69 -20.36 18.08
N GLU B 179 -7.73 -19.84 17.35
CA GLU B 179 -6.57 -20.66 17.04
C GLU B 179 -5.58 -20.72 18.19
N ASN B 180 -5.64 -19.80 19.15
CA ASN B 180 -4.73 -19.90 20.27
C ASN B 180 -5.34 -20.57 21.50
N ASN B 181 -6.61 -20.98 21.42
CA ASN B 181 -7.31 -21.57 22.57
C ASN B 181 -8.00 -22.83 22.11
N LYS B 182 -7.40 -23.97 22.45
CA LYS B 182 -7.89 -25.26 21.97
C LYS B 182 -9.31 -25.50 22.42
N GLY B 183 -10.17 -25.86 21.46
CA GLY B 183 -11.56 -26.14 21.75
C GLY B 183 -12.45 -24.93 21.92
N SER B 184 -11.92 -23.72 21.79
CA SER B 184 -12.75 -22.56 22.03
C SER B 184 -13.77 -22.39 20.90
N ARG B 185 -14.90 -21.80 21.27
CA ARG B 185 -15.95 -21.47 20.33
C ARG B 185 -16.33 -20.01 20.58
N VAL B 186 -16.16 -19.17 19.56
CA VAL B 186 -16.44 -17.75 19.68
C VAL B 186 -17.80 -17.46 19.06
N LEU B 187 -18.64 -16.73 19.80
CA LEU B 187 -19.83 -16.11 19.25
C LEU B 187 -19.47 -14.68 18.88
N ILE B 188 -19.66 -14.32 17.60
CA ILE B 188 -19.48 -12.95 17.12
C ILE B 188 -20.87 -12.36 16.92
N VAL B 189 -21.10 -11.15 17.44
CA VAL B 189 -22.33 -10.43 17.13
C VAL B 189 -22.01 -9.00 16.71
N CYS B 190 -22.54 -8.60 15.57
CA CYS B 190 -22.47 -7.24 15.04
C CYS B 190 -23.88 -6.68 15.02
N SER B 191 -24.11 -5.53 15.64
CA SER B 191 -25.46 -4.96 15.68
C SER B 191 -25.37 -3.46 15.45
N GLU B 192 -26.06 -2.95 14.41
CA GLU B 192 -25.93 -1.57 13.99
C GLU B 192 -27.32 -0.97 13.77
N ASN B 193 -27.42 0.36 13.90
CA ASN B 193 -28.67 1.03 13.59
C ASN B 193 -28.42 2.50 13.25
N THR B 194 -29.49 3.18 12.85
CA THR B 194 -29.39 4.56 12.40
C THR B 194 -29.70 5.57 13.49
N VAL B 195 -29.94 5.11 14.72
CA VAL B 195 -30.36 6.02 15.79
C VAL B 195 -29.34 7.10 16.07
N PRO B 196 -28.03 6.83 16.14
CA PRO B 196 -27.11 7.94 16.42
C PRO B 196 -26.93 8.89 15.27
N THR B 197 -27.17 8.47 14.03
CA THR B 197 -26.86 9.29 12.87
C THR B 197 -28.03 10.00 12.24
N PHE B 198 -29.27 9.52 12.45
CA PHE B 198 -30.40 10.19 11.81
C PHE B 198 -30.43 11.66 12.21
N ARG B 199 -30.59 12.55 11.22
CA ARG B 199 -30.74 13.97 11.53
C ARG B 199 -31.32 14.66 10.30
N GLY B 200 -31.79 15.90 10.52
CA GLY B 200 -32.32 16.73 9.47
C GLY B 200 -31.25 17.22 8.51
N PRO B 201 -31.67 17.72 7.36
CA PRO B 201 -30.75 18.11 6.30
C PRO B 201 -30.22 19.53 6.42
N SER B 202 -29.05 19.76 5.82
CA SER B 202 -28.45 21.09 5.81
C SER B 202 -27.72 21.32 4.49
N ASP B 203 -27.91 22.52 3.91
CA ASP B 203 -27.36 22.86 2.59
C ASP B 203 -25.85 22.73 2.54
N THR B 204 -25.16 23.02 3.64
CA THR B 204 -23.70 23.03 3.68
C THR B 204 -23.14 21.73 4.26
N HIS B 205 -23.96 20.68 4.36
CA HIS B 205 -23.53 19.39 4.90
C HIS B 205 -24.13 18.27 4.06
N ILE B 206 -23.81 18.32 2.76
CA ILE B 206 -24.26 17.28 1.83
C ILE B 206 -23.71 15.92 2.22
N ASP B 207 -22.55 15.88 2.86
CA ASP B 207 -22.01 14.58 3.25
C ASP B 207 -22.89 13.91 4.29
N SER B 208 -23.50 14.68 5.19
CA SER B 208 -24.45 14.07 6.11
C SER B 208 -25.65 13.53 5.35
N LEU B 209 -26.05 14.23 4.29
CA LEU B 209 -27.16 13.77 3.46
C LEU B 209 -26.87 12.41 2.85
N VAL B 210 -25.61 12.16 2.47
CA VAL B 210 -25.22 10.85 1.95
C VAL B 210 -25.55 9.76 2.96
N GLY B 211 -25.18 9.96 4.23
CA GLY B 211 -25.47 8.99 5.25
C GLY B 211 -26.96 8.76 5.42
N GLN B 212 -27.77 9.81 5.30
CA GLN B 212 -29.21 9.63 5.41
C GLN B 212 -29.77 8.79 4.28
N ALA B 213 -29.09 8.75 3.13
CA ALA B 213 -29.54 7.91 2.04
C ALA B 213 -29.09 6.45 2.18
N LEU B 214 -28.05 6.19 2.96
CA LEU B 214 -27.41 4.86 2.96
C LEU B 214 -27.60 4.05 4.23
N PHE B 215 -27.54 4.67 5.42
CA PHE B 215 -27.40 3.88 6.64
C PHE B 215 -28.70 3.15 7.00
N ALA B 216 -28.54 1.96 7.59
CA ALA B 216 -29.65 1.08 7.90
C ALA B 216 -29.37 0.26 9.15
N ASP B 217 -30.39 -0.47 9.61
CA ASP B 217 -30.27 -1.31 10.80
C ASP B 217 -30.10 -2.77 10.43
N GLY B 218 -29.29 -3.47 11.21
CA GLY B 218 -29.27 -4.91 11.12
C GLY B 218 -28.25 -5.51 12.07
N ALA B 219 -28.39 -6.81 12.28
CA ALA B 219 -27.48 -7.53 13.15
C ALA B 219 -27.15 -8.88 12.52
N ALA B 220 -25.92 -9.33 12.72
CA ALA B 220 -25.52 -10.64 12.28
C ALA B 220 -24.74 -11.32 13.39
N ALA B 221 -24.83 -12.65 13.41
CA ALA B 221 -24.10 -13.41 14.41
C ALA B 221 -23.46 -14.63 13.75
N LEU B 222 -22.30 -15.02 14.27
CA LEU B 222 -21.53 -16.15 13.76
C LEU B 222 -21.02 -16.97 14.92
N ILE B 223 -20.81 -18.27 14.67
CA ILE B 223 -20.03 -19.14 15.53
C ILE B 223 -18.75 -19.49 14.79
N VAL B 224 -17.62 -19.38 15.48
CA VAL B 224 -16.32 -19.70 14.89
C VAL B 224 -15.58 -20.65 15.81
N GLY B 225 -14.89 -21.62 15.23
CA GLY B 225 -14.02 -22.50 16.01
C GLY B 225 -12.91 -23.00 15.12
N ALA B 226 -11.78 -23.33 15.73
CA ALA B 226 -10.61 -23.72 14.95
C ALA B 226 -10.49 -25.23 14.80
N ASP B 227 -11.22 -26.01 15.60
CA ASP B 227 -11.15 -27.48 15.53
C ASP B 227 -12.54 -28.07 15.34
N PRO B 228 -13.19 -27.80 14.21
CA PRO B 228 -14.56 -28.28 14.03
C PRO B 228 -14.66 -29.80 14.08
N ASP B 229 -15.69 -30.28 14.76
CA ASP B 229 -15.98 -31.71 14.84
C ASP B 229 -16.94 -32.06 13.72
N ALA B 230 -16.44 -32.74 12.68
CA ALA B 230 -17.26 -33.01 11.51
C ALA B 230 -18.50 -33.85 11.83
N SER B 231 -18.52 -34.53 12.98
CA SER B 231 -19.68 -35.36 13.31
C SER B 231 -20.87 -34.51 13.77
N ILE B 232 -20.60 -33.31 14.27
CA ILE B 232 -21.66 -32.45 14.84
C ILE B 232 -21.67 -31.06 14.26
N GLU B 233 -20.59 -30.58 13.66
CA GLU B 233 -20.50 -29.21 13.21
C GLU B 233 -20.31 -29.18 11.70
N ARG B 234 -20.65 -28.06 11.08
CA ARG B 234 -20.69 -27.94 9.63
C ARG B 234 -19.94 -26.70 9.18
N PRO B 235 -18.70 -26.85 8.73
CA PRO B 235 -17.95 -25.68 8.24
C PRO B 235 -18.62 -25.00 7.06
N LEU B 236 -18.53 -23.67 7.04
CA LEU B 236 -19.01 -22.84 5.95
C LEU B 236 -17.88 -22.10 5.25
N TYR B 237 -16.93 -21.53 5.99
CA TYR B 237 -15.79 -20.80 5.45
C TYR B 237 -14.64 -20.96 6.43
N HIS B 238 -13.42 -20.91 5.90
CA HIS B 238 -12.22 -20.89 6.72
C HIS B 238 -11.59 -19.50 6.62
N ILE B 239 -11.16 -18.98 7.77
CA ILE B 239 -10.53 -17.65 7.82
C ILE B 239 -9.03 -17.87 7.76
N VAL B 240 -8.44 -17.64 6.57
CA VAL B 240 -7.06 -18.06 6.31
C VAL B 240 -6.06 -17.00 6.76
N SER B 241 -6.35 -15.73 6.49
CA SER B 241 -5.49 -14.65 6.96
C SER B 241 -6.33 -13.38 7.05
N ALA B 242 -5.78 -12.39 7.78
CA ALA B 242 -6.50 -11.15 8.06
C ALA B 242 -5.51 -10.02 8.23
N SER B 243 -5.63 -8.98 7.38
CA SER B 243 -4.72 -7.85 7.37
C SER B 243 -5.51 -6.55 7.51
N GLN B 244 -4.79 -5.51 7.91
CA GLN B 244 -5.41 -4.20 8.06
C GLN B 244 -4.41 -3.16 7.60
N THR B 245 -4.87 -2.15 6.86
CA THR B 245 -3.93 -1.09 6.49
C THR B 245 -4.63 0.26 6.41
N LEU B 246 -3.83 1.32 6.57
CA LEU B 246 -4.27 2.69 6.37
C LEU B 246 -3.84 3.16 4.99
N LEU B 247 -4.70 3.92 4.35
CA LEU B 247 -4.35 4.30 2.99
C LEU B 247 -3.54 5.60 2.95
N PRO B 248 -2.55 5.66 2.06
CA PRO B 248 -1.70 6.84 2.00
C PRO B 248 -2.48 8.09 1.62
N ASP B 249 -2.15 9.20 2.28
CA ASP B 249 -2.66 10.53 1.98
C ASP B 249 -4.14 10.67 2.25
N SER B 250 -4.75 9.77 3.02
CA SER B 250 -6.19 9.73 3.20
C SER B 250 -6.68 10.33 4.51
N ASP B 251 -5.78 10.88 5.35
CA ASP B 251 -6.18 11.43 6.64
C ASP B 251 -7.37 12.36 6.52
N GLY B 252 -8.36 12.13 7.39
CA GLY B 252 -9.53 12.98 7.47
C GLY B 252 -10.57 12.76 6.38
N ALA B 253 -10.40 11.76 5.53
CA ALA B 253 -11.36 11.56 4.45
C ALA B 253 -12.74 11.14 4.98
N ILE B 254 -12.79 10.33 6.04
CA ILE B 254 -14.03 9.96 6.70
C ILE B 254 -13.86 10.16 8.21
N GLU B 255 -14.75 10.94 8.81
CA GLU B 255 -14.72 11.11 10.26
C GLU B 255 -16.13 11.03 10.80
N GLY B 256 -16.24 10.49 12.00
CA GLY B 256 -17.50 10.46 12.71
C GLY B 256 -17.26 10.93 14.12
N HIS B 257 -18.03 11.92 14.58
CA HIS B 257 -17.84 12.49 15.91
C HIS B 257 -19.07 12.23 16.76
N ILE B 258 -18.84 11.79 17.99
CA ILE B 258 -19.88 11.58 18.97
C ILE B 258 -20.03 12.89 19.74
N ARG B 259 -21.16 13.56 19.54
CA ARG B 259 -21.42 14.90 20.05
C ARG B 259 -22.78 14.97 20.73
N GLU B 260 -23.06 16.16 21.27
CA GLU B 260 -24.36 16.40 21.88
C GLU B 260 -25.51 16.20 20.91
N ALA B 261 -25.27 16.34 19.61
CA ALA B 261 -26.29 16.12 18.60
C ALA B 261 -26.27 14.71 18.03
N GLY B 262 -25.53 13.80 18.66
CA GLY B 262 -25.42 12.46 18.15
C GLY B 262 -24.12 12.25 17.39
N LEU B 263 -24.15 11.24 16.52
CA LEU B 263 -23.00 10.87 15.71
C LEU B 263 -23.07 11.63 14.41
N THR B 264 -22.15 12.57 14.22
CA THR B 264 -22.10 13.39 13.03
C THR B 264 -21.06 12.81 12.08
N VAL B 265 -21.38 12.81 10.79
CA VAL B 265 -20.59 12.14 9.77
C VAL B 265 -20.03 13.17 8.81
N HIS B 266 -18.77 13.01 8.44
CA HIS B 266 -18.04 13.98 7.63
C HIS B 266 -17.25 13.23 6.56
N LEU B 267 -17.51 13.54 5.30
CA LEU B 267 -16.99 12.76 4.19
C LEU B 267 -16.39 13.72 3.16
N LYS B 268 -15.17 13.45 2.74
CA LYS B 268 -14.60 14.21 1.64
C LYS B 268 -14.93 13.55 0.29
N LYS B 269 -14.83 14.35 -0.78
CA LYS B 269 -15.30 13.91 -2.09
C LYS B 269 -14.47 12.76 -2.66
N ASP B 270 -13.21 12.66 -2.28
CA ASP B 270 -12.28 11.74 -2.96
C ASP B 270 -12.39 10.29 -2.49
N VAL B 271 -13.38 9.95 -1.66
CA VAL B 271 -13.31 8.69 -0.91
C VAL B 271 -13.30 7.46 -1.82
N PRO B 272 -14.19 7.31 -2.81
CA PRO B 272 -14.13 6.11 -3.65
C PRO B 272 -12.81 5.96 -4.39
N ALA B 273 -12.20 7.05 -4.80
CA ALA B 273 -10.93 6.99 -5.50
C ALA B 273 -9.80 6.51 -4.60
N PHE B 274 -9.84 6.85 -3.31
CA PHE B 274 -8.83 6.36 -2.39
C PHE B 274 -8.87 4.85 -2.30
N PHE B 275 -10.08 4.29 -2.15
CA PHE B 275 -10.19 2.85 -1.98
C PHE B 275 -9.84 2.13 -3.28
N SER B 276 -10.37 2.61 -4.41
CA SER B 276 -10.09 1.89 -5.66
C SER B 276 -8.63 2.03 -6.10
N ALA B 277 -7.96 3.15 -5.80
CA ALA B 277 -6.55 3.28 -6.19
C ALA B 277 -5.64 2.38 -5.37
N ASN B 278 -6.09 1.93 -4.20
CA ASN B 278 -5.22 1.23 -3.28
C ASN B 278 -5.60 -0.22 -3.05
N ILE B 279 -6.73 -0.69 -3.58
CA ILE B 279 -7.22 -2.01 -3.19
C ILE B 279 -6.33 -3.11 -3.76
N GLU B 280 -5.70 -2.88 -4.93
CA GLU B 280 -4.93 -3.97 -5.51
C GLU B 280 -3.68 -4.25 -4.70
N LYS B 281 -3.10 -3.24 -4.04
CA LYS B 281 -1.98 -3.51 -3.13
C LYS B 281 -2.40 -4.49 -2.03
N SER B 282 -3.61 -4.30 -1.49
CA SER B 282 -4.08 -5.21 -0.45
C SER B 282 -4.29 -6.60 -1.01
N LEU B 283 -4.77 -6.72 -2.24
CA LEU B 283 -4.95 -8.03 -2.87
C LEU B 283 -3.62 -8.72 -3.09
N VAL B 284 -2.64 -7.99 -3.63
CA VAL B 284 -1.35 -8.62 -3.86
C VAL B 284 -0.70 -9.03 -2.56
N ASP B 285 -0.77 -8.17 -1.52
CA ASP B 285 -0.16 -8.53 -0.24
C ASP B 285 -0.79 -9.80 0.31
N ALA B 286 -2.11 -9.92 0.20
CA ALA B 286 -2.82 -11.04 0.80
C ALA B 286 -2.69 -12.33 -0.01
N PHE B 287 -2.60 -12.24 -1.34
CA PHE B 287 -2.65 -13.44 -2.15
C PHE B 287 -1.30 -13.90 -2.68
N THR B 288 -0.23 -13.14 -2.43
CA THR B 288 1.10 -13.60 -2.82
C THR B 288 1.49 -14.93 -2.18
N PRO B 289 1.24 -15.19 -0.88
CA PRO B 289 1.57 -16.52 -0.33
C PRO B 289 0.72 -17.64 -0.91
N ILE B 290 -0.40 -17.32 -1.53
CA ILE B 290 -1.28 -18.32 -2.12
C ILE B 290 -1.01 -18.51 -3.60
N GLY B 291 -0.48 -17.50 -4.29
CA GLY B 291 -0.13 -17.66 -5.68
C GLY B 291 -1.22 -17.27 -6.64
N ILE B 292 -2.16 -16.43 -6.21
CA ILE B 292 -3.28 -16.01 -7.04
C ILE B 292 -3.04 -14.57 -7.50
N SER B 293 -3.29 -14.33 -8.79
CA SER B 293 -3.25 -12.98 -9.34
C SER B 293 -4.46 -12.64 -10.20
N ASP B 294 -5.34 -13.58 -10.48
CA ASP B 294 -6.52 -13.35 -11.29
C ASP B 294 -7.66 -13.05 -10.35
N TRP B 295 -8.03 -11.77 -10.24
CA TRP B 295 -9.04 -11.41 -9.24
C TRP B 295 -10.44 -11.88 -9.61
N ASN B 296 -10.64 -12.39 -10.82
CA ASN B 296 -11.92 -13.00 -11.15
C ASN B 296 -11.97 -14.46 -10.74
N SER B 297 -10.85 -15.05 -10.30
CA SER B 297 -10.79 -16.46 -9.94
C SER B 297 -11.04 -16.72 -8.46
N ILE B 298 -11.33 -15.68 -7.67
CA ILE B 298 -11.65 -15.80 -6.26
C ILE B 298 -13.08 -15.28 -6.06
N PHE B 299 -13.72 -15.73 -4.97
CA PHE B 299 -15.02 -15.13 -4.67
C PHE B 299 -14.85 -13.88 -3.81
N TRP B 300 -15.87 -13.02 -3.86
CA TRP B 300 -15.77 -11.65 -3.34
C TRP B 300 -16.86 -11.36 -2.31
N ILE B 301 -16.46 -10.84 -1.15
CA ILE B 301 -17.39 -10.23 -0.20
C ILE B 301 -16.84 -8.84 0.07
N ALA B 302 -17.50 -7.82 -0.46
CA ALA B 302 -16.99 -6.47 -0.32
C ALA B 302 -18.03 -5.64 0.39
N HIS B 303 -17.62 -4.95 1.45
CA HIS B 303 -18.52 -4.03 2.12
C HIS B 303 -19.12 -3.07 1.10
N PRO B 304 -20.45 -3.03 0.95
CA PRO B 304 -21.06 -2.31 -0.19
C PRO B 304 -21.67 -0.96 0.18
N GLY B 305 -21.49 -0.50 1.41
CA GLY B 305 -22.17 0.69 1.89
C GLY B 305 -21.84 1.96 1.13
N GLY B 306 -20.70 2.01 0.45
CA GLY B 306 -20.43 3.05 -0.52
C GLY B 306 -20.47 2.48 -1.93
N PRO B 307 -21.57 2.69 -2.64
CA PRO B 307 -21.74 2.05 -3.96
C PRO B 307 -20.70 2.49 -5.00
N ALA B 308 -20.30 3.76 -4.98
CA ALA B 308 -19.26 4.19 -5.90
C ALA B 308 -17.93 3.50 -5.62
N ILE B 309 -17.70 3.09 -4.37
CA ILE B 309 -16.48 2.34 -4.05
C ILE B 309 -16.44 1.04 -4.84
N LEU B 310 -17.54 0.29 -4.81
CA LEU B 310 -17.61 -1.00 -5.51
C LEU B 310 -17.57 -0.80 -7.02
N ASP B 311 -18.26 0.22 -7.52
CA ASP B 311 -18.19 0.50 -8.96
C ASP B 311 -16.75 0.77 -9.41
N GLN B 312 -16.02 1.57 -8.65
CA GLN B 312 -14.66 1.91 -9.07
C GLN B 312 -13.72 0.73 -8.89
N VAL B 313 -13.91 -0.06 -7.82
CA VAL B 313 -13.09 -1.25 -7.65
C VAL B 313 -13.32 -2.23 -8.78
N GLU B 314 -14.59 -2.43 -9.13
CA GLU B 314 -14.93 -3.31 -10.24
C GLU B 314 -14.26 -2.85 -11.53
N GLU B 315 -14.36 -1.55 -11.82
CA GLU B 315 -13.78 -1.01 -13.04
C GLU B 315 -12.26 -1.12 -13.02
N LYS B 316 -11.64 -0.74 -11.89
CA LYS B 316 -10.18 -0.71 -11.78
C LYS B 316 -9.56 -2.09 -11.94
N LEU B 317 -10.18 -3.11 -11.33
CA LEU B 317 -9.63 -4.46 -11.36
C LEU B 317 -10.13 -5.28 -12.55
N GLY B 318 -11.10 -4.78 -13.31
CA GLY B 318 -11.69 -5.60 -14.36
C GLY B 318 -12.48 -6.78 -13.84
N LEU B 319 -13.18 -6.62 -12.73
CA LEU B 319 -14.05 -7.69 -12.27
C LEU B 319 -15.20 -7.89 -13.25
N ARG B 320 -15.53 -9.15 -13.52
CA ARG B 320 -16.69 -9.46 -14.33
C ARG B 320 -17.98 -9.09 -13.59
N LYS B 321 -19.06 -8.92 -14.37
CA LYS B 321 -20.20 -8.13 -13.91
C LYS B 321 -20.93 -8.76 -12.72
N ASP B 322 -20.74 -10.05 -12.45
CA ASP B 322 -21.47 -10.69 -11.37
C ASP B 322 -20.58 -11.06 -10.18
N LYS B 323 -19.30 -10.67 -10.20
CA LYS B 323 -18.43 -10.99 -9.07
C LYS B 323 -18.96 -10.37 -7.78
N LEU B 324 -19.54 -9.17 -7.86
CA LEU B 324 -20.02 -8.48 -6.68
C LEU B 324 -21.51 -8.67 -6.46
N LYS B 325 -22.12 -9.69 -7.06
CA LYS B 325 -23.58 -9.83 -7.03
C LYS B 325 -24.11 -10.00 -5.61
N ALA B 326 -23.49 -10.89 -4.82
CA ALA B 326 -23.95 -11.09 -3.45
C ALA B 326 -23.82 -9.81 -2.64
N SER B 327 -22.72 -9.08 -2.83
CA SER B 327 -22.51 -7.86 -2.07
C SER B 327 -23.56 -6.80 -2.42
N ARG B 328 -23.84 -6.64 -3.72
CA ARG B 328 -24.82 -5.65 -4.16
C ARG B 328 -26.24 -6.07 -3.81
N HIS B 329 -26.51 -7.37 -3.77
CA HIS B 329 -27.83 -7.83 -3.34
C HIS B 329 -28.10 -7.42 -1.90
N VAL B 330 -27.13 -7.61 -1.00
CA VAL B 330 -27.36 -7.21 0.38
C VAL B 330 -27.56 -5.71 0.47
N MET B 331 -26.76 -4.93 -0.27
CA MET B 331 -26.95 -3.49 -0.27
C MET B 331 -28.34 -3.12 -0.79
N SER B 332 -28.84 -3.84 -1.80
CA SER B 332 -30.15 -3.53 -2.36
C SER B 332 -31.27 -3.81 -1.36
N GLU B 333 -31.20 -4.94 -0.66
CA GLU B 333 -32.30 -5.35 0.19
C GLU B 333 -32.22 -4.80 1.60
N PHE B 334 -31.05 -4.28 2.00
CA PHE B 334 -30.85 -3.88 3.38
C PHE B 334 -30.13 -2.55 3.58
N GLY B 335 -29.51 -1.96 2.57
CA GLY B 335 -28.78 -0.74 2.79
C GLY B 335 -27.46 -0.99 3.52
N ASN B 336 -26.85 0.10 3.96
CA ASN B 336 -25.55 0.07 4.62
C ASN B 336 -25.74 -0.12 6.12
N MET B 337 -25.69 -1.37 6.56
CA MET B 337 -25.76 -1.76 7.97
C MET B 337 -24.39 -1.80 8.61
N SER B 338 -23.43 -1.04 8.08
CA SER B 338 -22.10 -0.89 8.71
C SER B 338 -21.45 -2.26 8.86
N SER B 339 -20.97 -2.63 10.05
CA SER B 339 -20.18 -3.85 10.24
C SER B 339 -20.96 -5.10 9.88
N ALA B 340 -22.28 -5.08 9.99
CA ALA B 340 -23.04 -6.29 9.74
C ALA B 340 -23.08 -6.67 8.25
N CYS B 341 -22.81 -5.73 7.33
CA CYS B 341 -23.02 -6.02 5.90
C CYS B 341 -22.24 -7.24 5.43
N VAL B 342 -20.93 -7.30 5.72
CA VAL B 342 -20.15 -8.38 5.13
C VAL B 342 -20.62 -9.72 5.69
N LEU B 343 -21.18 -9.70 6.91
CA LEU B 343 -21.67 -10.95 7.49
C LEU B 343 -22.98 -11.36 6.84
N PHE B 344 -23.86 -10.40 6.55
CA PHE B 344 -25.04 -10.68 5.73
C PHE B 344 -24.64 -11.26 4.38
N ILE B 345 -23.59 -10.70 3.77
CA ILE B 345 -23.17 -11.16 2.45
C ILE B 345 -22.65 -12.60 2.53
N LEU B 346 -21.91 -12.94 3.58
CA LEU B 346 -21.47 -14.33 3.74
C LEU B 346 -22.65 -15.28 3.84
N ASP B 347 -23.65 -14.90 4.65
CA ASP B 347 -24.86 -15.71 4.76
C ASP B 347 -25.58 -15.83 3.42
N GLU B 348 -25.75 -14.70 2.71
CA GLU B 348 -26.38 -14.72 1.39
C GLU B 348 -25.62 -15.63 0.44
N MET B 349 -24.29 -15.56 0.46
CA MET B 349 -23.51 -16.35 -0.49
C MET B 349 -23.66 -17.84 -0.22
N ARG B 350 -23.51 -18.27 1.04
CA ARG B 350 -23.56 -19.71 1.28
C ARG B 350 -24.97 -20.26 1.04
N LYS B 351 -26.01 -19.46 1.28
CA LYS B 351 -27.37 -19.93 0.99
C LYS B 351 -27.61 -19.99 -0.51
N THR B 352 -27.18 -18.96 -1.25
CA THR B 352 -27.35 -18.98 -2.71
C THR B 352 -26.59 -20.15 -3.33
N CYS B 353 -25.38 -20.43 -2.85
CA CYS B 353 -24.58 -21.50 -3.44
C CYS B 353 -25.23 -22.85 -3.19
N LEU B 354 -25.76 -23.05 -1.98
CA LEU B 354 -26.48 -24.28 -1.69
C LEU B 354 -27.67 -24.45 -2.62
N GLU B 355 -28.43 -23.38 -2.84
CA GLU B 355 -29.65 -23.50 -3.63
C GLU B 355 -29.38 -23.59 -5.13
N GLU B 356 -28.29 -22.99 -5.62
CA GLU B 356 -27.92 -23.05 -7.03
C GLU B 356 -27.07 -24.27 -7.36
N GLY B 357 -26.87 -25.19 -6.40
CA GLY B 357 -26.04 -26.35 -6.67
C GLY B 357 -24.60 -26.06 -7.01
N LYS B 358 -24.04 -24.98 -6.46
CA LYS B 358 -22.62 -24.68 -6.66
C LYS B 358 -21.76 -25.71 -5.93
N ALA B 359 -20.52 -25.84 -6.39
CA ALA B 359 -19.61 -26.85 -5.87
C ALA B 359 -19.02 -26.49 -4.51
N THR B 360 -19.04 -25.21 -4.14
CA THR B 360 -18.50 -24.72 -2.87
C THR B 360 -19.38 -23.58 -2.38
N THR B 361 -19.16 -23.19 -1.12
CA THR B 361 -19.85 -22.05 -0.54
C THR B 361 -19.34 -20.74 -1.08
N GLY B 362 -18.34 -20.79 -1.94
CA GLY B 362 -17.76 -19.59 -2.51
C GLY B 362 -18.00 -19.50 -4.00
N GLU B 363 -19.25 -19.73 -4.39
CA GLU B 363 -19.67 -19.62 -5.78
C GLU B 363 -18.92 -20.61 -6.66
N GLY B 364 -18.61 -21.78 -6.09
CA GLY B 364 -17.90 -22.80 -6.80
C GLY B 364 -16.40 -22.63 -6.81
N LEU B 365 -15.89 -21.55 -6.23
CA LEU B 365 -14.47 -21.25 -6.19
C LEU B 365 -13.91 -21.59 -4.82
N ASP B 366 -12.58 -21.76 -4.77
CA ASP B 366 -11.90 -22.21 -3.57
C ASP B 366 -11.46 -21.07 -2.67
N TRP B 367 -10.88 -20.01 -3.24
CA TRP B 367 -10.34 -18.90 -2.46
C TRP B 367 -11.24 -17.68 -2.61
N GLY B 368 -11.35 -16.90 -1.53
CA GLY B 368 -12.16 -15.71 -1.54
C GLY B 368 -11.51 -14.58 -0.77
N VAL B 369 -12.07 -13.39 -0.95
CA VAL B 369 -11.59 -12.22 -0.23
C VAL B 369 -12.76 -11.48 0.35
N LEU B 370 -12.60 -11.00 1.58
CA LEU B 370 -13.61 -10.23 2.29
C LEU B 370 -12.95 -8.90 2.67
N PHE B 371 -13.60 -7.81 2.30
CA PHE B 371 -13.08 -6.46 2.51
C PHE B 371 -13.99 -5.67 3.43
N GLY B 372 -13.40 -5.03 4.43
CA GLY B 372 -14.06 -3.96 5.19
C GLY B 372 -13.39 -2.63 4.84
N PHE B 373 -14.21 -1.58 4.70
CA PHE B 373 -13.77 -0.23 4.37
C PHE B 373 -14.29 0.73 5.43
N GLY B 374 -13.46 1.65 5.90
CA GLY B 374 -13.94 2.55 6.93
C GLY B 374 -13.03 3.70 7.25
N PRO B 375 -13.23 4.34 8.41
CA PRO B 375 -12.45 5.52 8.77
C PRO B 375 -10.96 5.22 8.92
N GLY B 376 -10.13 6.18 8.49
CA GLY B 376 -8.70 6.04 8.58
C GLY B 376 -7.95 6.74 7.47
N LEU B 377 -8.13 6.37 6.21
CA LEU B 377 -9.18 5.44 5.76
C LEU B 377 -9.25 3.95 6.30
N THR B 378 -8.35 3.02 6.08
CA THR B 378 -8.49 1.64 6.59
C THR B 378 -9.26 0.72 5.65
N VAL B 379 -8.51 -0.24 5.17
CA VAL B 379 -8.99 -1.40 4.46
C VAL B 379 -8.63 -2.61 5.31
N GLU B 380 -9.63 -3.42 5.65
CA GLU B 380 -9.40 -4.72 6.26
C GLU B 380 -9.56 -5.79 5.18
N THR B 381 -8.57 -6.68 5.05
CA THR B 381 -8.53 -7.70 3.99
C THR B 381 -8.46 -9.08 4.64
N VAL B 382 -9.51 -9.86 4.49
CA VAL B 382 -9.59 -11.21 5.04
C VAL B 382 -9.57 -12.18 3.87
N VAL B 383 -8.64 -13.13 3.89
CA VAL B 383 -8.61 -14.21 2.90
C VAL B 383 -9.42 -15.36 3.46
N LEU B 384 -10.36 -15.86 2.67
CA LEU B 384 -11.24 -16.95 3.04
C LEU B 384 -10.98 -18.15 2.13
N ARG B 385 -11.26 -19.34 2.65
CA ARG B 385 -11.45 -20.51 1.80
C ARG B 385 -12.89 -20.96 1.96
N SER B 386 -13.48 -21.36 0.85
CA SER B 386 -14.80 -21.94 0.85
C SER B 386 -14.73 -23.39 1.31
N VAL B 387 -15.90 -24.01 1.45
CA VAL B 387 -16.03 -25.41 1.83
C VAL B 387 -16.82 -26.10 0.72
N PRO B 388 -16.51 -27.36 0.36
CA PRO B 388 -17.29 -28.03 -0.67
C PRO B 388 -18.72 -28.27 -0.21
N ILE B 389 -19.62 -28.39 -1.20
CA ILE B 389 -21.05 -28.64 -1.09
C ILE B 389 -21.60 -28.68 0.32
N GLY C 15 36.75 -14.42 -21.69
CA GLY C 15 35.89 -13.69 -22.60
C GLY C 15 34.83 -12.91 -21.85
N LEU C 16 35.25 -12.26 -20.78
CA LEU C 16 34.36 -11.44 -19.96
C LEU C 16 34.27 -10.03 -20.51
N ALA C 17 33.08 -9.44 -20.37
CA ALA C 17 32.91 -8.02 -20.69
C ALA C 17 33.91 -7.18 -19.90
N THR C 18 34.50 -6.20 -20.58
CA THR C 18 35.57 -5.40 -20.01
C THR C 18 35.32 -3.93 -20.29
N ILE C 19 35.47 -3.08 -19.27
CA ILE C 19 35.39 -1.63 -19.45
C ILE C 19 36.71 -1.14 -20.00
N LEU C 20 36.66 -0.45 -21.15
CA LEU C 20 37.87 -0.01 -21.84
C LEU C 20 38.14 1.48 -21.81
N ALA C 21 37.17 2.30 -21.38
CA ALA C 21 37.32 3.74 -21.32
C ALA C 21 36.11 4.28 -20.59
N ILE C 22 36.31 5.39 -19.86
CA ILE C 22 35.26 6.09 -19.13
C ILE C 22 35.51 7.58 -19.21
N SER C 23 34.46 8.35 -19.46
CA SER C 23 34.56 9.80 -19.41
C SER C 23 33.25 10.37 -18.89
N THR C 24 33.31 11.63 -18.45
CA THR C 24 32.18 12.28 -17.82
C THR C 24 32.03 13.70 -18.36
N ALA C 25 30.86 14.29 -18.10
CA ALA C 25 30.61 15.68 -18.47
C ALA C 25 29.53 16.26 -17.57
N THR C 26 29.60 17.57 -17.35
CA THR C 26 28.61 18.30 -16.58
C THR C 26 28.35 19.65 -17.24
N PRO C 27 27.16 20.20 -17.08
CA PRO C 27 26.91 21.55 -17.58
C PRO C 27 27.77 22.57 -16.84
N PRO C 28 28.08 23.70 -17.48
CA PRO C 28 29.02 24.65 -16.85
C PRO C 28 28.47 25.35 -15.63
N ASN C 29 27.17 25.64 -15.59
CA ASN C 29 26.58 26.28 -14.42
C ASN C 29 26.61 25.34 -13.23
N CYS C 30 27.13 25.81 -12.11
CA CYS C 30 27.12 25.04 -10.88
C CYS C 30 26.59 25.89 -9.72
N VAL C 31 26.01 25.22 -8.72
CA VAL C 31 25.49 25.86 -7.53
C VAL C 31 26.28 25.35 -6.34
N ILE C 32 26.75 26.27 -5.50
CA ILE C 32 27.45 25.90 -4.28
C ILE C 32 26.42 25.56 -3.20
N GLN C 33 26.56 24.40 -2.58
CA GLN C 33 25.50 23.92 -1.71
C GLN C 33 25.30 24.84 -0.50
N ALA C 34 26.38 25.47 -0.03
CA ALA C 34 26.28 26.39 1.11
C ALA C 34 25.36 27.57 0.80
N ASP C 35 25.33 28.00 -0.46
CA ASP C 35 24.51 29.12 -0.89
C ASP C 35 23.12 28.72 -1.36
N TYR C 36 22.84 27.43 -1.47
CA TYR C 36 21.65 26.99 -2.19
C TYR C 36 20.33 27.27 -1.47
N PRO C 37 20.23 27.07 -0.14
CA PRO C 37 18.93 27.37 0.50
C PRO C 37 18.45 28.79 0.24
N ASP C 38 19.37 29.77 0.28
CA ASP C 38 19.01 31.15 -0.02
C ASP C 38 18.57 31.28 -1.47
N TYR C 39 19.35 30.71 -2.39
CA TYR C 39 19.05 30.84 -3.81
C TYR C 39 17.75 30.13 -4.16
N TYR C 40 17.59 28.89 -3.67
CA TYR C 40 16.39 28.11 -3.98
C TYR C 40 15.13 28.78 -3.45
N PHE C 41 15.16 29.28 -2.22
CA PHE C 41 13.95 29.88 -1.67
C PHE C 41 13.67 31.25 -2.28
N LYS C 42 14.65 31.88 -2.90
CA LYS C 42 14.39 33.12 -3.63
C LYS C 42 13.79 32.85 -5.01
N ILE C 43 14.41 31.92 -5.77
CA ILE C 43 13.96 31.72 -7.14
C ILE C 43 12.62 30.97 -7.19
N THR C 44 12.24 30.31 -6.11
CA THR C 44 10.91 29.73 -6.01
C THR C 44 9.94 30.65 -5.28
N ASN C 45 10.32 31.91 -5.06
CA ASN C 45 9.43 32.93 -4.49
C ASN C 45 8.81 32.45 -3.18
N SER C 46 9.68 32.00 -2.27
CA SER C 46 9.25 31.33 -1.04
C SER C 46 10.00 31.84 0.18
N GLU C 47 10.60 33.03 0.11
CA GLU C 47 11.45 33.53 1.19
C GLU C 47 10.68 33.73 2.49
N HIS C 48 9.36 33.89 2.41
CA HIS C 48 8.53 34.00 3.61
C HIS C 48 8.36 32.67 4.34
N MET C 49 8.76 31.55 3.74
CA MET C 49 8.61 30.24 4.37
C MET C 49 9.84 29.92 5.22
N THR C 50 10.05 30.74 6.26
CA THR C 50 11.30 30.71 6.99
C THR C 50 11.48 29.40 7.76
N GLU C 51 10.40 28.80 8.26
CA GLU C 51 10.51 27.51 8.94
C GLU C 51 10.94 26.43 7.97
N LEU C 52 10.28 26.33 6.82
CA LEU C 52 10.63 25.33 5.84
C LEU C 52 12.03 25.57 5.28
N LYS C 53 12.44 26.83 5.17
CA LYS C 53 13.77 27.14 4.66
C LYS C 53 14.86 26.65 5.61
N GLU C 54 14.65 26.76 6.92
CA GLU C 54 15.65 26.22 7.83
C GLU C 54 15.66 24.70 7.79
N LYS C 55 14.50 24.08 7.61
CA LYS C 55 14.45 22.64 7.35
C LYS C 55 15.31 22.29 6.14
N PHE C 56 15.18 23.09 5.07
CA PHE C 56 15.96 22.84 3.86
C PHE C 56 17.44 23.09 4.10
N ARG C 57 17.77 24.13 4.87
CA ARG C 57 19.18 24.40 5.18
C ARG C 57 19.82 23.21 5.89
N ARG C 58 19.07 22.56 6.79
CA ARG C 58 19.59 21.37 7.48
C ARG C 58 19.82 20.23 6.51
N LEU C 59 18.87 20.04 5.59
CA LEU C 59 19.02 19.00 4.56
C LEU C 59 20.26 19.25 3.74
N CYS C 60 20.44 20.48 3.27
CA CYS C 60 21.60 20.77 2.44
C CYS C 60 22.90 20.56 3.20
N GLU C 61 22.90 20.90 4.49
CA GLU C 61 24.10 20.71 5.30
C GLU C 61 24.40 19.23 5.47
N LYS C 62 23.39 18.44 5.82
CA LYS C 62 23.60 17.01 6.00
C LYS C 62 23.83 16.27 4.69
N SER C 63 23.59 16.92 3.54
CA SER C 63 23.76 16.27 2.25
C SER C 63 25.19 15.82 2.01
N MET C 64 26.16 16.48 2.63
CA MET C 64 27.58 16.29 2.34
C MET C 64 27.91 16.58 0.87
N ILE C 65 27.05 17.35 0.20
CA ILE C 65 27.33 17.83 -1.15
C ILE C 65 27.95 19.22 -1.02
N ARG C 66 29.04 19.45 -1.74
CA ARG C 66 29.69 20.75 -1.81
C ARG C 66 29.15 21.59 -2.96
N LYS C 67 29.03 20.98 -4.15
CA LYS C 67 28.53 21.69 -5.32
C LYS C 67 27.79 20.73 -6.22
N ARG C 68 26.96 21.29 -7.09
CA ARG C 68 26.18 20.55 -8.07
C ARG C 68 26.13 21.33 -9.36
N HIS C 69 26.20 20.64 -10.49
CA HIS C 69 26.03 21.27 -11.79
C HIS C 69 24.58 21.13 -12.24
N MET C 70 24.06 22.20 -12.83
CA MET C 70 22.67 22.22 -13.28
C MET C 70 22.58 23.02 -14.58
N CYS C 71 21.90 22.45 -15.58
CA CYS C 71 21.60 23.26 -16.74
C CYS C 71 20.49 24.27 -16.48
N LEU C 72 19.72 24.11 -15.40
CA LEU C 72 18.72 25.12 -15.03
C LEU C 72 19.42 26.32 -14.41
N THR C 73 19.44 27.45 -15.14
CA THR C 73 19.95 28.70 -14.60
C THR C 73 18.80 29.53 -14.04
N GLU C 74 19.15 30.58 -13.30
CA GLU C 74 18.13 31.54 -12.87
C GLU C 74 17.46 32.19 -14.08
N GLU C 75 18.21 32.44 -15.16
CA GLU C 75 17.64 32.99 -16.38
C GLU C 75 16.54 32.08 -16.94
N ILE C 76 16.84 30.78 -17.08
CA ILE C 76 15.86 29.85 -17.62
C ILE C 76 14.66 29.74 -16.68
N LEU C 77 14.90 29.69 -15.37
CA LEU C 77 13.79 29.56 -14.44
C LEU C 77 12.91 30.80 -14.41
N LYS C 78 13.51 31.98 -14.62
CA LYS C 78 12.69 33.19 -14.74
C LYS C 78 11.79 33.11 -15.97
N ALA C 79 12.27 32.49 -17.05
CA ALA C 79 11.47 32.33 -18.25
C ALA C 79 10.47 31.19 -18.15
N ASN C 80 10.51 30.38 -17.10
CA ASN C 80 9.58 29.25 -16.92
C ASN C 80 9.02 29.27 -15.51
N PRO C 81 8.20 30.27 -15.19
CA PRO C 81 7.72 30.42 -13.80
C PRO C 81 6.87 29.26 -13.31
N ASN C 82 6.18 28.54 -14.20
CA ASN C 82 5.38 27.42 -13.72
C ASN C 82 6.25 26.29 -13.18
N MET C 83 7.54 26.30 -13.53
CA MET C 83 8.48 25.33 -12.98
C MET C 83 8.91 25.67 -11.56
N CYS C 84 8.74 26.93 -11.13
CA CYS C 84 9.08 27.31 -9.78
C CYS C 84 7.93 27.15 -8.81
N LEU C 85 6.71 26.93 -9.29
CA LEU C 85 5.63 26.52 -8.41
C LEU C 85 5.90 25.10 -7.90
N HIS C 86 5.27 24.76 -6.78
CA HIS C 86 5.38 23.38 -6.31
C HIS C 86 4.75 22.42 -7.32
N MET C 87 3.55 22.74 -7.80
CA MET C 87 2.79 21.81 -8.62
C MET C 87 2.18 22.51 -9.83
N GLY C 88 2.99 23.27 -10.55
CA GLY C 88 2.47 23.99 -11.70
C GLY C 88 2.40 23.07 -12.92
N THR C 89 1.36 23.29 -13.74
CA THR C 89 1.32 22.64 -15.05
C THR C 89 2.56 23.04 -15.83
N SER C 90 3.51 22.13 -15.99
CA SER C 90 4.81 22.52 -16.53
C SER C 90 5.53 21.41 -17.29
N LEU C 91 4.94 20.24 -17.51
CA LEU C 91 5.65 19.18 -18.21
C LEU C 91 6.13 19.63 -19.59
N ASN C 92 5.29 20.36 -20.32
CA ASN C 92 5.72 20.79 -21.65
C ASN C 92 6.96 21.66 -21.59
N ALA C 93 7.03 22.57 -20.63
CA ALA C 93 8.20 23.43 -20.50
C ALA C 93 9.45 22.64 -20.12
N ARG C 94 9.28 21.63 -19.27
CA ARG C 94 10.41 20.79 -18.87
C ARG C 94 10.91 19.96 -20.05
N GLN C 95 9.99 19.34 -20.78
CA GLN C 95 10.37 18.56 -21.97
C GLN C 95 11.12 19.42 -22.96
N ASP C 96 10.65 20.64 -23.21
CA ASP C 96 11.29 21.48 -24.22
C ASP C 96 12.74 21.74 -23.88
N ILE C 97 13.10 21.80 -22.60
CA ILE C 97 14.49 22.01 -22.21
C ILE C 97 15.24 20.68 -22.16
N SER C 98 14.67 19.69 -21.50
CA SER C 98 15.47 18.52 -21.14
C SER C 98 15.77 17.66 -22.36
N LEU C 99 14.81 17.55 -23.30
CA LEU C 99 14.96 16.61 -24.40
C LEU C 99 16.14 16.96 -25.29
N VAL C 100 16.49 18.24 -25.37
CA VAL C 100 17.69 18.61 -26.12
C VAL C 100 18.93 18.49 -25.26
N GLU C 101 18.82 18.79 -23.96
CA GLU C 101 20.00 18.82 -23.11
C GLU C 101 20.58 17.42 -22.91
N VAL C 102 19.73 16.41 -22.76
CA VAL C 102 20.17 15.05 -22.43
C VAL C 102 21.14 14.54 -23.48
N PRO C 103 20.80 14.51 -24.77
CA PRO C 103 21.80 13.98 -25.73
C PRO C 103 22.96 14.91 -25.94
N LYS C 104 22.78 16.22 -25.73
CA LYS C 104 23.89 17.16 -25.87
C LYS C 104 24.99 16.86 -24.86
N LEU C 105 24.63 16.75 -23.58
CA LEU C 105 25.62 16.41 -22.56
C LEU C 105 26.16 15.00 -22.74
N GLY C 106 25.28 14.07 -23.13
CA GLY C 106 25.76 12.72 -23.38
C GLY C 106 26.79 12.67 -24.49
N LYS C 107 26.59 13.47 -25.54
CA LYS C 107 27.57 13.52 -26.62
C LYS C 107 28.92 14.02 -26.14
N GLU C 108 28.92 15.02 -25.26
CA GLU C 108 30.18 15.51 -24.71
C GLU C 108 30.95 14.39 -24.03
N ALA C 109 30.27 13.64 -23.17
CA ALA C 109 30.95 12.54 -22.47
C ALA C 109 31.38 11.46 -23.44
N ALA C 110 30.53 11.11 -24.41
CA ALA C 110 30.86 10.04 -25.35
C ALA C 110 32.07 10.40 -26.19
N THR C 111 32.13 11.64 -26.68
CA THR C 111 33.28 12.05 -27.46
C THR C 111 34.56 11.84 -26.68
N LYS C 112 34.57 12.25 -25.40
CA LYS C 112 35.78 12.05 -24.59
C LYS C 112 36.08 10.57 -24.39
N ALA C 113 35.06 9.75 -24.15
CA ALA C 113 35.32 8.32 -23.95
C ALA C 113 35.88 7.68 -25.21
N ILE C 114 35.38 8.08 -26.37
CA ILE C 114 35.86 7.50 -27.63
C ILE C 114 37.29 7.92 -27.89
N LYS C 115 37.65 9.14 -27.49
CA LYS C 115 39.03 9.61 -27.65
C LYS C 115 39.98 8.83 -26.75
N GLU C 116 39.59 8.58 -25.49
CA GLU C 116 40.42 7.73 -24.63
C GLU C 116 40.54 6.33 -25.22
N TRP C 117 39.42 5.77 -25.68
CA TRP C 117 39.44 4.46 -26.31
C TRP C 117 40.39 4.45 -27.51
N GLY C 118 40.26 5.45 -28.37
CA GLY C 118 41.20 5.65 -29.46
C GLY C 118 40.90 4.90 -30.74
N GLN C 119 39.81 4.13 -30.77
CA GLN C 119 39.32 3.43 -31.95
C GLN C 119 38.29 4.29 -32.67
N PRO C 120 38.09 4.07 -33.98
CA PRO C 120 37.11 4.88 -34.69
C PRO C 120 35.70 4.55 -34.23
N LYS C 121 34.85 5.59 -34.20
CA LYS C 121 33.48 5.38 -33.74
C LYS C 121 32.71 4.46 -34.67
N SER C 122 33.21 4.22 -35.90
CA SER C 122 32.59 3.24 -36.79
C SER C 122 32.69 1.82 -36.26
N LYS C 123 33.55 1.56 -35.28
CA LYS C 123 33.66 0.24 -34.68
C LYS C 123 32.69 0.03 -33.51
N ILE C 124 31.94 1.06 -33.14
CA ILE C 124 30.90 0.91 -32.12
C ILE C 124 29.71 0.18 -32.73
N THR C 125 29.41 -1.02 -32.21
CA THR C 125 28.36 -1.86 -32.77
C THR C 125 27.05 -1.74 -32.02
N HIS C 126 27.09 -1.31 -30.77
CA HIS C 126 25.94 -1.23 -29.90
C HIS C 126 25.97 0.09 -29.15
N LEU C 127 24.81 0.66 -28.88
CA LEU C 127 24.71 1.84 -28.04
C LEU C 127 23.65 1.59 -27.00
N ILE C 128 24.00 1.79 -25.72
CA ILE C 128 23.03 1.81 -24.65
C ILE C 128 22.91 3.25 -24.17
N PHE C 129 21.73 3.83 -24.25
CA PHE C 129 21.51 5.16 -23.71
C PHE C 129 20.57 5.07 -22.53
N CYS C 130 20.90 5.78 -21.44
CA CYS C 130 20.11 5.73 -20.23
C CYS C 130 19.83 7.14 -19.73
N THR C 131 18.56 7.43 -19.47
CA THR C 131 18.17 8.69 -18.85
C THR C 131 16.81 8.56 -18.18
N SER C 132 16.62 9.35 -17.12
CA SER C 132 15.30 9.56 -16.52
C SER C 132 14.84 11.02 -16.62
N ALA C 133 15.44 11.80 -17.52
CA ALA C 133 15.19 13.23 -17.61
C ALA C 133 14.14 13.62 -18.64
N GLY C 134 13.49 12.66 -19.27
CA GLY C 134 12.46 12.99 -20.22
C GLY C 134 12.43 12.03 -21.40
N VAL C 135 11.24 11.62 -21.77
CA VAL C 135 11.03 10.60 -22.79
C VAL C 135 10.54 11.26 -24.08
N ASP C 136 11.00 10.74 -25.22
CA ASP C 136 10.64 11.23 -26.55
C ASP C 136 10.62 10.05 -27.51
N MET C 137 9.95 10.23 -28.65
CA MET C 137 9.90 9.22 -29.72
C MET C 137 10.25 9.90 -31.03
N PRO C 138 11.38 9.56 -31.68
CA PRO C 138 12.42 8.64 -31.23
C PRO C 138 13.18 9.18 -30.02
N GLY C 139 13.89 8.30 -29.32
CA GLY C 139 14.46 8.61 -28.04
C GLY C 139 15.84 9.25 -28.11
N ALA C 140 16.42 9.43 -26.93
CA ALA C 140 17.74 10.05 -26.85
C ALA C 140 18.82 9.19 -27.51
N ASP C 141 18.59 7.89 -27.61
CA ASP C 141 19.55 7.04 -28.32
C ASP C 141 19.62 7.40 -29.80
N TYR C 142 18.48 7.70 -30.41
CA TYR C 142 18.50 8.17 -31.79
C TYR C 142 19.26 9.49 -31.91
N GLN C 143 18.94 10.45 -31.04
CA GLN C 143 19.59 11.76 -31.12
C GLN C 143 21.09 11.62 -30.96
N LEU C 144 21.51 10.83 -29.98
CA LEU C 144 22.94 10.57 -29.78
C LEU C 144 23.56 9.97 -31.02
N THR C 145 22.92 8.95 -31.59
CA THR C 145 23.46 8.32 -32.80
C THR C 145 23.61 9.33 -33.93
N ARG C 146 22.60 10.18 -34.12
CA ARG C 146 22.65 11.19 -35.18
C ARG C 146 23.69 12.26 -34.90
N LEU C 147 23.70 12.78 -33.66
CA LEU C 147 24.58 13.90 -33.32
C LEU C 147 26.04 13.47 -33.24
N LEU C 148 26.30 12.24 -32.77
CA LEU C 148 27.66 11.70 -32.75
C LEU C 148 28.09 11.13 -34.09
N GLY C 149 27.17 10.92 -35.02
CA GLY C 149 27.52 10.24 -36.25
C GLY C 149 27.95 8.80 -36.07
N LEU C 150 27.27 8.03 -35.20
CA LEU C 150 27.50 6.60 -35.17
C LEU C 150 26.96 5.96 -36.45
N SER C 151 27.37 4.72 -36.70
CA SER C 151 26.84 3.98 -37.83
C SER C 151 25.32 3.86 -37.72
N PRO C 152 24.60 4.02 -38.84
CA PRO C 152 23.14 3.84 -38.80
C PRO C 152 22.70 2.43 -38.38
N GLU C 153 23.57 1.45 -38.53
CA GLU C 153 23.31 0.07 -38.14
C GLU C 153 23.68 -0.22 -36.69
N VAL C 154 24.06 0.80 -35.91
CA VAL C 154 24.34 0.60 -34.49
C VAL C 154 23.10 0.00 -33.81
N LYS C 155 23.32 -1.03 -33.00
CA LYS C 155 22.21 -1.70 -32.32
C LYS C 155 21.96 -0.96 -31.00
N ARG C 156 20.81 -0.29 -30.90
CA ARG C 156 20.53 0.59 -29.78
C ARG C 156 19.60 -0.05 -28.76
N MET C 157 19.85 0.25 -27.49
CA MET C 157 18.93 -0.04 -26.41
C MET C 157 18.75 1.24 -25.62
N MET C 158 17.49 1.66 -25.45
CA MET C 158 17.14 2.90 -24.79
C MET C 158 16.51 2.56 -23.45
N ILE C 159 17.20 2.90 -22.36
CA ILE C 159 16.79 2.59 -21.00
C ILE C 159 16.26 3.89 -20.38
N TYR C 160 14.94 4.03 -20.37
CA TYR C 160 14.26 5.23 -19.93
C TYR C 160 13.65 5.05 -18.55
N GLN C 161 13.81 6.07 -17.71
CA GLN C 161 13.00 6.26 -16.50
C GLN C 161 13.26 5.20 -15.43
N GLN C 162 14.45 4.62 -15.39
CA GLN C 162 14.76 3.60 -14.39
C GLN C 162 15.43 4.17 -13.15
N GLY C 163 15.74 5.45 -13.14
CA GLY C 163 16.17 6.06 -11.90
C GLY C 163 17.58 5.69 -11.49
N CYS C 164 17.80 5.69 -10.18
CA CYS C 164 19.13 5.78 -9.61
C CYS C 164 19.89 4.46 -9.62
N TYR C 165 19.25 3.35 -9.96
CA TYR C 165 19.99 2.09 -10.06
C TYR C 165 20.44 1.79 -11.48
N ALA C 166 20.10 2.65 -12.45
CA ALA C 166 20.28 2.28 -13.84
C ALA C 166 21.74 2.35 -14.30
N GLY C 167 22.62 3.03 -13.54
CA GLY C 167 24.04 2.96 -13.86
C GLY C 167 24.59 1.55 -13.71
N ALA C 168 24.03 0.77 -12.79
CA ALA C 168 24.36 -0.64 -12.72
C ALA C 168 23.61 -1.44 -13.78
N THR C 169 22.36 -1.08 -14.05
CA THR C 169 21.57 -1.76 -15.07
C THR C 169 22.28 -1.75 -16.43
N VAL C 170 22.86 -0.60 -16.81
CA VAL C 170 23.50 -0.54 -18.12
C VAL C 170 24.73 -1.43 -18.18
N LEU C 171 25.41 -1.65 -17.05
CA LEU C 171 26.53 -2.61 -17.03
C LEU C 171 26.04 -4.04 -17.16
N ARG C 172 24.91 -4.36 -16.51
CA ARG C 172 24.31 -5.67 -16.65
C ARG C 172 23.92 -5.94 -18.10
N LEU C 173 23.29 -4.96 -18.74
CA LEU C 173 22.94 -5.07 -20.14
C LEU C 173 24.18 -5.19 -21.03
N ALA C 174 25.16 -4.30 -20.84
CA ALA C 174 26.36 -4.35 -21.68
C ALA C 174 27.08 -5.69 -21.56
N LYS C 175 27.08 -6.31 -20.37
CA LYS C 175 27.74 -7.61 -20.23
C LYS C 175 27.14 -8.62 -21.20
N ASP C 176 25.83 -8.73 -21.25
CA ASP C 176 25.24 -9.76 -22.11
C ASP C 176 25.38 -9.40 -23.59
N LEU C 177 25.27 -8.11 -23.93
CA LEU C 177 25.41 -7.70 -25.33
C LEU C 177 26.81 -8.02 -25.85
N THR C 178 27.85 -7.63 -25.11
CA THR C 178 29.22 -7.80 -25.60
C THR C 178 29.65 -9.26 -25.58
N GLU C 179 29.23 -10.00 -24.57
CA GLU C 179 29.68 -11.38 -24.45
C GLU C 179 28.98 -12.30 -25.45
N ASN C 180 27.81 -11.92 -25.95
CA ASN C 180 27.12 -12.78 -26.90
C ASN C 180 27.39 -12.41 -28.35
N ASN C 181 28.20 -11.38 -28.60
CA ASN C 181 28.42 -10.90 -29.95
C ASN C 181 29.91 -10.67 -30.18
N LYS C 182 30.52 -11.58 -30.93
CA LYS C 182 31.96 -11.52 -31.16
C LYS C 182 32.34 -10.21 -31.84
N GLY C 183 33.38 -9.57 -31.30
CA GLY C 183 33.88 -8.31 -31.81
C GLY C 183 33.07 -7.08 -31.46
N SER C 184 31.94 -7.25 -30.77
CA SER C 184 31.10 -6.10 -30.47
C SER C 184 31.81 -5.14 -29.52
N ARG C 185 31.50 -3.86 -29.69
CA ARG C 185 31.97 -2.79 -28.83
C ARG C 185 30.79 -1.91 -28.51
N VAL C 186 30.43 -1.83 -27.22
CA VAL C 186 29.25 -1.10 -26.78
C VAL C 186 29.66 0.25 -26.22
N LEU C 187 29.00 1.29 -26.71
CA LEU C 187 29.05 2.59 -26.07
C LEU C 187 27.86 2.71 -25.12
N ILE C 188 28.15 3.00 -23.86
CA ILE C 188 27.15 3.28 -22.84
C ILE C 188 27.15 4.78 -22.59
N VAL C 189 25.98 5.39 -22.56
CA VAL C 189 25.85 6.80 -22.22
C VAL C 189 24.70 6.96 -21.23
N CYS C 190 25.00 7.50 -20.05
CA CYS C 190 24.01 7.88 -19.06
C CYS C 190 24.03 9.39 -18.95
N SER C 191 22.86 10.03 -19.11
CA SER C 191 22.81 11.50 -19.01
C SER C 191 21.59 11.87 -18.19
N GLU C 192 21.78 12.67 -17.13
CA GLU C 192 20.71 12.97 -16.18
C GLU C 192 20.72 14.46 -15.86
N ASN C 193 19.56 14.99 -15.45
CA ASN C 193 19.50 16.40 -15.06
C ASN C 193 18.29 16.63 -14.17
N THR C 194 18.20 17.85 -13.64
CA THR C 194 17.16 18.18 -12.66
C THR C 194 15.96 18.88 -13.28
N VAL C 195 15.91 19.00 -14.61
CA VAL C 195 14.78 19.70 -15.26
C VAL C 195 13.44 19.06 -14.92
N PRO C 196 13.26 17.74 -14.97
CA PRO C 196 11.94 17.19 -14.66
C PRO C 196 11.54 17.33 -13.21
N THR C 197 12.50 17.46 -12.28
CA THR C 197 12.21 17.39 -10.86
C THR C 197 12.26 18.71 -10.11
N PHE C 198 12.93 19.72 -10.64
CA PHE C 198 12.98 21.00 -9.95
C PHE C 198 11.57 21.55 -9.76
N ARG C 199 11.26 21.98 -8.55
CA ARG C 199 9.99 22.63 -8.27
C ARG C 199 10.11 23.41 -6.98
N GLY C 200 9.11 24.26 -6.72
CA GLY C 200 9.07 25.02 -5.51
C GLY C 200 8.74 24.16 -4.31
N PRO C 201 8.97 24.72 -3.12
CA PRO C 201 8.81 23.96 -1.88
C PRO C 201 7.39 23.96 -1.35
N SER C 202 7.10 22.97 -0.51
CA SER C 202 5.79 22.84 0.11
C SER C 202 5.94 22.11 1.44
N ASP C 203 5.46 22.72 2.52
CA ASP C 203 5.56 22.08 3.84
C ASP C 203 4.69 20.83 3.94
N THR C 204 3.85 20.59 2.94
CA THR C 204 3.09 19.36 2.79
C THR C 204 3.86 18.27 2.06
N HIS C 205 4.97 18.62 1.42
CA HIS C 205 5.70 17.74 0.53
C HIS C 205 7.20 17.94 0.73
N ILE C 206 7.72 17.63 1.91
CA ILE C 206 9.15 17.86 2.10
C ILE C 206 10.01 16.67 1.66
N ASP C 207 9.39 15.53 1.36
CA ASP C 207 10.15 14.51 0.64
C ASP C 207 10.59 15.03 -0.73
N SER C 208 9.78 15.89 -1.35
CA SER C 208 10.23 16.60 -2.55
C SER C 208 11.41 17.50 -2.24
N LEU C 209 11.44 18.08 -1.04
CA LEU C 209 12.55 18.97 -0.66
C LEU C 209 13.86 18.21 -0.60
N VAL C 210 13.83 16.97 -0.11
CA VAL C 210 15.02 16.13 -0.11
C VAL C 210 15.61 16.06 -1.51
N GLY C 211 14.75 15.83 -2.51
CA GLY C 211 15.22 15.82 -3.88
C GLY C 211 15.84 17.12 -4.31
N GLN C 212 15.25 18.25 -3.89
CA GLN C 212 15.83 19.54 -4.23
C GLN C 212 17.21 19.74 -3.61
N ALA C 213 17.49 19.07 -2.50
CA ALA C 213 18.81 19.16 -1.86
C ALA C 213 19.86 18.31 -2.57
N LEU C 214 19.47 17.28 -3.32
CA LEU C 214 20.41 16.26 -3.77
C LEU C 214 20.57 16.16 -5.28
N PHE C 215 19.49 16.28 -6.06
CA PHE C 215 19.57 15.94 -7.48
C PHE C 215 20.45 16.94 -8.25
N ALA C 216 21.20 16.42 -9.22
CA ALA C 216 22.13 17.23 -10.00
C ALA C 216 22.24 16.68 -11.42
N ASP C 217 22.96 17.41 -12.26
CA ASP C 217 23.15 17.10 -13.68
C ASP C 217 24.50 16.44 -13.92
N GLY C 218 24.53 15.47 -14.82
CA GLY C 218 25.80 14.87 -15.20
C GLY C 218 25.57 13.81 -16.25
N ALA C 219 26.63 13.54 -17.00
CA ALA C 219 26.62 12.46 -17.98
C ALA C 219 27.93 11.69 -17.92
N ALA C 220 27.83 10.39 -18.16
CA ALA C 220 29.02 9.53 -18.20
C ALA C 220 28.91 8.59 -19.39
N ALA C 221 30.07 8.26 -19.96
CA ALA C 221 30.10 7.36 -21.10
C ALA C 221 31.21 6.33 -20.93
N LEU C 222 30.93 5.11 -21.38
CA LEU C 222 31.87 4.00 -21.31
C LEU C 222 31.95 3.29 -22.64
N ILE C 223 33.11 2.70 -22.92
CA ILE C 223 33.25 1.68 -23.96
C ILE C 223 33.42 0.34 -23.27
N VAL C 224 32.63 -0.65 -23.69
CA VAL C 224 32.70 -1.99 -23.13
C VAL C 224 32.87 -2.99 -24.26
N GLY C 225 33.70 -3.99 -24.03
CA GLY C 225 33.81 -5.09 -24.98
C GLY C 225 34.45 -6.30 -24.36
N ALA C 226 34.15 -7.46 -24.94
CA ALA C 226 34.83 -8.67 -24.54
C ALA C 226 36.02 -8.89 -25.46
N ASP C 227 36.98 -9.70 -24.97
CA ASP C 227 38.20 -10.06 -25.71
C ASP C 227 38.93 -8.82 -26.21
N PRO C 228 39.51 -8.03 -25.31
CA PRO C 228 40.19 -6.81 -25.75
C PRO C 228 41.43 -7.13 -26.55
N ASP C 229 41.78 -6.19 -27.43
CA ASP C 229 42.99 -6.30 -28.25
C ASP C 229 44.10 -5.56 -27.51
N ALA C 230 45.00 -6.33 -26.90
CA ALA C 230 46.08 -5.76 -26.09
C ALA C 230 46.90 -4.71 -26.84
N SER C 231 46.88 -4.73 -28.18
CA SER C 231 47.66 -3.75 -28.94
C SER C 231 47.14 -2.33 -28.70
N ILE C 232 45.82 -2.15 -28.75
CA ILE C 232 45.22 -0.83 -28.86
C ILE C 232 44.28 -0.49 -27.72
N GLU C 233 43.86 -1.47 -26.93
CA GLU C 233 42.88 -1.25 -25.89
C GLU C 233 43.47 -1.64 -24.54
N ARG C 234 43.00 -0.94 -23.51
CA ARG C 234 43.53 -1.08 -22.15
C ARG C 234 42.37 -1.33 -21.21
N PRO C 235 42.20 -2.54 -20.70
CA PRO C 235 41.15 -2.81 -19.71
C PRO C 235 41.30 -1.94 -18.46
N LEU C 236 40.15 -1.58 -17.88
CA LEU C 236 40.08 -0.95 -16.57
C LEU C 236 39.39 -1.82 -15.52
N TYR C 237 38.31 -2.49 -15.88
CA TYR C 237 37.59 -3.42 -15.01
C TYR C 237 36.96 -4.51 -15.86
N HIS C 238 36.77 -5.69 -15.27
CA HIS C 238 36.00 -6.76 -15.87
C HIS C 238 34.65 -6.88 -15.17
N ILE C 239 33.59 -7.09 -15.96
CA ILE C 239 32.24 -7.23 -15.40
C ILE C 239 31.96 -8.71 -15.28
N VAL C 240 32.02 -9.22 -14.04
CA VAL C 240 32.01 -10.66 -13.80
C VAL C 240 30.60 -11.21 -13.63
N SER C 241 29.74 -10.53 -12.87
CA SER C 241 28.35 -10.92 -12.80
C SER C 241 27.52 -9.67 -12.51
N ALA C 242 26.22 -9.80 -12.73
CA ALA C 242 25.31 -8.67 -12.52
C ALA C 242 23.95 -9.20 -12.12
N SER C 243 23.50 -8.80 -10.94
CA SER C 243 22.26 -9.29 -10.35
C SER C 243 21.31 -8.13 -10.06
N GLN C 244 20.04 -8.45 -9.84
CA GLN C 244 19.03 -7.46 -9.51
C GLN C 244 18.02 -8.08 -8.57
N THR C 245 17.59 -7.31 -7.58
CA THR C 245 16.60 -7.88 -6.69
C THR C 245 15.71 -6.78 -6.12
N LEU C 246 14.51 -7.19 -5.73
CA LEU C 246 13.56 -6.33 -5.03
C LEU C 246 13.63 -6.65 -3.54
N LEU C 247 13.56 -5.61 -2.71
CA LEU C 247 13.71 -5.75 -1.28
C LEU C 247 12.38 -6.12 -0.62
N PRO C 248 12.40 -7.07 0.32
CA PRO C 248 11.15 -7.50 0.97
C PRO C 248 10.47 -6.35 1.68
N ASP C 249 9.15 -6.30 1.55
CA ASP C 249 8.27 -5.40 2.30
C ASP C 249 8.50 -3.93 1.99
N SER C 250 9.16 -3.64 0.88
CA SER C 250 9.56 -2.28 0.55
C SER C 250 8.65 -1.59 -0.45
N ASP C 251 7.57 -2.26 -0.88
CA ASP C 251 6.65 -1.69 -1.87
C ASP C 251 6.27 -0.26 -1.52
N GLY C 252 6.49 0.64 -2.50
CA GLY C 252 6.09 2.03 -2.42
C GLY C 252 7.05 2.95 -1.70
N ALA C 253 8.20 2.47 -1.24
CA ALA C 253 9.12 3.30 -0.46
C ALA C 253 9.60 4.49 -1.27
N ILE C 254 9.88 4.29 -2.54
CA ILE C 254 10.31 5.35 -3.45
C ILE C 254 9.45 5.27 -4.70
N GLU C 255 8.79 6.37 -5.03
CA GLU C 255 8.04 6.43 -6.28
C GLU C 255 8.34 7.74 -6.99
N GLY C 256 8.34 7.67 -8.32
CA GLY C 256 8.45 8.85 -9.15
C GLY C 256 7.33 8.82 -10.16
N HIS C 257 6.55 9.89 -10.24
CA HIS C 257 5.42 9.94 -11.13
C HIS C 257 5.61 11.01 -12.18
N ILE C 258 5.37 10.66 -13.44
CA ILE C 258 5.46 11.60 -14.53
C ILE C 258 4.06 12.16 -14.73
N ARG C 259 3.91 13.45 -14.43
CA ARG C 259 2.63 14.12 -14.31
C ARG C 259 2.66 15.42 -15.09
N GLU C 260 1.51 16.11 -15.11
CA GLU C 260 1.46 17.41 -15.76
C GLU C 260 2.39 18.43 -15.11
N ALA C 261 2.74 18.23 -13.84
CA ALA C 261 3.68 19.11 -13.14
C ALA C 261 5.13 18.64 -13.24
N GLY C 262 5.42 17.70 -14.12
CA GLY C 262 6.76 17.14 -14.22
C GLY C 262 6.89 15.85 -13.44
N LEU C 263 8.14 15.52 -13.12
CA LEU C 263 8.47 14.31 -12.37
C LEU C 263 8.37 14.63 -10.89
N THR C 264 7.40 14.01 -10.22
CA THR C 264 7.20 14.21 -8.79
C THR C 264 7.74 13.00 -8.02
N VAL C 265 8.37 13.27 -6.88
CA VAL C 265 9.12 12.27 -6.12
C VAL C 265 8.42 12.07 -4.79
N HIS C 266 8.34 10.81 -4.36
CA HIS C 266 7.59 10.45 -3.17
C HIS C 266 8.39 9.43 -2.39
N LEU C 267 8.71 9.74 -1.14
CA LEU C 267 9.62 8.92 -0.37
C LEU C 267 8.96 8.53 0.94
N LYS C 268 9.41 7.39 1.47
CA LYS C 268 9.07 6.96 2.82
C LYS C 268 10.27 7.17 3.73
N LYS C 269 9.98 7.34 5.03
CA LYS C 269 11.00 7.78 5.97
C LYS C 269 12.08 6.74 6.23
N ASP C 270 11.85 5.47 5.88
CA ASP C 270 12.76 4.39 6.27
C ASP C 270 13.51 3.76 5.11
N VAL C 271 13.77 4.53 4.05
CA VAL C 271 14.50 3.99 2.90
C VAL C 271 15.89 3.52 3.28
N PRO C 272 16.70 4.29 4.02
CA PRO C 272 18.04 3.78 4.38
C PRO C 272 18.00 2.50 5.18
N ALA C 273 16.97 2.32 6.01
CA ALA C 273 16.86 1.10 6.79
C ALA C 273 16.59 -0.10 5.90
N PHE C 274 15.78 0.08 4.86
CA PHE C 274 15.50 -1.03 3.94
C PHE C 274 16.76 -1.48 3.23
N PHE C 275 17.55 -0.52 2.73
CA PHE C 275 18.76 -0.92 2.01
C PHE C 275 19.79 -1.56 2.94
N SER C 276 20.01 -0.99 4.13
CA SER C 276 21.06 -1.56 4.97
C SER C 276 20.61 -2.88 5.59
N ALA C 277 19.32 -3.05 5.84
CA ALA C 277 18.85 -4.31 6.41
C ALA C 277 18.99 -5.45 5.42
N ASN C 278 18.98 -5.15 4.13
CA ASN C 278 18.92 -6.18 3.10
C ASN C 278 20.19 -6.30 2.28
N ILE C 279 21.14 -5.38 2.41
CA ILE C 279 22.27 -5.37 1.49
C ILE C 279 23.15 -6.61 1.64
N GLU C 280 23.29 -7.17 2.85
CA GLU C 280 24.18 -8.32 2.98
C GLU C 280 23.67 -9.52 2.20
N LYS C 281 22.36 -9.66 2.04
CA LYS C 281 21.85 -10.74 1.20
C LYS C 281 22.37 -10.62 -0.23
N SER C 282 22.33 -9.41 -0.80
CA SER C 282 22.88 -9.23 -2.15
C SER C 282 24.37 -9.55 -2.19
N LEU C 283 25.09 -9.20 -1.14
CA LEU C 283 26.51 -9.48 -1.11
C LEU C 283 26.78 -10.98 -1.05
N VAL C 284 26.02 -11.69 -0.21
CA VAL C 284 26.23 -13.13 -0.08
C VAL C 284 25.88 -13.82 -1.39
N ASP C 285 24.79 -13.40 -2.03
CA ASP C 285 24.39 -14.04 -3.28
C ASP C 285 25.40 -13.77 -4.38
N ALA C 286 25.98 -12.57 -4.40
CA ALA C 286 26.91 -12.25 -5.48
C ALA C 286 28.28 -12.85 -5.25
N PHE C 287 28.74 -12.91 -3.99
CA PHE C 287 30.14 -13.22 -3.73
C PHE C 287 30.38 -14.63 -3.21
N THR C 288 29.35 -15.33 -2.75
CA THR C 288 29.56 -16.75 -2.45
C THR C 288 30.09 -17.52 -3.66
N PRO C 289 29.62 -17.30 -4.89
CA PRO C 289 30.27 -17.93 -6.05
C PRO C 289 31.71 -17.49 -6.27
N ILE C 290 32.16 -16.42 -5.63
CA ILE C 290 33.52 -15.91 -5.78
C ILE C 290 34.41 -16.34 -4.63
N GLY C 291 33.84 -17.01 -3.63
CA GLY C 291 34.59 -17.42 -2.45
C GLY C 291 34.88 -16.31 -1.47
N ILE C 292 34.06 -15.27 -1.44
CA ILE C 292 34.35 -14.08 -0.65
C ILE C 292 33.22 -13.87 0.36
N SER C 293 33.59 -13.67 1.62
CA SER C 293 32.63 -13.37 2.68
C SER C 293 33.03 -12.17 3.52
N ASP C 294 34.24 -11.62 3.34
CA ASP C 294 34.73 -10.46 4.08
C ASP C 294 34.53 -9.23 3.19
N TRP C 295 33.60 -8.36 3.58
CA TRP C 295 33.24 -7.24 2.71
C TRP C 295 34.26 -6.10 2.77
N ASN C 296 35.27 -6.17 3.64
CA ASN C 296 36.36 -5.23 3.58
C ASN C 296 37.49 -5.67 2.66
N SER C 297 37.41 -6.89 2.13
CA SER C 297 38.43 -7.44 1.27
C SER C 297 38.21 -7.11 -0.21
N ILE C 298 37.14 -6.37 -0.51
CA ILE C 298 36.76 -6.00 -1.87
C ILE C 298 36.71 -4.48 -1.94
N PHE C 299 36.87 -3.94 -3.15
CA PHE C 299 36.62 -2.51 -3.30
C PHE C 299 35.15 -2.27 -3.56
N TRP C 300 34.73 -1.03 -3.30
CA TRP C 300 33.32 -0.66 -3.25
C TRP C 300 33.04 0.52 -4.16
N ILE C 301 31.99 0.41 -4.97
CA ILE C 301 31.36 1.52 -5.66
C ILE C 301 29.88 1.43 -5.31
N ALA C 302 29.35 2.45 -4.65
CA ALA C 302 27.95 2.44 -4.25
C ALA C 302 27.30 3.76 -4.65
N HIS C 303 26.17 3.66 -5.32
CA HIS C 303 25.39 4.85 -5.60
C HIS C 303 25.23 5.70 -4.34
N PRO C 304 25.70 6.94 -4.34
CA PRO C 304 25.77 7.74 -3.10
C PRO C 304 24.67 8.77 -2.93
N GLY C 305 23.70 8.80 -3.83
CA GLY C 305 22.69 9.85 -3.84
C GLY C 305 21.88 9.95 -2.58
N GLY C 306 21.85 8.89 -1.77
CA GLY C 306 21.29 8.95 -0.45
C GLY C 306 22.36 8.77 0.60
N PRO C 307 22.78 9.89 1.22
CA PRO C 307 23.90 9.83 2.19
C PRO C 307 23.63 8.92 3.38
N ALA C 308 22.40 8.90 3.90
CA ALA C 308 22.08 7.99 5.00
C ALA C 308 22.14 6.53 4.58
N ILE C 309 21.87 6.24 3.30
CA ILE C 309 21.98 4.86 2.83
C ILE C 309 23.41 4.35 3.04
N LEU C 310 24.38 5.11 2.53
CA LEU C 310 25.78 4.72 2.68
C LEU C 310 26.19 4.66 4.15
N ASP C 311 25.78 5.67 4.93
CA ASP C 311 26.09 5.66 6.37
C ASP C 311 25.57 4.40 7.02
N GLN C 312 24.29 4.07 6.78
CA GLN C 312 23.72 2.89 7.45
C GLN C 312 24.26 1.58 6.89
N VAL C 313 24.64 1.54 5.61
CA VAL C 313 25.26 0.32 5.08
C VAL C 313 26.63 0.12 5.71
N GLU C 314 27.43 1.18 5.72
CA GLU C 314 28.75 1.15 6.33
C GLU C 314 28.68 0.69 7.79
N GLU C 315 27.71 1.20 8.53
CA GLU C 315 27.53 0.80 9.93
C GLU C 315 27.10 -0.65 10.04
N LYS C 316 26.14 -1.08 9.20
CA LYS C 316 25.61 -2.43 9.32
C LYS C 316 26.70 -3.46 9.06
N LEU C 317 27.57 -3.19 8.10
CA LEU C 317 28.57 -4.19 7.70
C LEU C 317 29.90 -4.01 8.42
N GLY C 318 30.08 -2.93 9.17
CA GLY C 318 31.40 -2.62 9.71
C GLY C 318 32.45 -2.35 8.65
N LEU C 319 32.08 -1.63 7.59
CA LEU C 319 33.07 -1.27 6.59
C LEU C 319 34.10 -0.32 7.17
N ARG C 320 35.35 -0.47 6.71
CA ARG C 320 36.33 0.57 6.89
C ARG C 320 35.78 1.90 6.38
N LYS C 321 36.06 2.95 7.15
CA LYS C 321 35.50 4.27 6.82
C LYS C 321 35.93 4.74 5.43
N ASP C 322 37.05 4.25 4.91
CA ASP C 322 37.50 4.71 3.60
C ASP C 322 37.05 3.82 2.46
N LYS C 323 36.32 2.74 2.73
CA LYS C 323 35.80 1.92 1.64
C LYS C 323 34.99 2.75 0.67
N LEU C 324 34.19 3.68 1.19
CA LEU C 324 33.27 4.45 0.37
C LEU C 324 33.83 5.81 -0.02
N LYS C 325 35.16 5.99 0.06
CA LYS C 325 35.75 7.31 -0.17
C LYS C 325 35.47 7.81 -1.59
N ALA C 326 35.67 6.96 -2.61
CA ALA C 326 35.45 7.43 -3.98
C ALA C 326 33.99 7.77 -4.22
N SER C 327 33.09 6.93 -3.69
CA SER C 327 31.66 7.18 -3.81
C SER C 327 31.28 8.50 -3.17
N ARG C 328 31.76 8.75 -1.94
CA ARG C 328 31.38 9.98 -1.26
C ARG C 328 32.08 11.21 -1.84
N HIS C 329 33.24 11.03 -2.46
CA HIS C 329 33.91 12.16 -3.13
C HIS C 329 33.10 12.64 -4.33
N VAL C 330 32.61 11.71 -5.15
CA VAL C 330 31.76 12.10 -6.27
C VAL C 330 30.49 12.78 -5.77
N MET C 331 29.87 12.23 -4.72
CA MET C 331 28.69 12.88 -4.16
C MET C 331 29.01 14.30 -3.71
N SER C 332 30.17 14.49 -3.09
CA SER C 332 30.55 15.82 -2.62
C SER C 332 30.74 16.79 -3.78
N GLU C 333 31.41 16.35 -4.85
CA GLU C 333 31.74 17.25 -5.95
C GLU C 333 30.62 17.40 -6.97
N PHE C 334 29.67 16.47 -7.00
CA PHE C 334 28.68 16.46 -8.07
C PHE C 334 27.25 16.23 -7.62
N GLY C 335 27.00 15.80 -6.40
CA GLY C 335 25.65 15.51 -5.97
C GLY C 335 25.10 14.26 -6.65
N ASN C 336 23.80 14.08 -6.48
CA ASN C 336 23.09 12.89 -6.97
C ASN C 336 22.75 13.09 -8.45
N MET C 337 23.59 12.51 -9.30
CA MET C 337 23.39 12.53 -10.75
C MET C 337 22.71 11.27 -11.25
N SER C 338 21.95 10.61 -10.38
CA SER C 338 21.13 9.45 -10.77
C SER C 338 22.05 8.41 -11.40
N SER C 339 21.70 7.85 -12.55
CA SER C 339 22.40 6.69 -13.06
C SER C 339 23.88 6.97 -13.29
N ALA C 340 24.26 8.24 -13.51
CA ALA C 340 25.64 8.53 -13.87
C ALA C 340 26.62 8.40 -12.69
N CYS C 341 26.13 8.51 -11.44
CA CYS C 341 27.04 8.53 -10.28
C CYS C 341 28.02 7.37 -10.26
N VAL C 342 27.53 6.13 -10.37
CA VAL C 342 28.43 5.00 -10.18
C VAL C 342 29.47 4.97 -11.29
N LEU C 343 29.15 5.54 -12.45
CA LEU C 343 30.11 5.62 -13.53
C LEU C 343 31.12 6.73 -13.28
N PHE C 344 30.68 7.87 -12.74
CA PHE C 344 31.63 8.86 -12.23
C PHE C 344 32.56 8.22 -11.21
N ILE C 345 32.02 7.37 -10.33
CA ILE C 345 32.83 6.79 -9.25
C ILE C 345 33.86 5.81 -9.79
N LEU C 346 33.50 5.04 -10.82
CA LEU C 346 34.49 4.19 -11.47
C LEU C 346 35.61 5.01 -12.08
N ASP C 347 35.25 6.13 -12.71
CA ASP C 347 36.28 7.01 -13.27
C ASP C 347 37.17 7.57 -12.17
N GLU C 348 36.55 8.06 -11.09
CA GLU C 348 37.31 8.60 -9.96
C GLU C 348 38.25 7.56 -9.38
N MET C 349 37.75 6.34 -9.17
CA MET C 349 38.58 5.30 -8.56
C MET C 349 39.79 4.98 -9.42
N ARG C 350 39.59 4.76 -10.73
CA ARG C 350 40.74 4.36 -11.55
C ARG C 350 41.73 5.50 -11.74
N LYS C 351 41.26 6.75 -11.79
CA LYS C 351 42.17 7.87 -11.92
C LYS C 351 42.96 8.09 -10.64
N THR C 352 42.28 8.10 -9.49
CA THR C 352 42.98 8.25 -8.21
C THR C 352 43.97 7.12 -7.98
N CYS C 353 43.60 5.88 -8.34
CA CYS C 353 44.52 4.76 -8.15
C CYS C 353 45.76 4.93 -9.02
N LEU C 354 45.63 5.53 -10.20
CA LEU C 354 46.81 5.83 -11.02
C LEU C 354 47.63 6.95 -10.37
N GLU C 355 46.98 8.05 -10.02
CA GLU C 355 47.67 9.18 -9.39
C GLU C 355 48.44 8.76 -8.15
N GLU C 356 47.86 7.87 -7.35
CA GLU C 356 48.45 7.44 -6.08
C GLU C 356 49.37 6.24 -6.24
N GLY C 357 49.53 5.72 -7.44
CA GLY C 357 50.39 4.57 -7.65
C GLY C 357 49.92 3.31 -6.95
N LYS C 358 48.62 3.12 -6.80
CA LYS C 358 48.11 1.88 -6.23
C LYS C 358 48.32 0.72 -7.20
N ALA C 359 48.17 -0.49 -6.68
CA ALA C 359 48.53 -1.68 -7.44
C ALA C 359 47.49 -2.06 -8.49
N THR C 360 46.22 -1.76 -8.25
CA THR C 360 45.16 -2.07 -9.21
C THR C 360 44.22 -0.88 -9.32
N THR C 361 43.32 -0.95 -10.30
CA THR C 361 42.26 0.03 -10.47
C THR C 361 41.17 -0.09 -9.42
N GLY C 362 41.21 -1.14 -8.59
CA GLY C 362 40.31 -1.25 -7.46
C GLY C 362 41.01 -1.02 -6.13
N GLU C 363 41.75 0.08 -6.02
CA GLU C 363 42.38 0.46 -4.75
C GLU C 363 43.32 -0.61 -4.23
N GLY C 364 43.94 -1.35 -5.16
CA GLY C 364 44.90 -2.38 -4.84
C GLY C 364 44.33 -3.75 -4.61
N LEU C 365 43.01 -3.89 -4.61
CA LEU C 365 42.35 -5.16 -4.38
C LEU C 365 41.93 -5.78 -5.71
N ASP C 366 41.59 -7.06 -5.66
CA ASP C 366 41.32 -7.77 -6.91
C ASP C 366 39.84 -7.72 -7.28
N TRP C 367 38.97 -7.84 -6.29
CA TRP C 367 37.54 -7.97 -6.51
C TRP C 367 36.82 -6.75 -5.95
N GLY C 368 35.71 -6.39 -6.59
CA GLY C 368 34.93 -5.25 -6.13
C GLY C 368 33.45 -5.45 -6.34
N VAL C 369 32.66 -4.62 -5.68
CA VAL C 369 31.21 -4.61 -5.84
C VAL C 369 30.79 -3.21 -6.28
N LEU C 370 29.83 -3.17 -7.20
CA LEU C 370 29.18 -1.94 -7.63
C LEU C 370 27.68 -2.07 -7.40
N PHE C 371 27.13 -1.12 -6.66
CA PHE C 371 25.73 -1.15 -6.26
C PHE C 371 24.97 0.01 -6.87
N GLY C 372 23.80 -0.30 -7.44
CA GLY C 372 22.80 0.70 -7.80
C GLY C 372 21.60 0.53 -6.88
N PHE C 373 21.04 1.66 -6.45
CA PHE C 373 19.90 1.69 -5.54
C PHE C 373 18.79 2.53 -6.17
N GLY C 374 17.54 2.08 -6.06
CA GLY C 374 16.45 2.90 -6.54
C GLY C 374 15.07 2.31 -6.35
N PRO C 375 14.12 2.79 -7.13
CA PRO C 375 12.70 2.42 -6.92
C PRO C 375 12.46 0.93 -7.00
N GLY C 376 11.53 0.45 -6.16
CA GLY C 376 11.23 -0.98 -6.08
C GLY C 376 10.77 -1.45 -4.71
N LEU C 377 11.64 -1.45 -3.69
CA LEU C 377 13.03 -1.01 -3.81
C LEU C 377 13.90 -2.02 -4.56
N THR C 378 14.80 -1.49 -5.38
CA THR C 378 15.66 -2.29 -6.24
C THR C 378 17.11 -2.12 -5.82
N VAL C 379 17.84 -3.22 -5.73
CA VAL C 379 19.29 -3.23 -5.58
C VAL C 379 19.87 -3.95 -6.78
N GLU C 380 20.73 -3.27 -7.53
CA GLU C 380 21.53 -3.90 -8.57
C GLU C 380 22.92 -4.15 -8.04
N THR C 381 23.42 -5.38 -8.16
CA THR C 381 24.69 -5.81 -7.60
C THR C 381 25.59 -6.28 -8.74
N VAL C 382 26.65 -5.53 -9.02
CA VAL C 382 27.61 -5.89 -10.07
C VAL C 382 28.93 -6.29 -9.42
N VAL C 383 29.45 -7.47 -9.78
CA VAL C 383 30.74 -7.93 -9.29
C VAL C 383 31.79 -7.58 -10.33
N LEU C 384 32.82 -6.83 -9.90
CA LEU C 384 33.89 -6.36 -10.78
C LEU C 384 35.22 -7.00 -10.40
N ARG C 385 36.07 -7.16 -11.40
CA ARG C 385 37.46 -7.54 -11.20
C ARG C 385 38.30 -6.35 -11.66
N SER C 386 39.24 -5.92 -10.82
CA SER C 386 40.14 -4.83 -11.15
C SER C 386 41.19 -5.31 -12.15
N VAL C 387 42.01 -4.39 -12.61
CA VAL C 387 43.18 -4.74 -13.42
C VAL C 387 44.43 -4.16 -12.78
N PRO C 388 45.57 -4.81 -12.92
CA PRO C 388 46.82 -4.30 -12.35
C PRO C 388 47.28 -3.03 -13.03
N ILE C 389 48.22 -2.35 -12.36
CA ILE C 389 48.92 -1.16 -12.86
C ILE C 389 48.93 -1.04 -14.40
N GLY D 15 22.43 -23.92 -29.70
CA GLY D 15 22.29 -23.12 -28.50
C GLY D 15 21.65 -21.78 -28.76
N LEU D 16 20.72 -21.75 -29.71
CA LEU D 16 20.03 -20.53 -30.10
C LEU D 16 18.88 -20.21 -29.14
N ALA D 17 18.66 -18.91 -28.91
CA ALA D 17 17.45 -18.48 -28.23
C ALA D 17 16.22 -19.01 -28.97
N THR D 18 15.29 -19.57 -28.21
CA THR D 18 14.14 -20.24 -28.79
C THR D 18 12.87 -19.73 -28.13
N ILE D 19 11.87 -19.42 -28.94
CA ILE D 19 10.55 -19.09 -28.43
C ILE D 19 9.88 -20.40 -28.03
N LEU D 20 9.51 -20.52 -26.75
CA LEU D 20 8.99 -21.75 -26.18
C LEU D 20 7.50 -21.73 -25.92
N ALA D 21 6.89 -20.55 -25.92
CA ALA D 21 5.47 -20.34 -25.64
C ALA D 21 5.12 -18.92 -26.04
N ILE D 22 3.91 -18.75 -26.54
CA ILE D 22 3.38 -17.45 -26.94
C ILE D 22 1.93 -17.38 -26.52
N SER D 23 1.52 -16.26 -25.93
CA SER D 23 0.12 -16.06 -25.65
C SER D 23 -0.21 -14.57 -25.73
N THR D 24 -1.51 -14.32 -25.90
CA THR D 24 -2.02 -12.99 -26.14
C THR D 24 -3.20 -12.71 -25.21
N ALA D 25 -3.51 -11.43 -25.08
CA ALA D 25 -4.66 -10.98 -24.31
C ALA D 25 -5.11 -9.64 -24.88
N THR D 26 -6.41 -9.38 -24.77
CA THR D 26 -7.03 -8.15 -25.25
C THR D 26 -8.11 -7.75 -24.25
N PRO D 27 -8.41 -6.46 -24.13
CA PRO D 27 -9.51 -6.05 -23.26
C PRO D 27 -10.82 -6.65 -23.76
N PRO D 28 -11.78 -6.88 -22.86
CA PRO D 28 -13.07 -7.40 -23.32
C PRO D 28 -13.79 -6.44 -24.27
N ASN D 29 -13.63 -5.14 -24.08
CA ASN D 29 -14.35 -4.18 -24.91
C ASN D 29 -13.86 -4.23 -26.35
N CYS D 30 -14.81 -4.38 -27.26
CA CYS D 30 -14.52 -4.53 -28.68
C CYS D 30 -15.22 -3.43 -29.45
N VAL D 31 -14.51 -2.82 -30.41
CA VAL D 31 -15.10 -1.83 -31.30
C VAL D 31 -15.07 -2.37 -32.73
N ILE D 32 -16.22 -2.32 -33.40
CA ILE D 32 -16.31 -2.66 -34.81
C ILE D 32 -15.91 -1.44 -35.65
N GLN D 33 -14.97 -1.64 -36.58
CA GLN D 33 -14.38 -0.52 -37.29
C GLN D 33 -15.40 0.18 -38.19
N ALA D 34 -16.29 -0.57 -38.82
CA ALA D 34 -17.28 0.06 -39.68
C ALA D 34 -18.20 1.01 -38.90
N ASP D 35 -18.33 0.81 -37.60
CA ASP D 35 -19.17 1.66 -36.76
C ASP D 35 -18.39 2.71 -35.99
N TYR D 36 -17.06 2.71 -36.09
CA TYR D 36 -16.25 3.59 -35.25
C TYR D 36 -16.32 5.07 -35.63
N PRO D 37 -16.35 5.45 -36.92
CA PRO D 37 -16.51 6.89 -37.22
C PRO D 37 -17.73 7.50 -36.56
N ASP D 38 -18.86 6.79 -36.53
CA ASP D 38 -20.05 7.30 -35.85
C ASP D 38 -19.84 7.37 -34.34
N TYR D 39 -19.30 6.30 -33.75
CA TYR D 39 -19.08 6.28 -32.30
C TYR D 39 -18.04 7.30 -31.88
N TYR D 40 -16.98 7.43 -32.67
CA TYR D 40 -15.89 8.34 -32.32
C TYR D 40 -16.35 9.79 -32.37
N PHE D 41 -17.04 10.18 -33.45
CA PHE D 41 -17.48 11.56 -33.56
C PHE D 41 -18.63 11.87 -32.61
N LYS D 42 -19.37 10.86 -32.16
CA LYS D 42 -20.38 11.09 -31.13
C LYS D 42 -19.75 11.31 -29.76
N ILE D 43 -18.86 10.41 -29.35
CA ILE D 43 -18.34 10.49 -27.98
C ILE D 43 -17.36 11.65 -27.80
N THR D 44 -16.76 12.16 -28.87
CA THR D 44 -15.96 13.36 -28.76
C THR D 44 -16.76 14.62 -29.03
N ASN D 45 -18.09 14.52 -29.06
CA ASN D 45 -19.00 15.63 -29.32
C ASN D 45 -18.52 16.42 -30.54
N SER D 46 -18.47 15.71 -31.67
CA SER D 46 -17.83 16.22 -32.88
C SER D 46 -18.69 16.06 -34.14
N GLU D 47 -19.95 15.61 -34.00
CA GLU D 47 -20.70 15.28 -35.21
C GLU D 47 -21.01 16.49 -36.07
N HIS D 48 -20.91 17.70 -35.51
CA HIS D 48 -20.99 18.89 -36.34
C HIS D 48 -19.84 19.00 -37.32
N MET D 49 -18.80 18.17 -37.18
CA MET D 49 -17.72 18.13 -38.16
C MET D 49 -18.01 17.06 -39.20
N THR D 50 -19.06 17.34 -39.97
CA THR D 50 -19.58 16.42 -40.99
C THR D 50 -18.52 16.02 -42.01
N GLU D 51 -17.71 16.98 -42.45
CA GLU D 51 -16.74 16.70 -43.50
C GLU D 51 -15.53 15.94 -42.97
N LEU D 52 -15.03 16.35 -41.80
CA LEU D 52 -13.95 15.63 -41.16
C LEU D 52 -14.39 14.22 -40.80
N LYS D 53 -15.65 14.05 -40.38
CA LYS D 53 -16.20 12.73 -40.16
C LYS D 53 -16.08 11.87 -41.41
N GLU D 54 -16.26 12.50 -42.57
CA GLU D 54 -16.21 11.80 -43.84
C GLU D 54 -14.79 11.34 -44.16
N LYS D 55 -13.79 12.20 -43.93
CA LYS D 55 -12.40 11.80 -44.13
C LYS D 55 -12.00 10.68 -43.20
N PHE D 56 -12.45 10.72 -41.94
CA PHE D 56 -12.12 9.67 -40.99
C PHE D 56 -12.77 8.34 -41.39
N ARG D 57 -13.98 8.39 -41.95
CA ARG D 57 -14.58 7.15 -42.45
C ARG D 57 -13.71 6.52 -43.53
N ARG D 58 -13.17 7.33 -44.44
CA ARG D 58 -12.34 6.76 -45.50
C ARG D 58 -11.04 6.22 -44.95
N LEU D 59 -10.44 6.94 -44.00
CA LEU D 59 -9.27 6.41 -43.32
C LEU D 59 -9.57 5.06 -42.68
N CYS D 60 -10.73 4.93 -42.04
CA CYS D 60 -11.08 3.67 -41.40
C CYS D 60 -11.31 2.56 -42.42
N GLU D 61 -11.87 2.89 -43.58
CA GLU D 61 -12.09 1.86 -44.60
C GLU D 61 -10.78 1.41 -45.25
N LYS D 62 -9.90 2.36 -45.55
CA LYS D 62 -8.60 2.02 -46.11
C LYS D 62 -7.71 1.26 -45.12
N SER D 63 -8.02 1.32 -43.83
CA SER D 63 -7.17 0.70 -42.82
C SER D 63 -7.23 -0.83 -42.88
N MET D 64 -8.29 -1.40 -43.43
CA MET D 64 -8.47 -2.85 -43.47
C MET D 64 -8.39 -3.47 -42.08
N ILE D 65 -8.91 -2.73 -41.10
CA ILE D 65 -9.13 -3.26 -39.75
C ILE D 65 -10.62 -3.57 -39.63
N ARG D 66 -10.95 -4.77 -39.14
CA ARG D 66 -12.34 -5.13 -38.89
C ARG D 66 -12.79 -4.80 -37.46
N LYS D 67 -11.95 -5.09 -36.47
CA LYS D 67 -12.31 -4.79 -35.09
C LYS D 67 -11.06 -4.47 -34.30
N ARG D 68 -11.26 -3.75 -33.20
CA ARG D 68 -10.19 -3.36 -32.29
C ARG D 68 -10.69 -3.56 -30.86
N HIS D 69 -9.78 -3.93 -29.97
CA HIS D 69 -10.07 -3.99 -28.55
C HIS D 69 -9.52 -2.75 -27.86
N MET D 70 -10.29 -2.21 -26.92
CA MET D 70 -9.94 -0.95 -26.26
C MET D 70 -10.42 -0.97 -24.82
N CYS D 71 -9.50 -0.79 -23.88
CA CYS D 71 -9.90 -0.64 -22.48
C CYS D 71 -10.62 0.69 -22.24
N LEU D 72 -10.46 1.64 -23.15
CA LEU D 72 -11.14 2.93 -23.09
C LEU D 72 -12.59 2.73 -23.52
N THR D 73 -13.52 2.73 -22.56
CA THR D 73 -14.92 2.54 -22.86
C THR D 73 -15.67 3.88 -22.89
N GLU D 74 -16.93 3.80 -23.30
CA GLU D 74 -17.79 4.98 -23.34
C GLU D 74 -17.93 5.61 -21.96
N GLU D 75 -18.15 4.79 -20.92
CA GLU D 75 -18.30 5.36 -19.58
C GLU D 75 -16.99 5.95 -19.07
N ILE D 76 -15.86 5.29 -19.34
CA ILE D 76 -14.57 5.84 -18.93
C ILE D 76 -14.35 7.19 -19.62
N LEU D 77 -14.70 7.28 -20.90
CA LEU D 77 -14.52 8.53 -21.61
C LEU D 77 -15.44 9.62 -21.12
N LYS D 78 -16.65 9.25 -20.65
CA LYS D 78 -17.55 10.25 -20.10
C LYS D 78 -17.05 10.77 -18.76
N ALA D 79 -16.33 9.93 -18.02
CA ALA D 79 -15.73 10.35 -16.76
C ALA D 79 -14.46 11.18 -16.95
N ASN D 80 -13.93 11.27 -18.17
CA ASN D 80 -12.67 11.98 -18.44
C ASN D 80 -12.86 12.88 -19.65
N PRO D 81 -13.63 13.96 -19.51
CA PRO D 81 -13.93 14.81 -20.67
C PRO D 81 -12.72 15.51 -21.28
N ASN D 82 -11.64 15.69 -20.51
CA ASN D 82 -10.45 16.34 -21.06
C ASN D 82 -9.75 15.46 -22.08
N MET D 83 -9.95 14.14 -22.02
CA MET D 83 -9.37 13.25 -23.01
C MET D 83 -10.13 13.28 -24.33
N CYS D 84 -11.37 13.79 -24.33
CA CYS D 84 -12.18 13.83 -25.53
C CYS D 84 -11.97 15.09 -26.35
N LEU D 85 -11.30 16.10 -25.78
CA LEU D 85 -10.85 17.25 -26.53
C LEU D 85 -9.65 16.87 -27.37
N HIS D 86 -9.32 17.72 -28.35
CA HIS D 86 -8.15 17.44 -29.18
C HIS D 86 -6.88 17.57 -28.37
N MET D 87 -6.76 18.64 -27.59
CA MET D 87 -5.53 18.96 -26.87
C MET D 87 -5.84 19.39 -25.44
N GLY D 88 -6.71 18.64 -24.77
CA GLY D 88 -7.03 18.97 -23.40
C GLY D 88 -5.93 18.52 -22.45
N THR D 89 -5.63 19.36 -21.47
CA THR D 89 -4.68 18.96 -20.43
C THR D 89 -5.19 17.67 -19.81
N SER D 90 -4.52 16.56 -20.11
CA SER D 90 -5.11 15.27 -19.80
C SER D 90 -4.08 14.19 -19.46
N LEU D 91 -2.79 14.50 -19.38
CA LEU D 91 -1.80 13.48 -19.07
C LEU D 91 -2.10 12.77 -17.76
N ASN D 92 -2.49 13.52 -16.72
CA ASN D 92 -2.74 12.87 -15.44
C ASN D 92 -3.88 11.86 -15.54
N ALA D 93 -4.98 12.25 -16.20
CA ALA D 93 -6.11 11.32 -16.35
C ALA D 93 -5.69 10.09 -17.15
N ARG D 94 -4.85 10.28 -18.15
CA ARG D 94 -4.40 9.14 -18.96
C ARG D 94 -3.49 8.23 -18.16
N GLN D 95 -2.56 8.81 -17.40
CA GLN D 95 -1.68 8.03 -16.54
C GLN D 95 -2.47 7.22 -15.52
N ASP D 96 -3.50 7.84 -14.93
CA ASP D 96 -4.26 7.16 -13.91
C ASP D 96 -4.97 5.92 -14.45
N ILE D 97 -5.43 5.99 -15.71
CA ILE D 97 -6.01 4.82 -16.37
C ILE D 97 -4.93 3.85 -16.82
N SER D 98 -3.93 4.36 -17.55
CA SER D 98 -3.09 3.46 -18.32
C SER D 98 -2.11 2.71 -17.44
N LEU D 99 -1.64 3.32 -16.35
CA LEU D 99 -0.63 2.65 -15.53
C LEU D 99 -1.18 1.41 -14.84
N VAL D 100 -2.50 1.38 -14.62
CA VAL D 100 -3.14 0.17 -14.09
C VAL D 100 -3.39 -0.83 -15.21
N GLU D 101 -3.84 -0.34 -16.36
CA GLU D 101 -4.27 -1.22 -17.44
C GLU D 101 -3.10 -1.98 -18.06
N VAL D 102 -1.93 -1.36 -18.13
CA VAL D 102 -0.77 -1.97 -18.80
C VAL D 102 -0.36 -3.29 -18.14
N PRO D 103 -0.06 -3.33 -16.84
CA PRO D 103 0.27 -4.65 -16.26
C PRO D 103 -0.95 -5.55 -16.10
N LYS D 104 -2.15 -4.99 -15.95
CA LYS D 104 -3.35 -5.82 -15.85
C LYS D 104 -3.52 -6.68 -17.10
N LEU D 105 -3.40 -6.06 -18.27
CA LEU D 105 -3.48 -6.81 -19.52
C LEU D 105 -2.24 -7.68 -19.72
N GLY D 106 -1.07 -7.17 -19.34
CA GLY D 106 0.14 -7.95 -19.47
C GLY D 106 0.15 -9.19 -18.62
N LYS D 107 -0.41 -9.10 -17.40
CA LYS D 107 -0.41 -10.28 -16.54
C LYS D 107 -1.27 -11.39 -17.11
N GLU D 108 -2.36 -11.04 -17.81
CA GLU D 108 -3.23 -12.05 -18.38
C GLU D 108 -2.50 -12.84 -19.46
N ALA D 109 -1.78 -12.14 -20.34
CA ALA D 109 -1.01 -12.82 -21.38
C ALA D 109 0.13 -13.62 -20.77
N ALA D 110 0.83 -13.06 -19.79
CA ALA D 110 1.95 -13.76 -19.16
C ALA D 110 1.49 -15.06 -18.52
N THR D 111 0.38 -15.02 -17.78
CA THR D 111 -0.12 -16.22 -17.11
C THR D 111 -0.40 -17.33 -18.13
N LYS D 112 -0.99 -16.96 -19.27
CA LYS D 112 -1.27 -17.94 -20.32
C LYS D 112 0.01 -18.51 -20.92
N ALA D 113 1.01 -17.67 -21.17
CA ALA D 113 2.26 -18.17 -21.72
C ALA D 113 2.98 -19.09 -20.75
N ILE D 114 2.95 -18.76 -19.45
CA ILE D 114 3.52 -19.65 -18.44
C ILE D 114 2.73 -20.94 -18.40
N LYS D 115 1.41 -20.86 -18.59
CA LYS D 115 0.59 -22.06 -18.66
C LYS D 115 1.02 -22.98 -19.80
N GLU D 116 1.23 -22.42 -20.99
CA GLU D 116 1.66 -23.24 -22.13
C GLU D 116 3.07 -23.79 -21.89
N TRP D 117 3.97 -22.95 -21.38
CA TRP D 117 5.32 -23.42 -21.07
C TRP D 117 5.26 -24.56 -20.06
N GLY D 118 4.50 -24.37 -18.99
CA GLY D 118 4.23 -25.44 -18.05
C GLY D 118 5.27 -25.66 -16.98
N GLN D 119 6.27 -24.79 -16.89
CA GLN D 119 7.30 -24.92 -15.87
C GLN D 119 7.00 -24.02 -14.68
N PRO D 120 7.60 -24.30 -13.52
CA PRO D 120 7.41 -23.42 -12.36
C PRO D 120 7.95 -22.02 -12.62
N LYS D 121 7.28 -21.02 -12.03
CA LYS D 121 7.67 -19.63 -12.24
C LYS D 121 9.02 -19.30 -11.63
N SER D 122 9.50 -20.07 -10.65
CA SER D 122 10.82 -19.87 -10.10
C SER D 122 11.92 -20.11 -11.14
N LYS D 123 11.58 -20.75 -12.26
CA LYS D 123 12.55 -20.96 -13.33
C LYS D 123 12.65 -19.77 -14.27
N ILE D 124 11.78 -18.79 -14.12
CA ILE D 124 11.88 -17.54 -14.87
C ILE D 124 12.96 -16.69 -14.20
N THR D 125 14.06 -16.48 -14.93
CA THR D 125 15.22 -15.75 -14.44
C THR D 125 15.24 -14.30 -14.89
N HIS D 126 14.55 -13.98 -15.97
CA HIS D 126 14.60 -12.66 -16.57
C HIS D 126 13.20 -12.22 -16.99
N LEU D 127 12.96 -10.92 -16.94
CA LEU D 127 11.72 -10.33 -17.39
C LEU D 127 12.02 -9.13 -18.26
N ILE D 128 11.46 -9.11 -19.48
CA ILE D 128 11.49 -7.94 -20.34
C ILE D 128 10.06 -7.43 -20.46
N PHE D 129 9.81 -6.20 -20.03
CA PHE D 129 8.52 -5.56 -20.22
C PHE D 129 8.68 -4.41 -21.19
N CYS D 130 7.76 -4.32 -22.14
CA CYS D 130 7.79 -3.30 -23.17
C CYS D 130 6.44 -2.60 -23.27
N THR D 131 6.44 -1.28 -23.20
CA THR D 131 5.23 -0.52 -23.43
C THR D 131 5.57 0.90 -23.83
N SER D 132 4.69 1.50 -24.63
CA SER D 132 4.70 2.92 -24.89
C SER D 132 3.46 3.62 -24.32
N ALA D 133 2.72 2.96 -23.43
CA ALA D 133 1.44 3.46 -22.96
C ALA D 133 1.52 4.22 -21.64
N GLY D 134 2.72 4.43 -21.10
CA GLY D 134 2.87 5.30 -19.94
C GLY D 134 4.03 4.91 -19.06
N VAL D 135 4.86 5.87 -18.65
CA VAL D 135 6.02 5.58 -17.83
C VAL D 135 5.69 5.88 -16.37
N ASP D 136 6.31 5.11 -15.47
CA ASP D 136 6.14 5.28 -14.04
C ASP D 136 7.39 4.72 -13.36
N MET D 137 7.62 5.14 -12.12
CA MET D 137 8.78 4.69 -11.35
C MET D 137 8.32 4.19 -9.99
N PRO D 138 8.49 2.89 -9.66
CA PRO D 138 9.01 1.84 -10.54
C PRO D 138 8.06 1.56 -11.68
N GLY D 139 8.50 0.82 -12.69
CA GLY D 139 7.74 0.65 -13.91
C GLY D 139 6.90 -0.61 -13.93
N ALA D 140 6.33 -0.89 -15.11
CA ALA D 140 5.45 -2.04 -15.29
C ALA D 140 6.18 -3.35 -15.07
N ASP D 141 7.49 -3.40 -15.31
CA ASP D 141 8.22 -4.61 -14.97
C ASP D 141 8.10 -4.92 -13.48
N TYR D 142 8.22 -3.90 -12.63
CA TYR D 142 8.06 -4.09 -11.19
C TYR D 142 6.64 -4.57 -10.86
N GLN D 143 5.63 -3.95 -11.45
CA GLN D 143 4.25 -4.34 -11.15
C GLN D 143 3.98 -5.80 -11.50
N LEU D 144 4.45 -6.24 -12.68
CA LEU D 144 4.20 -7.61 -13.10
C LEU D 144 4.94 -8.62 -12.22
N THR D 145 6.17 -8.30 -11.80
CA THR D 145 6.91 -9.19 -10.94
C THR D 145 6.11 -9.48 -9.67
N ARG D 146 5.56 -8.42 -9.06
CA ARG D 146 4.80 -8.59 -7.82
C ARG D 146 3.47 -9.31 -8.07
N LEU D 147 2.78 -8.97 -9.17
CA LEU D 147 1.49 -9.60 -9.46
C LEU D 147 1.64 -11.09 -9.66
N LEU D 148 2.64 -11.50 -10.44
CA LEU D 148 2.82 -12.89 -10.80
C LEU D 148 3.57 -13.68 -9.74
N GLY D 149 4.13 -13.01 -8.75
CA GLY D 149 4.97 -13.70 -7.77
C GLY D 149 6.23 -14.28 -8.36
N LEU D 150 6.88 -13.55 -9.28
CA LEU D 150 8.17 -14.00 -9.75
C LEU D 150 9.21 -13.86 -8.64
N SER D 151 10.33 -14.56 -8.81
CA SER D 151 11.36 -14.45 -7.79
C SER D 151 11.77 -13.00 -7.65
N PRO D 152 12.01 -12.51 -6.43
CA PRO D 152 12.44 -11.11 -6.30
C PRO D 152 13.71 -10.82 -7.04
N GLU D 153 14.51 -11.85 -7.31
CA GLU D 153 15.80 -11.75 -7.98
C GLU D 153 15.68 -11.83 -9.50
N VAL D 154 14.45 -11.80 -10.03
CA VAL D 154 14.29 -11.81 -11.49
C VAL D 154 14.99 -10.58 -12.06
N LYS D 155 15.73 -10.80 -13.15
CA LYS D 155 16.52 -9.74 -13.79
C LYS D 155 15.64 -9.03 -14.80
N ARG D 156 15.31 -7.77 -14.52
CA ARG D 156 14.30 -7.04 -15.28
C ARG D 156 14.94 -6.05 -16.25
N MET D 157 14.33 -5.91 -17.43
CA MET D 157 14.67 -4.87 -18.38
C MET D 157 13.38 -4.21 -18.83
N MET D 158 13.29 -2.90 -18.65
CA MET D 158 12.06 -2.16 -18.91
C MET D 158 12.28 -1.31 -20.15
N ILE D 159 11.61 -1.66 -21.25
CA ILE D 159 11.79 -0.99 -22.54
C ILE D 159 10.59 -0.07 -22.75
N TYR D 160 10.80 1.22 -22.49
CA TYR D 160 9.74 2.22 -22.50
C TYR D 160 9.79 3.05 -23.78
N GLN D 161 8.62 3.26 -24.39
CA GLN D 161 8.40 4.32 -25.36
C GLN D 161 9.20 4.13 -26.66
N GLN D 162 9.44 2.88 -27.06
CA GLN D 162 10.15 2.65 -28.31
C GLN D 162 9.21 2.44 -29.49
N GLY D 163 7.91 2.44 -29.25
CA GLY D 163 7.01 2.47 -30.38
C GLY D 163 6.88 1.14 -31.10
N CYS D 164 6.60 1.24 -32.40
CA CYS D 164 6.09 0.11 -33.15
C CYS D 164 7.16 -0.85 -33.64
N TYR D 165 8.44 -0.55 -33.42
CA TYR D 165 9.46 -1.53 -33.77
C TYR D 165 9.91 -2.36 -32.59
N ALA D 166 9.36 -2.11 -31.39
CA ALA D 166 9.89 -2.69 -30.17
C ALA D 166 9.49 -4.16 -29.96
N GLY D 167 8.53 -4.67 -30.73
CA GLY D 167 8.25 -6.09 -30.67
C GLY D 167 9.41 -6.89 -31.21
N ALA D 168 10.12 -6.33 -32.20
CA ALA D 168 11.37 -6.93 -32.64
C ALA D 168 12.53 -6.62 -31.68
N THR D 169 12.56 -5.41 -31.11
CA THR D 169 13.60 -5.07 -30.13
C THR D 169 13.63 -6.06 -28.98
N VAL D 170 12.47 -6.45 -28.46
CA VAL D 170 12.47 -7.33 -27.30
C VAL D 170 13.00 -8.71 -27.67
N LEU D 171 12.83 -9.15 -28.93
CA LEU D 171 13.43 -10.42 -29.34
C LEU D 171 14.93 -10.29 -29.46
N ARG D 172 15.40 -9.16 -29.98
CA ARG D 172 16.83 -8.90 -30.05
C ARG D 172 17.44 -8.92 -28.65
N LEU D 173 16.78 -8.27 -27.70
CA LEU D 173 17.26 -8.27 -26.33
C LEU D 173 17.21 -9.67 -25.72
N ALA D 174 16.06 -10.36 -25.89
CA ALA D 174 15.91 -11.70 -25.30
C ALA D 174 16.98 -12.66 -25.81
N LYS D 175 17.36 -12.54 -27.08
CA LYS D 175 18.37 -13.44 -27.64
C LYS D 175 19.69 -13.34 -26.87
N ASP D 176 20.15 -12.12 -26.61
CA ASP D 176 21.42 -11.96 -25.92
C ASP D 176 21.30 -12.37 -24.45
N LEU D 177 20.17 -12.08 -23.82
CA LEU D 177 20.03 -12.42 -22.40
C LEU D 177 20.03 -13.93 -22.21
N THR D 178 19.31 -14.67 -23.06
CA THR D 178 19.18 -16.12 -22.86
C THR D 178 20.43 -16.86 -23.31
N GLU D 179 21.05 -16.42 -24.38
CA GLU D 179 22.20 -17.15 -24.89
C GLU D 179 23.43 -16.93 -24.02
N ASN D 180 23.51 -15.82 -23.27
CA ASN D 180 24.68 -15.58 -22.45
C ASN D 180 24.53 -16.07 -21.03
N ASN D 181 23.39 -16.66 -20.67
CA ASN D 181 23.13 -17.10 -19.31
C ASN D 181 22.55 -18.51 -19.36
N LYS D 182 23.42 -19.49 -19.13
CA LYS D 182 23.01 -20.90 -19.19
C LYS D 182 21.85 -21.18 -18.24
N GLY D 183 20.82 -21.83 -18.76
CA GLY D 183 19.64 -22.16 -17.99
C GLY D 183 18.61 -21.05 -17.88
N SER D 184 18.95 -19.84 -18.31
CA SER D 184 18.04 -18.73 -18.16
C SER D 184 16.77 -18.93 -18.99
N ARG D 185 15.67 -18.41 -18.46
CA ARG D 185 14.37 -18.41 -19.11
C ARG D 185 13.78 -17.01 -18.98
N VAL D 186 13.47 -16.37 -20.09
CA VAL D 186 13.02 -14.98 -20.09
C VAL D 186 11.53 -14.94 -20.38
N LEU D 187 10.82 -14.20 -19.55
CA LEU D 187 9.45 -13.82 -19.82
C LEU D 187 9.43 -12.44 -20.49
N ILE D 188 8.86 -12.37 -21.68
CA ILE D 188 8.69 -11.13 -22.42
C ILE D 188 7.22 -10.74 -22.39
N VAL D 189 6.94 -9.49 -22.04
CA VAL D 189 5.57 -8.98 -22.05
C VAL D 189 5.58 -7.64 -22.77
N CYS D 190 4.78 -7.54 -23.83
CA CYS D 190 4.50 -6.29 -24.52
C CYS D 190 3.03 -5.99 -24.29
N SER D 191 2.74 -4.80 -23.79
CA SER D 191 1.38 -4.43 -23.44
C SER D 191 1.18 -2.99 -23.89
N GLU D 192 0.20 -2.79 -24.76
CA GLU D 192 0.00 -1.50 -25.39
C GLU D 192 -1.49 -1.19 -25.36
N ASN D 193 -1.81 0.10 -25.42
CA ASN D 193 -3.20 0.53 -25.40
C ASN D 193 -3.29 1.94 -25.97
N THR D 194 -4.53 2.41 -26.15
CA THR D 194 -4.81 3.70 -26.79
C THR D 194 -4.95 4.84 -25.80
N VAL D 195 -4.87 4.58 -24.49
CA VAL D 195 -5.12 5.61 -23.48
C VAL D 195 -4.24 6.84 -23.71
N PRO D 196 -2.93 6.71 -24.00
CA PRO D 196 -2.14 7.94 -24.20
C PRO D 196 -2.49 8.71 -25.46
N THR D 197 -3.01 8.06 -26.50
CA THR D 197 -3.15 8.70 -27.81
C THR D 197 -4.57 9.14 -28.14
N PHE D 198 -5.58 8.54 -27.51
CA PHE D 198 -6.96 8.89 -27.86
C PHE D 198 -7.22 10.36 -27.62
N ARG D 199 -7.87 11.01 -28.58
CA ARG D 199 -8.23 12.42 -28.43
C ARG D 199 -9.24 12.77 -29.50
N GLY D 200 -9.87 13.94 -29.33
CA GLY D 200 -10.85 14.42 -30.26
C GLY D 200 -10.23 14.83 -31.57
N PRO D 201 -11.06 14.94 -32.60
CA PRO D 201 -10.54 15.17 -33.95
C PRO D 201 -10.30 16.64 -34.23
N SER D 202 -9.43 16.88 -35.21
CA SER D 202 -9.12 18.23 -35.64
C SER D 202 -8.67 18.18 -37.09
N ASP D 203 -9.26 19.04 -37.92
CA ASP D 203 -8.85 19.11 -39.33
C ASP D 203 -7.52 19.83 -39.52
N THR D 204 -6.91 20.34 -38.44
CA THR D 204 -5.56 20.87 -38.51
C THR D 204 -4.49 19.81 -38.26
N HIS D 205 -4.88 18.65 -37.70
CA HIS D 205 -3.94 17.60 -37.33
C HIS D 205 -4.48 16.27 -37.87
N ILE D 206 -4.27 16.03 -39.17
CA ILE D 206 -4.76 14.80 -39.77
C ILE D 206 -3.94 13.60 -39.31
N ASP D 207 -2.65 13.80 -39.03
CA ASP D 207 -1.80 12.73 -38.52
C ASP D 207 -2.45 12.00 -37.35
N SER D 208 -3.04 12.75 -36.43
CA SER D 208 -3.65 12.13 -35.27
C SER D 208 -4.86 11.29 -35.66
N LEU D 209 -5.62 11.74 -36.66
CA LEU D 209 -6.77 10.96 -37.12
C LEU D 209 -6.33 9.61 -37.66
N VAL D 210 -5.17 9.58 -38.33
CA VAL D 210 -4.57 8.29 -38.71
C VAL D 210 -4.45 7.40 -37.47
N GLY D 211 -3.95 7.97 -36.37
CA GLY D 211 -3.83 7.20 -35.14
C GLY D 211 -5.15 6.74 -34.58
N GLN D 212 -6.18 7.60 -34.64
CA GLN D 212 -7.48 7.21 -34.10
C GLN D 212 -8.12 6.09 -34.90
N ALA D 213 -7.72 5.93 -36.16
CA ALA D 213 -8.23 4.87 -37.01
C ALA D 213 -7.48 3.56 -36.83
N LEU D 214 -6.26 3.59 -36.28
CA LEU D 214 -5.33 2.47 -36.31
C LEU D 214 -5.04 1.87 -34.94
N PHE D 215 -4.74 2.70 -33.93
CA PHE D 215 -4.20 2.19 -32.67
C PHE D 215 -5.25 1.39 -31.88
N ALA D 216 -4.78 0.37 -31.17
CA ALA D 216 -5.63 -0.56 -30.46
C ALA D 216 -4.87 -1.12 -29.26
N ASP D 217 -5.59 -1.89 -28.45
CA ASP D 217 -5.03 -2.49 -27.25
C ASP D 217 -4.72 -3.97 -27.47
N GLY D 218 -3.60 -4.42 -26.91
CA GLY D 218 -3.37 -5.84 -26.79
C GLY D 218 -2.10 -6.06 -26.00
N ALA D 219 -1.95 -7.29 -25.52
CA ALA D 219 -0.74 -7.68 -24.84
C ALA D 219 -0.32 -9.05 -25.35
N ALA D 220 0.98 -9.25 -25.46
CA ALA D 220 1.54 -10.53 -25.86
C ALA D 220 2.63 -10.91 -24.88
N ALA D 221 2.76 -12.20 -24.62
CA ALA D 221 3.82 -12.69 -23.76
C ALA D 221 4.48 -13.91 -24.39
N LEU D 222 5.79 -14.03 -24.16
CA LEU D 222 6.59 -15.12 -24.66
C LEU D 222 7.47 -15.64 -23.54
N ILE D 223 7.79 -16.93 -23.60
CA ILE D 223 8.91 -17.50 -22.87
C ILE D 223 9.99 -17.79 -23.90
N VAL D 224 11.19 -17.28 -23.64
CA VAL D 224 12.34 -17.50 -24.51
C VAL D 224 13.45 -18.14 -23.69
N GLY D 225 14.14 -19.10 -24.29
CA GLY D 225 15.31 -19.66 -23.65
C GLY D 225 16.15 -20.40 -24.67
N ALA D 226 17.42 -20.58 -24.33
CA ALA D 226 18.31 -21.40 -25.13
C ALA D 226 18.38 -22.80 -24.54
N ASP D 227 18.84 -23.76 -25.36
CA ASP D 227 18.96 -25.16 -24.99
C ASP D 227 17.69 -25.71 -24.36
N PRO D 228 16.59 -25.82 -25.10
CA PRO D 228 15.37 -26.37 -24.50
C PRO D 228 15.52 -27.84 -24.13
N ASP D 229 14.87 -28.21 -23.04
CA ASP D 229 14.77 -29.61 -22.63
C ASP D 229 13.60 -30.21 -23.39
N ALA D 230 13.90 -31.14 -24.31
CA ALA D 230 12.88 -31.64 -25.22
C ALA D 230 11.76 -32.38 -24.49
N SER D 231 12.06 -32.97 -23.32
CA SER D 231 11.02 -33.70 -22.62
C SER D 231 9.94 -32.77 -22.07
N ILE D 232 10.26 -31.50 -21.84
CA ILE D 232 9.31 -30.60 -21.19
C ILE D 232 9.05 -29.33 -21.97
N GLU D 233 9.89 -28.99 -22.95
CA GLU D 233 9.74 -27.73 -23.66
C GLU D 233 9.57 -28.00 -25.15
N ARG D 234 8.82 -27.13 -25.80
CA ARG D 234 8.43 -27.31 -27.20
C ARG D 234 8.82 -26.07 -27.99
N PRO D 235 9.96 -26.10 -28.68
CA PRO D 235 10.35 -24.95 -29.51
C PRO D 235 9.32 -24.61 -30.58
N LEU D 236 9.14 -23.31 -30.82
CA LEU D 236 8.29 -22.81 -31.89
C LEU D 236 9.08 -22.09 -32.97
N TYR D 237 9.98 -21.20 -32.57
CA TYR D 237 10.88 -20.49 -33.47
C TYR D 237 12.23 -20.35 -32.78
N HIS D 238 13.29 -20.32 -33.58
CA HIS D 238 14.62 -20.00 -33.11
C HIS D 238 14.97 -18.60 -33.58
N ILE D 239 15.57 -17.80 -32.70
CA ILE D 239 15.96 -16.44 -33.05
C ILE D 239 17.41 -16.48 -33.49
N VAL D 240 17.63 -16.42 -34.81
CA VAL D 240 18.97 -16.64 -35.37
C VAL D 240 19.83 -15.38 -35.32
N SER D 241 19.27 -14.24 -35.70
CA SER D 241 20.03 -13.00 -35.63
C SER D 241 19.04 -11.84 -35.50
N ALA D 242 19.56 -10.69 -35.09
CA ALA D 242 18.71 -9.54 -34.89
C ALA D 242 19.53 -8.29 -35.16
N SER D 243 19.02 -7.46 -36.06
CA SER D 243 19.71 -6.27 -36.52
C SER D 243 18.81 -5.06 -36.35
N GLN D 244 19.42 -3.87 -36.37
CA GLN D 244 18.69 -2.62 -36.30
C GLN D 244 19.37 -1.58 -37.16
N THR D 245 18.60 -0.81 -37.92
CA THR D 245 19.21 0.26 -38.69
C THR D 245 18.29 1.47 -38.78
N LEU D 246 18.89 2.63 -39.01
CA LEU D 246 18.17 3.86 -39.30
C LEU D 246 18.18 4.11 -40.81
N LEU D 247 17.05 4.60 -41.35
CA LEU D 247 16.92 4.79 -42.79
C LEU D 247 17.49 6.15 -43.21
N PRO D 248 18.22 6.19 -44.33
CA PRO D 248 18.79 7.46 -44.77
C PRO D 248 17.72 8.50 -45.08
N ASP D 249 18.03 9.76 -44.76
CA ASP D 249 17.21 10.92 -45.06
C ASP D 249 15.84 10.87 -44.40
N SER D 250 15.65 10.07 -43.35
CA SER D 250 14.32 9.90 -42.79
C SER D 250 14.10 10.68 -41.51
N ASP D 251 15.06 11.53 -41.12
CA ASP D 251 14.94 12.28 -39.87
C ASP D 251 13.61 13.01 -39.78
N GLY D 252 12.90 12.80 -38.67
CA GLY D 252 11.67 13.51 -38.39
C GLY D 252 10.42 12.95 -39.03
N ALA D 253 10.52 11.84 -39.77
CA ALA D 253 9.35 11.35 -40.50
C ALA D 253 8.23 10.91 -39.58
N ILE D 254 8.57 10.26 -38.46
CA ILE D 254 7.61 9.86 -37.45
C ILE D 254 8.12 10.35 -36.11
N GLU D 255 7.25 11.05 -35.36
CA GLU D 255 7.61 11.55 -34.04
C GLU D 255 6.42 11.45 -33.11
N GLY D 256 6.71 11.15 -31.85
CA GLY D 256 5.68 11.06 -30.83
C GLY D 256 6.14 11.79 -29.59
N HIS D 257 5.37 12.77 -29.14
CA HIS D 257 5.77 13.59 -28.01
C HIS D 257 4.86 13.34 -26.82
N ILE D 258 5.48 13.26 -25.65
CA ILE D 258 4.78 13.09 -24.38
C ILE D 258 4.60 14.49 -23.80
N ARG D 259 3.34 14.91 -23.66
CA ARG D 259 3.00 16.29 -23.36
C ARG D 259 1.85 16.31 -22.36
N GLU D 260 1.49 17.54 -21.96
CA GLU D 260 0.40 17.74 -21.03
C GLU D 260 -0.92 17.15 -21.57
N ALA D 261 -1.06 17.09 -22.89
CA ALA D 261 -2.24 16.55 -23.55
C ALA D 261 -2.13 15.05 -23.85
N GLY D 262 -1.09 14.39 -23.36
CA GLY D 262 -0.86 13.00 -23.70
C GLY D 262 0.19 12.84 -24.78
N LEU D 263 0.12 11.69 -25.45
CA LEU D 263 1.07 11.34 -26.50
C LEU D 263 0.47 11.81 -27.83
N THR D 264 1.13 12.79 -28.44
CA THR D 264 0.72 13.35 -29.72
C THR D 264 1.60 12.76 -30.82
N VAL D 265 0.97 12.43 -31.95
CA VAL D 265 1.61 11.72 -33.05
C VAL D 265 1.82 12.68 -34.21
N HIS D 266 2.98 12.59 -34.85
CA HIS D 266 3.33 13.53 -35.91
C HIS D 266 4.01 12.77 -37.04
N LEU D 267 3.48 12.92 -38.26
CA LEU D 267 3.87 12.10 -39.38
C LEU D 267 4.18 12.96 -40.60
N LYS D 268 5.14 12.49 -41.39
CA LYS D 268 5.41 13.04 -42.72
C LYS D 268 4.80 12.13 -43.77
N LYS D 269 4.34 12.74 -44.88
CA LYS D 269 3.47 12.04 -45.82
C LYS D 269 4.10 10.78 -46.40
N ASP D 270 5.43 10.77 -46.55
CA ASP D 270 6.15 9.82 -47.40
C ASP D 270 6.70 8.62 -46.62
N VAL D 271 6.09 8.27 -45.48
CA VAL D 271 6.68 7.22 -44.64
C VAL D 271 6.75 5.87 -45.36
N PRO D 272 5.69 5.38 -46.01
CA PRO D 272 5.82 4.07 -46.71
C PRO D 272 6.96 4.02 -47.71
N ALA D 273 7.20 5.11 -48.43
CA ALA D 273 8.24 5.11 -49.45
C ALA D 273 9.63 4.91 -48.84
N PHE D 274 9.87 5.49 -47.67
CA PHE D 274 11.14 5.29 -47.00
C PHE D 274 11.38 3.83 -46.68
N PHE D 275 10.37 3.16 -46.14
CA PHE D 275 10.54 1.77 -45.75
C PHE D 275 10.70 0.87 -46.98
N SER D 276 9.85 1.07 -47.99
CA SER D 276 9.93 0.23 -49.18
C SER D 276 11.23 0.44 -49.94
N ALA D 277 11.72 1.68 -49.99
CA ALA D 277 12.94 1.94 -50.75
C ALA D 277 14.17 1.36 -50.09
N ASN D 278 14.11 1.08 -48.79
CA ASN D 278 15.29 0.67 -48.04
C ASN D 278 15.22 -0.74 -47.48
N ILE D 279 14.07 -1.41 -47.56
CA ILE D 279 13.95 -2.68 -46.87
C ILE D 279 14.86 -3.75 -47.47
N GLU D 280 15.17 -3.69 -48.77
CA GLU D 280 15.97 -4.76 -49.35
C GLU D 280 17.39 -4.76 -48.80
N LYS D 281 17.94 -3.59 -48.43
CA LYS D 281 19.26 -3.59 -47.80
C LYS D 281 19.24 -4.39 -46.51
N SER D 282 18.17 -4.28 -45.73
CA SER D 282 18.06 -5.03 -44.48
C SER D 282 17.97 -6.53 -44.75
N LEU D 283 17.24 -6.93 -45.80
CA LEU D 283 17.17 -8.34 -46.16
C LEU D 283 18.54 -8.84 -46.58
N VAL D 284 19.24 -8.07 -47.42
CA VAL D 284 20.55 -8.48 -47.91
C VAL D 284 21.54 -8.60 -46.76
N ASP D 285 21.56 -7.60 -45.87
CA ASP D 285 22.48 -7.64 -44.73
C ASP D 285 22.17 -8.84 -43.83
N ALA D 286 20.90 -9.17 -43.66
CA ALA D 286 20.55 -10.23 -42.72
C ALA D 286 20.69 -11.62 -43.31
N PHE D 287 20.44 -11.78 -44.62
CA PHE D 287 20.29 -13.10 -45.19
C PHE D 287 21.47 -13.55 -46.04
N THR D 288 22.40 -12.67 -46.35
CA THR D 288 23.56 -13.12 -47.10
C THR D 288 24.43 -14.03 -46.24
N PRO D 289 24.64 -13.77 -44.94
CA PRO D 289 25.35 -14.76 -44.12
C PRO D 289 24.69 -16.13 -44.14
N ILE D 290 23.38 -16.17 -44.31
CA ILE D 290 22.64 -17.43 -44.38
C ILE D 290 22.67 -18.05 -45.77
N GLY D 291 22.99 -17.27 -46.80
CA GLY D 291 23.00 -17.77 -48.16
C GLY D 291 21.69 -17.63 -48.90
N ILE D 292 20.78 -16.78 -48.44
CA ILE D 292 19.47 -16.64 -49.05
C ILE D 292 19.39 -15.29 -49.75
N SER D 293 18.81 -15.29 -50.95
CA SER D 293 18.56 -14.08 -51.71
C SER D 293 17.16 -13.99 -52.29
N ASP D 294 16.35 -15.04 -52.19
CA ASP D 294 15.00 -15.09 -52.74
C ASP D 294 14.03 -14.80 -51.59
N TRP D 295 13.43 -13.61 -51.61
CA TRP D 295 12.59 -13.21 -50.49
C TRP D 295 11.23 -13.89 -50.48
N ASN D 296 10.88 -14.62 -51.52
CA ASN D 296 9.69 -15.46 -51.44
C ASN D 296 9.98 -16.83 -50.86
N SER D 297 11.25 -17.18 -50.64
CA SER D 297 11.62 -18.50 -50.13
C SER D 297 11.61 -18.54 -48.61
N ILE D 298 11.29 -17.42 -47.96
CA ILE D 298 11.28 -17.30 -46.51
C ILE D 298 9.88 -16.90 -46.07
N PHE D 299 9.54 -17.24 -44.83
CA PHE D 299 8.29 -16.72 -44.30
C PHE D 299 8.48 -15.32 -43.71
N TRP D 300 7.37 -14.62 -43.60
CA TRP D 300 7.39 -13.18 -43.30
C TRP D 300 6.49 -12.88 -42.12
N ILE D 301 7.00 -12.05 -41.21
CA ILE D 301 6.22 -11.35 -40.19
C ILE D 301 6.62 -9.89 -40.30
N ALA D 302 5.66 -9.02 -40.57
CA ALA D 302 5.95 -7.61 -40.68
C ALA D 302 4.94 -6.83 -39.87
N HIS D 303 5.43 -5.93 -39.02
CA HIS D 303 4.57 -5.00 -38.31
C HIS D 303 3.59 -4.37 -39.30
N PRO D 304 2.28 -4.59 -39.12
CA PRO D 304 1.31 -4.18 -40.15
C PRO D 304 0.63 -2.85 -39.87
N GLY D 305 1.03 -2.16 -38.81
CA GLY D 305 0.32 -0.99 -38.34
C GLY D 305 0.22 0.13 -39.35
N GLY D 306 1.10 0.15 -40.34
CA GLY D 306 0.97 1.03 -41.47
C GLY D 306 0.67 0.21 -42.70
N PRO D 307 -0.61 0.10 -43.05
CA PRO D 307 -1.00 -0.80 -44.15
C PRO D 307 -0.34 -0.46 -45.47
N ALA D 308 -0.05 0.82 -45.71
CA ALA D 308 0.61 1.21 -46.95
C ALA D 308 2.06 0.77 -47.00
N ILE D 309 2.73 0.69 -45.84
CA ILE D 309 4.11 0.19 -45.85
C ILE D 309 4.14 -1.23 -46.37
N LEU D 310 3.18 -2.06 -45.94
CA LEU D 310 3.16 -3.45 -46.40
C LEU D 310 2.87 -3.52 -47.90
N ASP D 311 1.92 -2.71 -48.37
CA ASP D 311 1.62 -2.70 -49.79
C ASP D 311 2.87 -2.37 -50.61
N GLN D 312 3.59 -1.31 -50.22
CA GLN D 312 4.74 -0.89 -51.00
C GLN D 312 5.91 -1.86 -50.88
N VAL D 313 6.11 -2.47 -49.70
CA VAL D 313 7.17 -3.47 -49.57
C VAL D 313 6.88 -4.66 -50.47
N GLU D 314 5.64 -5.12 -50.43
CA GLU D 314 5.21 -6.25 -51.24
C GLU D 314 5.39 -5.96 -52.73
N GLU D 315 5.06 -4.75 -53.16
CA GLU D 315 5.24 -4.39 -54.56
C GLU D 315 6.72 -4.26 -54.91
N LYS D 316 7.49 -3.60 -54.05
CA LYS D 316 8.90 -3.33 -54.35
C LYS D 316 9.68 -4.63 -54.50
N LEU D 317 9.50 -5.57 -53.57
CA LEU D 317 10.24 -6.82 -53.66
C LEU D 317 9.59 -7.80 -54.59
N GLY D 318 8.37 -7.53 -55.05
CA GLY D 318 7.57 -8.60 -55.57
C GLY D 318 7.49 -9.60 -54.43
N LEU D 319 6.44 -9.59 -53.67
CA LEU D 319 6.20 -10.70 -52.80
C LEU D 319 4.96 -11.41 -53.30
N ARG D 320 4.92 -12.71 -53.10
CA ARG D 320 3.65 -13.43 -53.21
C ARG D 320 2.60 -12.74 -52.34
N LYS D 321 1.40 -12.67 -52.89
CA LYS D 321 0.32 -11.91 -52.25
C LYS D 321 0.03 -12.42 -50.84
N ASP D 322 0.24 -13.71 -50.60
CA ASP D 322 -0.08 -14.32 -49.32
C ASP D 322 1.10 -14.35 -48.36
N LYS D 323 2.26 -13.81 -48.74
CA LYS D 323 3.40 -13.78 -47.82
C LYS D 323 3.05 -13.05 -46.53
N LEU D 324 2.36 -11.92 -46.65
CA LEU D 324 1.98 -11.11 -45.50
C LEU D 324 0.57 -11.43 -44.97
N LYS D 325 0.02 -12.60 -45.31
CA LYS D 325 -1.37 -12.90 -44.94
C LYS D 325 -1.56 -12.91 -43.43
N ALA D 326 -0.64 -13.54 -42.69
CA ALA D 326 -0.76 -13.57 -41.23
C ALA D 326 -0.65 -12.18 -40.63
N SER D 327 0.28 -11.37 -41.15
CA SER D 327 0.42 -10.02 -40.63
C SER D 327 -0.83 -9.21 -40.89
N ARG D 328 -1.39 -9.30 -42.11
CA ARG D 328 -2.62 -8.59 -42.40
C ARG D 328 -3.81 -9.17 -41.61
N HIS D 329 -3.79 -10.47 -41.30
CA HIS D 329 -4.91 -11.02 -40.54
C HIS D 329 -4.94 -10.47 -39.12
N VAL D 330 -3.79 -10.40 -38.46
CA VAL D 330 -3.75 -9.80 -37.13
C VAL D 330 -4.18 -8.35 -37.18
N MET D 331 -3.70 -7.60 -38.19
CA MET D 331 -4.15 -6.23 -38.37
C MET D 331 -5.66 -6.17 -38.55
N SER D 332 -6.23 -7.13 -39.28
CA SER D 332 -7.67 -7.13 -39.50
C SER D 332 -8.44 -7.37 -38.21
N GLU D 333 -7.97 -8.30 -37.38
CA GLU D 333 -8.73 -8.72 -36.22
C GLU D 333 -8.42 -7.90 -34.98
N PHE D 334 -7.33 -7.14 -34.97
CA PHE D 334 -6.94 -6.43 -33.75
C PHE D 334 -6.45 -5.02 -33.94
N GLY D 335 -6.24 -4.54 -35.17
CA GLY D 335 -5.66 -3.21 -35.37
C GLY D 335 -4.19 -3.11 -34.98
N ASN D 336 -3.69 -1.88 -34.99
CA ASN D 336 -2.29 -1.58 -34.68
C ASN D 336 -2.08 -1.54 -33.16
N MET D 337 -1.67 -2.69 -32.62
CA MET D 337 -1.31 -2.83 -31.21
C MET D 337 0.16 -2.52 -30.94
N SER D 338 0.78 -1.70 -31.79
CA SER D 338 2.16 -1.24 -31.66
C SER D 338 3.11 -2.44 -31.51
N SER D 339 3.91 -2.44 -30.44
CA SER D 339 4.92 -3.48 -30.28
C SER D 339 4.34 -4.88 -30.25
N ALA D 340 3.09 -5.04 -29.79
CA ALA D 340 2.53 -6.38 -29.63
C ALA D 340 2.19 -7.07 -30.95
N CYS D 341 1.95 -6.30 -32.03
CA CYS D 341 1.48 -6.90 -33.29
C CYS D 341 2.33 -8.07 -33.77
N VAL D 342 3.65 -7.88 -33.92
CA VAL D 342 4.44 -8.95 -34.50
C VAL D 342 4.39 -10.21 -33.65
N LEU D 343 4.16 -10.08 -32.34
CA LEU D 343 4.09 -11.24 -31.48
C LEU D 343 2.73 -11.94 -31.61
N PHE D 344 1.66 -11.16 -31.78
CA PHE D 344 0.39 -11.75 -32.19
C PHE D 344 0.54 -12.51 -33.49
N ILE D 345 1.34 -11.98 -34.42
CA ILE D 345 1.48 -12.60 -35.74
C ILE D 345 2.25 -13.91 -35.63
N LEU D 346 3.28 -13.95 -34.78
CA LEU D 346 3.96 -15.22 -34.53
C LEU D 346 3.00 -16.27 -33.99
N ASP D 347 2.08 -15.87 -33.10
CA ASP D 347 1.16 -16.82 -32.50
C ASP D 347 0.13 -17.29 -33.52
N GLU D 348 -0.40 -16.37 -34.31
CA GLU D 348 -1.33 -16.73 -35.38
C GLU D 348 -0.68 -17.69 -36.37
N MET D 349 0.54 -17.38 -36.82
CA MET D 349 1.21 -18.22 -37.80
C MET D 349 1.42 -19.64 -37.28
N ARG D 350 1.94 -19.79 -36.06
CA ARG D 350 2.22 -21.13 -35.54
C ARG D 350 0.95 -21.92 -35.31
N LYS D 351 -0.14 -21.24 -34.93
CA LYS D 351 -1.40 -21.94 -34.74
C LYS D 351 -2.01 -22.35 -36.08
N THR D 352 -1.92 -21.47 -37.09
CA THR D 352 -2.46 -21.80 -38.40
C THR D 352 -1.71 -22.97 -39.03
N CYS D 353 -0.38 -22.95 -38.93
CA CYS D 353 0.41 -24.04 -39.48
C CYS D 353 0.10 -25.37 -38.80
N LEU D 354 -0.14 -25.34 -37.48
CA LEU D 354 -0.54 -26.55 -36.78
C LEU D 354 -1.90 -27.04 -37.29
N GLU D 355 -2.88 -26.15 -37.35
CA GLU D 355 -4.24 -26.54 -37.75
C GLU D 355 -4.26 -27.02 -39.19
N GLU D 356 -3.63 -26.29 -40.09
CA GLU D 356 -3.63 -26.66 -41.50
C GLU D 356 -2.61 -27.74 -41.83
N GLY D 357 -1.84 -28.21 -40.84
CA GLY D 357 -0.95 -29.33 -41.05
C GLY D 357 0.28 -29.03 -41.87
N LYS D 358 0.79 -27.80 -41.80
CA LYS D 358 1.96 -27.45 -42.59
C LYS D 358 3.21 -28.10 -42.03
N ALA D 359 4.25 -28.13 -42.85
CA ALA D 359 5.48 -28.84 -42.47
C ALA D 359 6.16 -28.18 -41.28
N THR D 360 6.15 -26.84 -41.23
CA THR D 360 6.84 -26.09 -40.20
C THR D 360 5.93 -25.00 -39.65
N THR D 361 6.37 -24.39 -38.55
CA THR D 361 5.66 -23.26 -37.95
C THR D 361 5.81 -21.98 -38.77
N GLY D 362 6.63 -21.99 -39.80
CA GLY D 362 6.78 -20.87 -40.70
C GLY D 362 6.19 -21.17 -42.07
N GLU D 363 4.93 -21.58 -42.08
CA GLU D 363 4.15 -21.82 -43.29
C GLU D 363 4.82 -22.85 -44.19
N GLY D 364 5.51 -23.80 -43.57
CA GLY D 364 6.20 -24.85 -44.28
C GLY D 364 7.61 -24.54 -44.67
N LEU D 365 8.06 -23.29 -44.50
CA LEU D 365 9.39 -22.89 -44.88
C LEU D 365 10.32 -22.96 -43.67
N ASP D 366 11.62 -23.00 -43.96
CA ASP D 366 12.62 -23.20 -42.91
C ASP D 366 13.09 -21.89 -42.28
N TRP D 367 13.14 -20.82 -43.07
CA TRP D 367 13.74 -19.56 -42.65
C TRP D 367 12.72 -18.45 -42.78
N GLY D 368 12.80 -17.46 -41.90
CA GLY D 368 11.83 -16.39 -41.90
C GLY D 368 12.44 -15.08 -41.45
N VAL D 369 11.71 -14.01 -41.74
CA VAL D 369 12.12 -12.67 -41.32
C VAL D 369 10.97 -12.05 -40.53
N LEU D 370 11.32 -11.35 -39.47
CA LEU D 370 10.38 -10.56 -38.68
C LEU D 370 10.86 -9.11 -38.68
N PHE D 371 9.99 -8.20 -39.10
CA PHE D 371 10.33 -6.79 -39.21
C PHE D 371 9.57 -5.94 -38.20
N GLY D 372 10.30 -5.11 -37.46
CA GLY D 372 9.71 -4.01 -36.72
C GLY D 372 10.01 -2.69 -37.43
N PHE D 373 8.99 -1.83 -37.50
CA PHE D 373 9.08 -0.52 -38.12
C PHE D 373 8.65 0.55 -37.13
N GLY D 374 9.38 1.66 -37.08
CA GLY D 374 8.99 2.70 -36.15
C GLY D 374 9.82 3.96 -36.27
N PRO D 375 9.72 4.81 -35.24
CA PRO D 375 10.38 6.12 -35.27
C PRO D 375 11.88 6.00 -35.50
N GLY D 376 12.41 6.95 -36.26
CA GLY D 376 13.83 6.96 -36.58
C GLY D 376 14.16 7.61 -37.91
N LEU D 377 13.74 7.03 -39.04
CA LEU D 377 12.98 5.78 -39.10
C LEU D 377 13.87 4.57 -38.81
N THR D 378 13.32 3.63 -38.06
CA THR D 378 14.02 2.44 -37.62
C THR D 378 13.44 1.21 -38.29
N VAL D 379 14.29 0.33 -38.80
CA VAL D 379 13.90 -1.03 -39.17
C VAL D 379 14.64 -2.00 -38.27
N GLU D 380 13.88 -2.84 -37.56
CA GLU D 380 14.46 -3.96 -36.83
C GLU D 380 14.24 -5.21 -37.65
N THR D 381 15.31 -5.98 -37.87
CA THR D 381 15.28 -7.16 -38.73
C THR D 381 15.70 -8.38 -37.92
N VAL D 382 14.76 -9.30 -37.68
CA VAL D 382 15.05 -10.52 -36.94
C VAL D 382 15.00 -11.69 -37.91
N VAL D 383 16.06 -12.51 -37.92
CA VAL D 383 16.03 -13.74 -38.70
C VAL D 383 15.55 -14.88 -37.81
N LEU D 384 14.54 -15.61 -38.28
CA LEU D 384 13.95 -16.72 -37.55
C LEU D 384 14.15 -18.04 -38.29
N ARG D 385 14.27 -19.11 -37.52
CA ARG D 385 14.13 -20.46 -38.04
C ARG D 385 12.83 -21.02 -37.50
N SER D 386 12.05 -21.67 -38.36
CA SER D 386 10.84 -22.34 -37.92
C SER D 386 11.18 -23.69 -37.29
N VAL D 387 10.18 -24.37 -36.77
CA VAL D 387 10.38 -25.73 -36.27
C VAL D 387 9.44 -26.66 -37.02
N PRO D 388 9.85 -27.90 -37.31
CA PRO D 388 8.94 -28.86 -37.93
C PRO D 388 7.77 -29.17 -37.01
N ILE D 389 6.64 -29.52 -37.62
CA ILE D 389 5.42 -29.79 -36.86
C ILE D 389 5.14 -31.29 -36.80
#